data_2CQK
#
_entry.id   2CQK
#
_cell.length_a   1.000
_cell.length_b   1.000
_cell.length_c   1.000
_cell.angle_alpha   90.00
_cell.angle_beta   90.00
_cell.angle_gamma   90.00
#
_symmetry.space_group_name_H-M   'P 1'
#
_entity_poly.entity_id   1
_entity_poly.type   'polypeptide(L)'
_entity_poly.pdbx_seq_one_letter_code
;GSSGSSGAVSTEDLKECLKKQLEFCFSRENLSKDLYLISQMDSDQFIPIWTVANMEEIKKLTTDPDLILEVLRSSPMVQV
DEKGEKVRPSHKRCISGPSSG
;
_entity_poly.pdbx_strand_id   A
#
# COMPACT_ATOMS: atom_id res chain seq x y z
N GLY A 1 17.32 -26.96 5.63
CA GLY A 1 16.33 -25.94 5.33
C GLY A 1 16.77 -24.99 4.24
N SER A 2 16.72 -23.70 4.53
CA SER A 2 17.13 -22.68 3.56
C SER A 2 18.01 -21.63 4.22
N SER A 3 19.16 -21.37 3.60
CA SER A 3 20.11 -20.40 4.13
C SER A 3 19.37 -19.21 4.75
N GLY A 4 18.57 -18.53 3.93
CA GLY A 4 17.83 -17.39 4.41
C GLY A 4 16.35 -17.47 4.10
N SER A 5 15.83 -16.45 3.40
CA SER A 5 14.43 -16.42 3.03
C SER A 5 14.26 -16.06 1.56
N SER A 6 14.76 -14.88 1.20
CA SER A 6 14.66 -14.41 -0.18
C SER A 6 15.90 -14.82 -0.98
N GLY A 7 15.77 -14.79 -2.31
CA GLY A 7 16.88 -15.15 -3.16
C GLY A 7 17.45 -13.97 -3.92
N ALA A 8 17.65 -14.14 -5.22
CA ALA A 8 18.19 -13.08 -6.06
C ALA A 8 17.42 -11.78 -5.86
N VAL A 9 17.89 -10.72 -6.49
CA VAL A 9 17.25 -9.41 -6.38
C VAL A 9 16.88 -8.85 -7.75
N SER A 10 15.60 -8.90 -8.07
CA SER A 10 15.12 -8.40 -9.36
C SER A 10 13.92 -7.48 -9.17
N THR A 11 13.47 -6.87 -10.26
CA THR A 11 12.33 -5.95 -10.22
C THR A 11 11.10 -6.64 -9.67
N GLU A 12 11.00 -7.95 -9.89
CA GLU A 12 9.86 -8.73 -9.42
C GLU A 12 9.82 -8.76 -7.89
N ASP A 13 10.99 -8.94 -7.29
CA ASP A 13 11.09 -8.99 -5.83
C ASP A 13 10.85 -7.62 -5.22
N LEU A 14 11.32 -6.59 -5.90
CA LEU A 14 11.16 -5.21 -5.42
C LEU A 14 9.69 -4.80 -5.44
N LYS A 15 9.00 -5.12 -6.54
CA LYS A 15 7.60 -4.79 -6.68
C LYS A 15 6.75 -5.54 -5.66
N GLU A 16 7.05 -6.82 -5.49
CA GLU A 16 6.32 -7.65 -4.53
C GLU A 16 6.44 -7.09 -3.11
N CYS A 17 7.65 -6.70 -2.73
CA CYS A 17 7.91 -6.16 -1.41
C CYS A 17 7.08 -4.89 -1.18
N LEU A 18 7.06 -4.02 -2.19
CA LEU A 18 6.33 -2.76 -2.11
C LEU A 18 4.84 -3.02 -1.88
N LYS A 19 4.31 -4.02 -2.57
CA LYS A 19 2.89 -4.38 -2.44
C LYS A 19 2.58 -4.83 -1.01
N LYS A 20 3.49 -5.61 -0.43
CA LYS A 20 3.31 -6.11 0.93
C LYS A 20 3.36 -4.97 1.94
N GLN A 21 4.21 -3.99 1.68
CA GLN A 21 4.35 -2.84 2.57
C GLN A 21 3.05 -2.03 2.63
N LEU A 22 2.51 -1.71 1.45
CA LEU A 22 1.28 -0.94 1.37
C LEU A 22 0.10 -1.72 1.95
N GLU A 23 0.03 -3.00 1.61
CA GLU A 23 -1.04 -3.87 2.09
C GLU A 23 -0.95 -4.04 3.60
N PHE A 24 0.25 -4.30 4.09
CA PHE A 24 0.48 -4.49 5.52
C PHE A 24 0.27 -3.19 6.28
N CYS A 25 0.76 -2.09 5.72
CA CYS A 25 0.62 -0.78 6.35
C CYS A 25 -0.86 -0.39 6.46
N PHE A 26 -1.66 -0.84 5.51
CA PHE A 26 -3.09 -0.54 5.51
C PHE A 26 -3.88 -1.64 6.20
N SER A 27 -3.18 -2.66 6.68
CA SER A 27 -3.81 -3.79 7.34
C SER A 27 -4.57 -3.31 8.58
N ARG A 28 -5.55 -4.12 9.00
CA ARG A 28 -6.36 -3.78 10.17
C ARG A 28 -5.49 -3.70 11.43
N GLU A 29 -4.61 -4.69 11.60
CA GLU A 29 -3.72 -4.72 12.75
C GLU A 29 -2.69 -3.60 12.68
N ASN A 30 -2.12 -3.39 11.50
CA ASN A 30 -1.12 -2.36 11.30
C ASN A 30 -1.73 -0.97 11.49
N LEU A 31 -2.95 -0.80 11.01
CA LEU A 31 -3.66 0.47 11.12
C LEU A 31 -3.90 0.83 12.58
N SER A 32 -4.35 -0.15 13.36
CA SER A 32 -4.63 0.07 14.78
C SER A 32 -3.33 0.08 15.58
N LYS A 33 -2.26 -0.42 14.99
CA LYS A 33 -0.96 -0.46 15.64
C LYS A 33 -0.16 0.81 15.36
N ASP A 34 -0.39 1.39 14.20
CA ASP A 34 0.30 2.62 13.80
C ASP A 34 -0.50 3.84 14.21
N LEU A 35 -0.30 4.28 15.46
CA LEU A 35 -1.01 5.45 15.98
C LEU A 35 -0.76 6.66 15.09
N TYR A 36 0.42 6.73 14.50
CA TYR A 36 0.78 7.85 13.62
C TYR A 36 -0.06 7.83 12.34
N LEU A 37 -0.17 6.65 11.75
CA LEU A 37 -0.93 6.48 10.51
C LEU A 37 -2.38 6.92 10.71
N ILE A 38 -2.98 6.51 11.82
CA ILE A 38 -4.36 6.86 12.14
C ILE A 38 -4.50 8.36 12.35
N SER A 39 -3.51 8.96 12.99
CA SER A 39 -3.53 10.39 13.26
C SER A 39 -3.40 11.19 11.96
N GLN A 40 -2.75 10.59 10.96
CA GLN A 40 -2.56 11.24 9.68
C GLN A 40 -3.79 11.06 8.78
N MET A 41 -4.53 9.99 9.02
CA MET A 41 -5.73 9.69 8.24
C MET A 41 -6.61 10.94 8.12
N ASP A 42 -7.65 10.84 7.31
CA ASP A 42 -8.57 11.95 7.11
C ASP A 42 -9.89 11.70 7.83
N SER A 43 -10.85 12.61 7.64
CA SER A 43 -12.15 12.48 8.28
C SER A 43 -12.92 11.30 7.73
N ASP A 44 -12.80 11.08 6.42
CA ASP A 44 -13.49 9.97 5.76
C ASP A 44 -12.59 8.73 5.71
N GLN A 45 -11.76 8.56 6.72
CA GLN A 45 -10.85 7.42 6.80
C GLN A 45 -10.01 7.33 5.53
N PHE A 46 -9.39 8.45 5.16
CA PHE A 46 -8.55 8.49 3.96
C PHE A 46 -7.14 8.93 4.32
N ILE A 47 -6.15 8.27 3.73
CA ILE A 47 -4.75 8.59 3.98
C ILE A 47 -4.12 9.28 2.78
N PRO A 48 -3.32 10.32 3.05
CA PRO A 48 -2.63 11.09 2.00
C PRO A 48 -1.53 10.29 1.33
N ILE A 49 -1.52 10.31 0.00
CA ILE A 49 -0.52 9.58 -0.78
C ILE A 49 0.89 10.08 -0.45
N TRP A 50 1.00 11.36 -0.12
CA TRP A 50 2.29 11.96 0.21
C TRP A 50 2.91 11.26 1.42
N THR A 51 2.07 10.94 2.41
CA THR A 51 2.54 10.28 3.61
C THR A 51 3.14 8.91 3.30
N VAL A 52 2.46 8.15 2.45
CA VAL A 52 2.93 6.82 2.05
C VAL A 52 4.14 6.92 1.14
N ALA A 53 4.10 7.88 0.22
CA ALA A 53 5.20 8.07 -0.72
C ALA A 53 6.44 8.62 -0.02
N ASN A 54 6.24 9.18 1.19
CA ASN A 54 7.33 9.73 1.96
C ASN A 54 7.94 8.68 2.89
N MET A 55 7.21 7.58 3.07
CA MET A 55 7.69 6.50 3.93
C MET A 55 9.09 6.05 3.53
N GLU A 56 9.94 5.83 4.52
CA GLU A 56 11.32 5.40 4.27
C GLU A 56 11.34 4.09 3.49
N GLU A 57 10.60 3.10 3.98
CA GLU A 57 10.54 1.81 3.33
C GLU A 57 10.02 1.93 1.89
N ILE A 58 8.99 2.76 1.72
CA ILE A 58 8.40 2.98 0.40
C ILE A 58 9.34 3.77 -0.50
N LYS A 59 10.15 4.64 0.11
CA LYS A 59 11.10 5.45 -0.64
C LYS A 59 12.28 4.60 -1.12
N LYS A 60 12.74 3.70 -0.26
CA LYS A 60 13.86 2.83 -0.59
C LYS A 60 13.43 1.75 -1.60
N LEU A 61 12.16 1.37 -1.54
CA LEU A 61 11.62 0.36 -2.44
C LEU A 61 11.22 0.97 -3.77
N THR A 62 10.73 2.21 -3.73
CA THR A 62 10.31 2.90 -4.94
C THR A 62 10.36 4.42 -4.74
N THR A 63 10.83 5.14 -5.75
CA THR A 63 10.94 6.58 -5.69
C THR A 63 10.07 7.24 -6.76
N ASP A 64 9.14 6.47 -7.32
CA ASP A 64 8.25 6.98 -8.36
C ASP A 64 6.81 6.98 -7.87
N PRO A 65 6.12 8.13 -8.05
CA PRO A 65 4.72 8.28 -7.64
C PRO A 65 3.77 7.46 -8.50
N ASP A 66 4.02 7.43 -9.80
CA ASP A 66 3.19 6.67 -10.73
C ASP A 66 3.21 5.18 -10.40
N LEU A 67 4.40 4.67 -10.11
CA LEU A 67 4.57 3.26 -9.78
C LEU A 67 3.85 2.92 -8.48
N ILE A 68 4.05 3.75 -7.46
CA ILE A 68 3.41 3.54 -6.17
C ILE A 68 1.89 3.63 -6.28
N LEU A 69 1.41 4.65 -6.98
CA LEU A 69 -0.03 4.84 -7.16
C LEU A 69 -0.65 3.62 -7.84
N GLU A 70 0.04 3.08 -8.83
CA GLU A 70 -0.45 1.91 -9.55
C GLU A 70 -0.56 0.70 -8.63
N VAL A 71 0.43 0.54 -7.76
CA VAL A 71 0.43 -0.59 -6.81
C VAL A 71 -0.76 -0.50 -5.86
N LEU A 72 -1.01 0.70 -5.35
CA LEU A 72 -2.12 0.91 -4.42
C LEU A 72 -3.46 0.68 -5.11
N ARG A 73 -3.63 1.30 -6.28
CA ARG A 73 -4.86 1.16 -7.04
C ARG A 73 -4.98 -0.23 -7.64
N SER A 74 -3.84 -0.88 -7.84
CA SER A 74 -3.81 -2.22 -8.41
C SER A 74 -4.23 -3.27 -7.37
N SER A 75 -4.00 -2.96 -6.10
CA SER A 75 -4.34 -3.87 -5.02
C SER A 75 -5.70 -3.52 -4.43
N PRO A 76 -6.49 -4.55 -4.09
CA PRO A 76 -7.82 -4.38 -3.51
C PRO A 76 -7.77 -3.81 -2.09
N MET A 77 -6.96 -4.43 -1.24
CA MET A 77 -6.82 -3.99 0.14
C MET A 77 -6.90 -2.47 0.23
N VAL A 78 -6.40 -1.79 -0.80
CA VAL A 78 -6.42 -0.33 -0.83
C VAL A 78 -7.05 0.17 -2.13
N GLN A 79 -7.46 1.44 -2.11
CA GLN A 79 -8.08 2.05 -3.29
C GLN A 79 -7.68 3.52 -3.41
N VAL A 80 -7.14 3.89 -4.57
CA VAL A 80 -6.72 5.26 -4.80
C VAL A 80 -7.75 6.01 -5.63
N ASP A 81 -8.17 7.17 -5.13
CA ASP A 81 -9.16 8.00 -5.83
C ASP A 81 -8.84 8.10 -7.31
N GLU A 82 -9.86 7.94 -8.15
CA GLU A 82 -9.69 8.00 -9.59
C GLU A 82 -8.64 9.05 -9.96
N LYS A 83 -8.72 10.21 -9.33
CA LYS A 83 -7.78 11.29 -9.60
C LYS A 83 -6.39 10.94 -9.09
N GLY A 84 -6.33 10.44 -7.85
CA GLY A 84 -5.05 10.08 -7.26
C GLY A 84 -4.55 11.11 -6.27
N GLU A 85 -5.31 11.32 -5.20
CA GLU A 85 -4.94 12.29 -4.18
C GLU A 85 -5.04 11.67 -2.78
N LYS A 86 -5.98 10.75 -2.62
CA LYS A 86 -6.18 10.08 -1.34
C LYS A 86 -6.47 8.60 -1.54
N VAL A 87 -6.02 7.77 -0.60
CA VAL A 87 -6.23 6.34 -0.67
C VAL A 87 -6.78 5.80 0.64
N ARG A 88 -7.73 4.87 0.54
CA ARG A 88 -8.34 4.27 1.72
C ARG A 88 -8.37 2.76 1.62
N PRO A 89 -8.19 2.07 2.76
CA PRO A 89 -8.19 0.61 2.82
C PRO A 89 -9.56 0.02 2.56
N SER A 90 -9.70 -0.72 1.47
CA SER A 90 -10.97 -1.35 1.11
C SER A 90 -11.61 -2.00 2.34
N HIS A 91 -12.52 -1.29 2.97
CA HIS A 91 -13.21 -1.81 4.15
C HIS A 91 -14.43 -2.65 3.75
N LYS A 92 -14.27 -3.42 2.68
CA LYS A 92 -15.34 -4.28 2.20
C LYS A 92 -14.79 -5.50 1.48
N ARG A 93 -15.22 -6.68 1.92
CA ARG A 93 -14.77 -7.93 1.32
C ARG A 93 -15.44 -8.17 -0.02
N CYS A 94 -14.64 -8.22 -1.08
CA CYS A 94 -15.16 -8.44 -2.43
C CYS A 94 -15.11 -9.93 -2.79
N ILE A 95 -14.04 -10.60 -2.39
CA ILE A 95 -13.88 -12.01 -2.67
C ILE A 95 -14.29 -12.87 -1.47
N SER A 96 -14.60 -14.13 -1.73
CA SER A 96 -15.01 -15.05 -0.67
C SER A 96 -13.78 -15.72 -0.04
N GLY A 97 -12.93 -16.28 -0.88
CA GLY A 97 -11.73 -16.95 -0.39
C GLY A 97 -10.83 -17.43 -1.51
N PRO A 98 -11.12 -18.63 -2.04
CA PRO A 98 -10.34 -19.22 -3.13
C PRO A 98 -10.53 -18.48 -4.45
N SER A 99 -11.41 -17.48 -4.44
CA SER A 99 -11.68 -16.70 -5.64
C SER A 99 -10.94 -15.37 -5.61
N SER A 100 -10.10 -15.14 -6.62
CA SER A 100 -9.33 -13.90 -6.69
C SER A 100 -8.78 -13.70 -8.11
N GLY A 101 -9.29 -12.68 -8.78
CA GLY A 101 -8.84 -12.39 -10.13
C GLY A 101 -9.32 -13.44 -11.13
N GLY A 1 0.37 -15.17 8.19
CA GLY A 1 1.23 -15.45 7.06
C GLY A 1 2.67 -15.01 7.28
N SER A 2 3.60 -15.62 6.55
CA SER A 2 5.01 -15.29 6.68
C SER A 2 5.79 -15.77 5.46
N SER A 3 6.76 -14.96 5.03
CA SER A 3 7.58 -15.29 3.87
C SER A 3 8.67 -14.26 3.67
N GLY A 4 9.59 -14.55 2.74
CA GLY A 4 10.68 -13.65 2.46
C GLY A 4 11.55 -14.12 1.31
N SER A 5 12.46 -13.25 0.87
CA SER A 5 13.35 -13.59 -0.23
C SER A 5 14.64 -12.77 -0.15
N SER A 6 15.76 -13.43 -0.46
CA SER A 6 17.06 -12.78 -0.41
C SER A 6 17.90 -13.14 -1.63
N GLY A 7 18.04 -12.20 -2.55
CA GLY A 7 18.82 -12.44 -3.75
C GLY A 7 18.66 -11.33 -4.78
N ALA A 8 18.95 -11.64 -6.03
CA ALA A 8 18.85 -10.66 -7.11
C ALA A 8 17.67 -9.71 -6.87
N VAL A 9 17.89 -8.43 -7.10
CA VAL A 9 16.85 -7.42 -6.92
C VAL A 9 16.22 -7.04 -8.26
N SER A 10 15.05 -7.60 -8.54
CA SER A 10 14.35 -7.31 -9.78
C SER A 10 13.09 -6.51 -9.52
N THR A 11 12.39 -6.13 -10.59
CA THR A 11 11.16 -5.35 -10.48
C THR A 11 10.07 -6.14 -9.78
N GLU A 12 10.02 -7.44 -10.06
CA GLU A 12 9.01 -8.31 -9.45
C GLU A 12 9.18 -8.34 -7.93
N ASP A 13 10.42 -8.36 -7.47
CA ASP A 13 10.71 -8.38 -6.04
C ASP A 13 10.40 -7.04 -5.40
N LEU A 14 10.79 -5.97 -6.07
CA LEU A 14 10.56 -4.62 -5.57
C LEU A 14 9.06 -4.31 -5.50
N LYS A 15 8.35 -4.64 -6.57
CA LYS A 15 6.91 -4.41 -6.64
C LYS A 15 6.18 -5.21 -5.57
N GLU A 16 6.56 -6.48 -5.42
CA GLU A 16 5.94 -7.35 -4.44
C GLU A 16 6.13 -6.81 -3.03
N CYS A 17 7.32 -6.26 -2.77
CA CYS A 17 7.65 -5.71 -1.46
C CYS A 17 6.81 -4.46 -1.18
N LEU A 18 6.82 -3.54 -2.14
CA LEU A 18 6.06 -2.29 -2.00
C LEU A 18 4.57 -2.57 -1.82
N LYS A 19 4.07 -3.53 -2.57
CA LYS A 19 2.66 -3.91 -2.50
C LYS A 19 2.31 -4.43 -1.11
N LYS A 20 3.19 -5.24 -0.54
CA LYS A 20 2.97 -5.80 0.79
C LYS A 20 3.02 -4.71 1.85
N GLN A 21 3.87 -3.71 1.64
CA GLN A 21 4.01 -2.61 2.59
C GLN A 21 2.73 -1.78 2.64
N LEU A 22 2.21 -1.43 1.47
CA LEU A 22 0.99 -0.64 1.39
C LEU A 22 -0.20 -1.40 1.97
N GLU A 23 -0.31 -2.67 1.58
CA GLU A 23 -1.41 -3.51 2.06
C GLU A 23 -1.28 -3.77 3.55
N PHE A 24 -0.07 -4.11 4.00
CA PHE A 24 0.17 -4.38 5.40
C PHE A 24 0.01 -3.11 6.23
N CYS A 25 0.48 -1.99 5.70
CA CYS A 25 0.38 -0.71 6.39
C CYS A 25 -1.07 -0.28 6.56
N PHE A 26 -1.90 -0.63 5.58
CA PHE A 26 -3.31 -0.29 5.60
C PHE A 26 -4.13 -1.37 6.29
N SER A 27 -3.43 -2.41 6.76
CA SER A 27 -4.10 -3.52 7.43
C SER A 27 -4.81 -3.04 8.70
N ARG A 28 -5.85 -3.78 9.11
CA ARG A 28 -6.61 -3.43 10.29
C ARG A 28 -5.73 -3.45 11.53
N GLU A 29 -4.92 -4.51 11.66
CA GLU A 29 -4.03 -4.65 12.80
C GLU A 29 -2.89 -3.63 12.73
N ASN A 30 -2.34 -3.45 11.53
CA ASN A 30 -1.25 -2.51 11.33
C ASN A 30 -1.69 -1.08 11.62
N LEU A 31 -2.89 -0.73 11.17
CA LEU A 31 -3.44 0.61 11.39
C LEU A 31 -3.66 0.86 12.87
N SER A 32 -4.26 -0.12 13.55
CA SER A 32 -4.54 0.01 14.98
C SER A 32 -3.25 0.15 15.77
N LYS A 33 -2.20 -0.52 15.30
CA LYS A 33 -0.90 -0.47 15.98
C LYS A 33 -0.13 0.78 15.57
N ASP A 34 -0.40 1.27 14.38
CA ASP A 34 0.28 2.46 13.87
C ASP A 34 -0.49 3.73 14.27
N LEU A 35 -0.20 4.22 15.47
CA LEU A 35 -0.86 5.42 15.98
C LEU A 35 -0.58 6.61 15.07
N TYR A 36 0.61 6.63 14.47
CA TYR A 36 1.00 7.72 13.59
C TYR A 36 0.15 7.72 12.32
N LEU A 37 -0.01 6.54 11.72
CA LEU A 37 -0.80 6.41 10.50
C LEU A 37 -2.25 6.85 10.74
N ILE A 38 -2.80 6.46 11.88
CA ILE A 38 -4.17 6.81 12.23
C ILE A 38 -4.30 8.32 12.45
N SER A 39 -3.27 8.92 13.03
CA SER A 39 -3.27 10.36 13.31
C SER A 39 -3.21 11.15 12.01
N GLN A 40 -2.57 10.58 11.00
CA GLN A 40 -2.44 11.24 9.70
C GLN A 40 -3.67 11.01 8.84
N MET A 41 -4.37 9.90 9.10
CA MET A 41 -5.56 9.56 8.35
C MET A 41 -6.50 10.76 8.24
N ASP A 42 -7.54 10.62 7.41
CA ASP A 42 -8.50 11.69 7.21
C ASP A 42 -9.83 11.36 7.88
N SER A 43 -10.83 12.22 7.68
CA SER A 43 -12.14 12.02 8.28
C SER A 43 -12.79 10.76 7.73
N ASP A 44 -12.61 10.53 6.43
CA ASP A 44 -13.18 9.35 5.79
C ASP A 44 -12.17 8.21 5.74
N GLN A 45 -11.29 8.16 6.74
CA GLN A 45 -10.27 7.12 6.81
C GLN A 45 -9.42 7.10 5.54
N PHE A 46 -9.02 8.28 5.08
CA PHE A 46 -8.21 8.40 3.88
C PHE A 46 -6.80 8.88 4.22
N ILE A 47 -5.80 8.29 3.57
CA ILE A 47 -4.42 8.66 3.80
C ILE A 47 -3.81 9.31 2.57
N PRO A 48 -3.05 10.40 2.79
CA PRO A 48 -2.39 11.13 1.71
C PRO A 48 -1.25 10.35 1.08
N ILE A 49 -1.14 10.42 -0.24
CA ILE A 49 -0.08 9.72 -0.96
C ILE A 49 1.29 10.27 -0.61
N TRP A 50 1.34 11.56 -0.29
CA TRP A 50 2.59 12.21 0.07
C TRP A 50 3.21 11.55 1.30
N THR A 51 2.36 11.23 2.29
CA THR A 51 2.83 10.60 3.52
C THR A 51 3.41 9.23 3.24
N VAL A 52 2.73 8.46 2.39
CA VAL A 52 3.18 7.11 2.04
C VAL A 52 4.41 7.17 1.14
N ALA A 53 4.44 8.15 0.24
CA ALA A 53 5.56 8.31 -0.67
C ALA A 53 6.80 8.83 0.05
N ASN A 54 6.58 9.49 1.18
CA ASN A 54 7.68 10.04 1.97
C ASN A 54 8.26 8.98 2.90
N MET A 55 7.47 7.95 3.19
CA MET A 55 7.90 6.87 4.06
C MET A 55 9.31 6.39 3.68
N GLU A 56 10.16 6.20 4.68
CA GLU A 56 11.52 5.75 4.43
C GLU A 56 11.53 4.39 3.74
N GLU A 57 10.79 3.44 4.29
CA GLU A 57 10.71 2.10 3.72
C GLU A 57 10.14 2.15 2.31
N ILE A 58 9.08 2.92 2.14
CA ILE A 58 8.44 3.05 0.82
C ILE A 58 9.39 3.66 -0.19
N LYS A 59 10.22 4.59 0.26
CA LYS A 59 11.18 5.24 -0.62
C LYS A 59 12.29 4.28 -1.03
N LYS A 60 12.82 3.54 -0.06
CA LYS A 60 13.88 2.58 -0.33
C LYS A 60 13.39 1.47 -1.26
N LEU A 61 12.09 1.20 -1.22
CA LEU A 61 11.50 0.17 -2.06
C LEU A 61 11.01 0.75 -3.38
N THR A 62 10.54 2.00 -3.33
CA THR A 62 10.04 2.68 -4.51
C THR A 62 10.13 4.20 -4.36
N THR A 63 10.67 4.86 -5.38
CA THR A 63 10.81 6.30 -5.36
C THR A 63 10.13 6.94 -6.56
N ASP A 64 8.95 6.43 -6.91
CA ASP A 64 8.19 6.95 -8.04
C ASP A 64 6.71 7.08 -7.69
N PRO A 65 6.09 8.19 -8.09
CA PRO A 65 4.67 8.45 -7.83
C PRO A 65 3.76 7.54 -8.65
N ASP A 66 4.07 7.39 -9.93
CA ASP A 66 3.28 6.54 -10.81
C ASP A 66 3.38 5.08 -10.40
N LEU A 67 4.57 4.67 -9.98
CA LEU A 67 4.81 3.29 -9.55
C LEU A 67 3.96 2.96 -8.32
N ILE A 68 4.00 3.84 -7.33
CA ILE A 68 3.23 3.64 -6.10
C ILE A 68 1.73 3.60 -6.39
N LEU A 69 1.25 4.57 -7.14
CA LEU A 69 -0.17 4.64 -7.49
C LEU A 69 -0.63 3.37 -8.18
N GLU A 70 0.23 2.82 -9.05
CA GLU A 70 -0.09 1.60 -9.76
C GLU A 70 -0.24 0.42 -8.81
N VAL A 71 0.66 0.36 -7.82
CA VAL A 71 0.63 -0.72 -6.84
C VAL A 71 -0.64 -0.66 -5.99
N LEU A 72 -0.97 0.55 -5.51
CA LEU A 72 -2.16 0.73 -4.69
C LEU A 72 -3.42 0.36 -5.47
N ARG A 73 -3.54 0.87 -6.68
CA ARG A 73 -4.69 0.60 -7.53
C ARG A 73 -4.69 -0.86 -8.00
N SER A 74 -3.50 -1.46 -8.01
CA SER A 74 -3.35 -2.85 -8.44
C SER A 74 -3.77 -3.81 -7.33
N SER A 75 -3.64 -3.37 -6.09
CA SER A 75 -4.01 -4.20 -4.94
C SER A 75 -5.44 -3.90 -4.50
N PRO A 76 -6.21 -4.97 -4.24
CA PRO A 76 -7.60 -4.86 -3.80
C PRO A 76 -7.72 -4.31 -2.38
N MET A 77 -6.96 -4.90 -1.46
CA MET A 77 -6.98 -4.46 -0.08
C MET A 77 -7.07 -2.94 0.02
N VAL A 78 -6.55 -2.26 -0.98
CA VAL A 78 -6.57 -0.80 -1.01
C VAL A 78 -7.16 -0.29 -2.32
N GLN A 79 -7.60 0.97 -2.31
CA GLN A 79 -8.19 1.58 -3.50
C GLN A 79 -7.81 3.05 -3.59
N VAL A 80 -7.31 3.47 -4.75
CA VAL A 80 -6.92 4.86 -4.96
C VAL A 80 -8.02 5.63 -5.70
N ASP A 81 -8.34 6.81 -5.18
CA ASP A 81 -9.36 7.66 -5.78
C ASP A 81 -9.15 7.79 -7.28
N GLU A 82 -10.21 8.14 -8.00
CA GLU A 82 -10.13 8.30 -9.45
C GLU A 82 -9.16 9.43 -9.82
N LYS A 83 -9.04 10.41 -8.93
CA LYS A 83 -8.15 11.54 -9.15
C LYS A 83 -6.70 11.15 -8.90
N GLY A 84 -6.45 10.46 -7.80
CA GLY A 84 -5.11 10.03 -7.46
C GLY A 84 -4.43 10.98 -6.49
N GLU A 85 -5.09 11.22 -5.35
CA GLU A 85 -4.55 12.10 -4.33
C GLU A 85 -4.55 11.42 -2.96
N LYS A 86 -5.56 10.59 -2.72
CA LYS A 86 -5.67 9.88 -1.46
C LYS A 86 -6.07 8.42 -1.69
N VAL A 87 -5.66 7.55 -0.79
CA VAL A 87 -5.97 6.13 -0.89
C VAL A 87 -6.59 5.61 0.40
N ARG A 88 -7.59 4.75 0.26
CA ARG A 88 -8.27 4.17 1.41
C ARG A 88 -8.32 2.65 1.31
N PRO A 89 -8.26 1.98 2.48
CA PRO A 89 -8.30 0.52 2.55
C PRO A 89 -9.66 -0.05 2.19
N SER A 90 -9.75 -0.66 1.00
CA SER A 90 -11.01 -1.23 0.54
C SER A 90 -11.49 -2.33 1.49
N HIS A 91 -12.57 -2.04 2.20
CA HIS A 91 -13.12 -3.01 3.15
C HIS A 91 -13.20 -4.39 2.53
N LYS A 92 -13.42 -4.44 1.22
CA LYS A 92 -13.51 -5.70 0.50
C LYS A 92 -12.15 -6.17 0.03
N ARG A 93 -11.78 -7.40 0.39
CA ARG A 93 -10.49 -7.95 0.00
C ARG A 93 -10.67 -9.10 -1.00
N CYS A 94 -9.57 -9.57 -1.54
CA CYS A 94 -9.60 -10.67 -2.52
C CYS A 94 -9.54 -12.03 -1.81
N ILE A 95 -9.87 -13.08 -2.54
CA ILE A 95 -9.84 -14.43 -1.99
C ILE A 95 -8.42 -14.95 -1.86
N SER A 96 -7.79 -14.64 -0.74
CA SER A 96 -6.42 -15.07 -0.49
C SER A 96 -6.14 -15.19 1.01
N GLY A 97 -5.65 -16.36 1.43
CA GLY A 97 -5.36 -16.58 2.82
C GLY A 97 -3.87 -16.78 3.08
N PRO A 98 -3.37 -17.98 2.78
CA PRO A 98 -1.95 -18.32 2.96
C PRO A 98 -1.04 -17.57 2.00
N SER A 99 0.18 -17.32 2.43
CA SER A 99 1.16 -16.60 1.61
C SER A 99 2.31 -17.52 1.21
N SER A 100 2.58 -17.60 -0.08
CA SER A 100 3.66 -18.45 -0.59
C SER A 100 3.65 -19.80 0.10
N GLY A 101 2.47 -20.36 0.29
CA GLY A 101 2.35 -21.65 0.94
C GLY A 101 1.61 -22.67 0.09
N GLY A 1 7.25 3.93 -21.21
CA GLY A 1 6.87 3.16 -20.04
C GLY A 1 7.67 1.88 -19.91
N SER A 2 8.08 1.56 -18.69
CA SER A 2 8.85 0.35 -18.43
C SER A 2 8.06 -0.64 -17.58
N SER A 3 7.48 -1.63 -18.23
CA SER A 3 6.68 -2.65 -17.54
C SER A 3 6.68 -3.96 -18.31
N GLY A 4 6.39 -5.05 -17.61
CA GLY A 4 6.36 -6.36 -18.25
C GLY A 4 6.46 -7.49 -17.26
N SER A 5 5.92 -8.65 -17.63
CA SER A 5 5.95 -9.82 -16.75
C SER A 5 6.80 -10.93 -17.36
N SER A 6 7.26 -10.71 -18.58
CA SER A 6 8.07 -11.69 -19.29
C SER A 6 9.40 -11.08 -19.73
N GLY A 7 10.36 -11.05 -18.81
CA GLY A 7 11.67 -10.48 -19.12
C GLY A 7 12.63 -10.57 -17.97
N ALA A 8 12.47 -9.69 -16.99
CA ALA A 8 13.33 -9.68 -15.82
C ALA A 8 12.61 -10.22 -14.59
N VAL A 9 13.33 -10.32 -13.48
CA VAL A 9 12.76 -10.83 -12.24
C VAL A 9 12.92 -9.83 -11.10
N SER A 10 14.10 -9.20 -11.04
CA SER A 10 14.38 -8.22 -10.01
C SER A 10 13.19 -7.30 -9.79
N THR A 11 12.61 -6.81 -10.88
CA THR A 11 11.46 -5.92 -10.81
C THR A 11 10.30 -6.58 -10.09
N GLU A 12 10.09 -7.86 -10.37
CA GLU A 12 9.00 -8.61 -9.75
C GLU A 12 9.17 -8.66 -8.23
N ASP A 13 10.40 -8.88 -7.78
CA ASP A 13 10.69 -8.95 -6.36
C ASP A 13 10.50 -7.59 -5.70
N LEU A 14 11.03 -6.55 -6.34
CA LEU A 14 10.90 -5.19 -5.81
C LEU A 14 9.44 -4.75 -5.75
N LYS A 15 8.71 -5.03 -6.82
CA LYS A 15 7.30 -4.67 -6.90
C LYS A 15 6.49 -5.42 -5.84
N GLU A 16 6.76 -6.73 -5.71
CA GLU A 16 6.06 -7.56 -4.73
C GLU A 16 6.28 -7.04 -3.31
N CYS A 17 7.51 -6.61 -3.03
CA CYS A 17 7.86 -6.10 -1.71
C CYS A 17 7.04 -4.85 -1.39
N LEU A 18 7.04 -3.90 -2.32
CA LEU A 18 6.30 -2.66 -2.13
C LEU A 18 4.81 -2.93 -1.93
N LYS A 19 4.27 -3.87 -2.70
CA LYS A 19 2.86 -4.22 -2.61
C LYS A 19 2.54 -4.80 -1.23
N LYS A 20 3.44 -5.63 -0.71
CA LYS A 20 3.25 -6.24 0.60
C LYS A 20 3.30 -5.19 1.70
N GLN A 21 4.16 -4.19 1.52
CA GLN A 21 4.30 -3.12 2.50
C GLN A 21 3.04 -2.27 2.58
N LEU A 22 2.54 -1.85 1.41
CA LEU A 22 1.34 -1.03 1.35
C LEU A 22 0.13 -1.81 1.84
N GLU A 23 0.01 -3.06 1.42
CA GLU A 23 -1.10 -3.92 1.82
C GLU A 23 -1.06 -4.20 3.32
N PHE A 24 0.13 -4.54 3.82
CA PHE A 24 0.31 -4.82 5.24
C PHE A 24 0.16 -3.56 6.08
N CYS A 25 0.68 -2.45 5.57
CA CYS A 25 0.61 -1.18 6.28
C CYS A 25 -0.84 -0.70 6.36
N PHE A 26 -1.64 -1.05 5.36
CA PHE A 26 -3.04 -0.65 5.33
C PHE A 26 -3.92 -1.69 6.02
N SER A 27 -3.30 -2.74 6.52
CA SER A 27 -4.02 -3.81 7.21
C SER A 27 -4.65 -3.30 8.50
N ARG A 28 -5.69 -3.98 8.96
CA ARG A 28 -6.37 -3.60 10.20
C ARG A 28 -5.42 -3.65 11.39
N GLU A 29 -4.52 -4.62 11.38
CA GLU A 29 -3.56 -4.78 12.46
C GLU A 29 -2.54 -3.64 12.45
N ASN A 30 -2.05 -3.31 11.27
CA ASN A 30 -1.07 -2.23 11.11
C ASN A 30 -1.71 -0.87 11.35
N LEU A 31 -2.96 -0.73 10.91
CA LEU A 31 -3.68 0.52 11.06
C LEU A 31 -3.92 0.83 12.54
N SER A 32 -4.21 -0.20 13.32
CA SER A 32 -4.46 -0.04 14.75
C SER A 32 -3.15 0.07 15.51
N LYS A 33 -2.10 -0.53 14.97
CA LYS A 33 -0.78 -0.50 15.59
C LYS A 33 0.02 0.73 15.13
N ASP A 34 -0.46 1.37 14.07
CA ASP A 34 0.20 2.54 13.54
C ASP A 34 -0.52 3.82 13.96
N LEU A 35 -0.28 4.25 15.19
CA LEU A 35 -0.91 5.46 15.71
C LEU A 35 -0.59 6.67 14.84
N TYR A 36 0.61 6.68 14.26
CA TYR A 36 1.03 7.77 13.41
C TYR A 36 0.16 7.85 12.15
N LEU A 37 -0.06 6.71 11.52
CA LEU A 37 -0.88 6.64 10.31
C LEU A 37 -2.29 7.14 10.59
N ILE A 38 -2.86 6.70 11.71
CA ILE A 38 -4.21 7.10 12.09
C ILE A 38 -4.28 8.59 12.38
N SER A 39 -3.22 9.12 12.98
CA SER A 39 -3.15 10.54 13.32
C SER A 39 -3.08 11.39 12.06
N GLN A 40 -2.49 10.85 11.01
CA GLN A 40 -2.37 11.56 9.74
C GLN A 40 -3.65 11.46 8.92
N MET A 41 -4.40 10.38 9.14
CA MET A 41 -5.64 10.15 8.42
C MET A 41 -6.57 11.36 8.54
N ASP A 42 -7.53 11.47 7.62
CA ASP A 42 -8.46 12.57 7.62
C ASP A 42 -9.84 12.13 8.12
N SER A 43 -10.76 13.08 8.22
CA SER A 43 -12.12 12.78 8.68
C SER A 43 -12.76 11.71 7.81
N ASP A 44 -12.32 11.62 6.57
CA ASP A 44 -12.87 10.65 5.63
C ASP A 44 -12.05 9.35 5.66
N GLN A 45 -11.41 9.10 6.80
CA GLN A 45 -10.59 7.90 6.97
C GLN A 45 -9.70 7.68 5.74
N PHE A 46 -9.36 8.76 5.06
CA PHE A 46 -8.52 8.68 3.88
C PHE A 46 -7.09 9.14 4.18
N ILE A 47 -6.12 8.41 3.66
CA ILE A 47 -4.71 8.74 3.87
C ILE A 47 -4.11 9.40 2.64
N PRO A 48 -3.29 10.44 2.87
CA PRO A 48 -2.63 11.18 1.78
C PRO A 48 -1.54 10.35 1.10
N ILE A 49 -1.53 10.41 -0.23
CA ILE A 49 -0.54 9.66 -1.00
C ILE A 49 0.88 10.15 -0.70
N TRP A 50 1.01 11.43 -0.40
CA TRP A 50 2.30 12.02 -0.08
C TRP A 50 2.93 11.34 1.14
N THR A 51 2.08 11.01 2.11
CA THR A 51 2.55 10.36 3.33
C THR A 51 3.10 8.97 3.04
N VAL A 52 2.38 8.21 2.22
CA VAL A 52 2.80 6.87 1.86
C VAL A 52 4.10 6.89 1.07
N ALA A 53 4.18 7.79 0.10
CA ALA A 53 5.38 7.93 -0.73
C ALA A 53 6.54 8.53 0.07
N ASN A 54 6.20 9.23 1.15
CA ASN A 54 7.21 9.86 1.99
C ASN A 54 7.77 8.86 3.00
N MET A 55 7.06 7.77 3.20
CA MET A 55 7.49 6.74 4.14
C MET A 55 8.94 6.34 3.88
N GLU A 56 9.71 6.22 4.96
CA GLU A 56 11.11 5.84 4.85
C GLU A 56 11.27 4.50 4.14
N GLU A 57 10.51 3.51 4.59
CA GLU A 57 10.57 2.18 4.00
C GLU A 57 10.10 2.21 2.55
N ILE A 58 8.98 2.90 2.29
CA ILE A 58 8.44 3.01 0.96
C ILE A 58 9.42 3.69 0.02
N LYS A 59 10.16 4.66 0.54
CA LYS A 59 11.15 5.39 -0.25
C LYS A 59 12.33 4.50 -0.62
N LYS A 60 12.76 3.68 0.34
CA LYS A 60 13.88 2.78 0.12
C LYS A 60 13.52 1.70 -0.90
N LEU A 61 12.24 1.35 -0.96
CA LEU A 61 11.76 0.33 -1.90
C LEU A 61 11.41 0.96 -3.23
N THR A 62 10.83 2.17 -3.19
CA THR A 62 10.44 2.88 -4.40
C THR A 62 10.32 4.37 -4.15
N THR A 63 10.93 5.16 -5.03
CA THR A 63 10.90 6.61 -4.90
C THR A 63 10.16 7.26 -6.07
N ASP A 64 9.21 6.52 -6.64
CA ASP A 64 8.43 7.01 -7.77
C ASP A 64 6.94 7.04 -7.43
N PRO A 65 6.29 8.16 -7.74
CA PRO A 65 4.86 8.35 -7.48
C PRO A 65 3.98 7.47 -8.37
N ASP A 66 4.34 7.39 -9.65
CA ASP A 66 3.59 6.58 -10.60
C ASP A 66 3.62 5.11 -10.21
N LEU A 67 4.81 4.64 -9.82
CA LEU A 67 4.98 3.24 -9.43
C LEU A 67 4.16 2.93 -8.17
N ILE A 68 4.25 3.81 -7.19
CA ILE A 68 3.52 3.64 -5.94
C ILE A 68 2.02 3.69 -6.17
N LEU A 69 1.58 4.64 -6.98
CA LEU A 69 0.16 4.80 -7.28
C LEU A 69 -0.39 3.55 -7.98
N GLU A 70 0.44 2.93 -8.81
CA GLU A 70 0.04 1.73 -9.54
C GLU A 70 -0.15 0.56 -8.58
N VAL A 71 0.77 0.41 -7.64
CA VAL A 71 0.70 -0.67 -6.65
C VAL A 71 -0.57 -0.57 -5.82
N LEU A 72 -0.89 0.64 -5.38
CA LEU A 72 -2.09 0.87 -4.58
C LEU A 72 -3.35 0.60 -5.38
N ARG A 73 -3.40 1.16 -6.59
CA ARG A 73 -4.56 0.97 -7.46
C ARG A 73 -4.62 -0.45 -7.99
N SER A 74 -3.48 -1.13 -7.99
CA SER A 74 -3.39 -2.51 -8.48
C SER A 74 -3.75 -3.50 -7.38
N SER A 75 -3.65 -3.05 -6.12
CA SER A 75 -3.97 -3.91 -4.98
C SER A 75 -5.39 -3.66 -4.51
N PRO A 76 -6.12 -4.74 -4.24
CA PRO A 76 -7.51 -4.67 -3.77
C PRO A 76 -7.61 -4.15 -2.34
N MET A 77 -6.83 -4.73 -1.44
CA MET A 77 -6.84 -4.32 -0.04
C MET A 77 -6.92 -2.81 0.08
N VAL A 78 -6.45 -2.10 -0.95
CA VAL A 78 -6.48 -0.64 -0.96
C VAL A 78 -7.11 -0.12 -2.25
N GLN A 79 -7.62 1.11 -2.19
CA GLN A 79 -8.26 1.73 -3.34
C GLN A 79 -7.98 3.22 -3.37
N VAL A 80 -7.43 3.70 -4.48
CA VAL A 80 -7.12 5.12 -4.64
C VAL A 80 -8.23 5.84 -5.39
N ASP A 81 -8.62 7.00 -4.86
CA ASP A 81 -9.68 7.80 -5.47
C ASP A 81 -9.52 7.83 -6.99
N GLU A 82 -10.65 7.81 -7.69
CA GLU A 82 -10.65 7.83 -9.16
C GLU A 82 -9.63 8.84 -9.68
N LYS A 83 -9.54 9.98 -9.01
CA LYS A 83 -8.61 11.03 -9.41
C LYS A 83 -7.17 10.63 -9.09
N GLY A 84 -6.97 10.08 -7.89
CA GLY A 84 -5.63 9.66 -7.48
C GLY A 84 -4.97 10.66 -6.55
N GLU A 85 -5.71 11.08 -5.53
CA GLU A 85 -5.18 12.05 -4.56
C GLU A 85 -5.16 11.44 -3.16
N LYS A 86 -6.09 10.53 -2.89
CA LYS A 86 -6.17 9.88 -1.60
C LYS A 86 -6.49 8.39 -1.75
N VAL A 87 -6.01 7.58 -0.81
CA VAL A 87 -6.24 6.14 -0.85
C VAL A 87 -6.75 5.64 0.51
N ARG A 88 -7.64 4.65 0.46
CA ARG A 88 -8.21 4.08 1.68
C ARG A 88 -8.31 2.57 1.57
N PRO A 89 -8.11 1.87 2.71
CA PRO A 89 -8.18 0.41 2.77
C PRO A 89 -9.59 -0.11 2.57
N SER A 90 -9.83 -0.78 1.44
CA SER A 90 -11.14 -1.33 1.13
C SER A 90 -11.36 -2.65 1.86
N HIS A 91 -12.24 -2.64 2.85
CA HIS A 91 -12.55 -3.84 3.62
C HIS A 91 -13.67 -4.64 2.98
N LYS A 92 -13.71 -4.62 1.64
CA LYS A 92 -14.74 -5.34 0.91
C LYS A 92 -16.13 -4.86 1.30
N ARG A 93 -16.27 -3.55 1.48
CA ARG A 93 -17.56 -2.97 1.86
C ARG A 93 -18.42 -2.71 0.63
N CYS A 94 -18.37 -3.63 -0.32
CA CYS A 94 -19.15 -3.50 -1.55
C CYS A 94 -19.82 -4.83 -1.90
N ILE A 95 -21.05 -4.74 -2.42
CA ILE A 95 -21.80 -5.93 -2.80
C ILE A 95 -21.62 -6.24 -4.28
N SER A 96 -20.71 -7.18 -4.57
CA SER A 96 -20.43 -7.56 -5.95
C SER A 96 -20.35 -6.34 -6.86
N GLY A 97 -19.59 -5.34 -6.42
CA GLY A 97 -19.44 -4.12 -7.21
C GLY A 97 -20.65 -3.21 -7.10
N PRO A 98 -20.76 -2.26 -8.04
CA PRO A 98 -21.88 -1.31 -8.07
C PRO A 98 -23.20 -1.98 -8.45
N SER A 99 -23.12 -3.01 -9.27
CA SER A 99 -24.32 -3.73 -9.71
C SER A 99 -25.24 -4.01 -8.52
N SER A 100 -26.55 -3.94 -8.78
CA SER A 100 -27.54 -4.19 -7.74
C SER A 100 -28.32 -5.47 -8.02
N GLY A 101 -28.37 -6.35 -7.02
CA GLY A 101 -29.09 -7.60 -7.19
C GLY A 101 -28.18 -8.75 -7.56
N GLY A 1 27.28 -18.90 10.20
CA GLY A 1 28.02 -18.56 9.00
C GLY A 1 27.47 -17.33 8.30
N SER A 2 26.79 -17.54 7.17
CA SER A 2 26.22 -16.44 6.41
C SER A 2 24.79 -16.76 5.97
N SER A 3 23.85 -15.94 6.42
CA SER A 3 22.44 -16.13 6.07
C SER A 3 21.99 -15.10 5.05
N GLY A 4 20.84 -15.35 4.44
CA GLY A 4 20.31 -14.43 3.45
C GLY A 4 20.91 -14.65 2.08
N SER A 5 21.01 -13.57 1.31
CA SER A 5 21.58 -13.65 -0.04
C SER A 5 22.50 -12.48 -0.30
N SER A 6 23.68 -12.77 -0.85
CA SER A 6 24.66 -11.73 -1.15
C SER A 6 24.60 -11.34 -2.62
N GLY A 7 23.96 -10.22 -2.91
CA GLY A 7 23.84 -9.75 -4.27
C GLY A 7 22.96 -8.53 -4.40
N ALA A 8 22.18 -8.46 -5.47
CA ALA A 8 21.27 -7.34 -5.69
C ALA A 8 19.84 -7.82 -5.90
N VAL A 9 18.92 -6.86 -6.02
CA VAL A 9 17.51 -7.18 -6.22
C VAL A 9 17.02 -6.66 -7.56
N SER A 10 15.86 -7.17 -8.01
CA SER A 10 15.29 -6.75 -9.27
C SER A 10 13.96 -6.06 -9.05
N THR A 11 13.40 -5.51 -10.13
CA THR A 11 12.12 -4.81 -10.06
C THR A 11 11.03 -5.72 -9.52
N GLU A 12 11.13 -7.01 -9.82
CA GLU A 12 10.15 -7.98 -9.36
C GLU A 12 10.10 -8.04 -7.83
N ASP A 13 11.28 -8.02 -7.22
CA ASP A 13 11.38 -8.07 -5.76
C ASP A 13 10.94 -6.75 -5.14
N LEU A 14 11.20 -5.66 -5.85
CA LEU A 14 10.82 -4.32 -5.36
C LEU A 14 9.31 -4.13 -5.42
N LYS A 15 8.72 -4.51 -6.56
CA LYS A 15 7.28 -4.37 -6.74
C LYS A 15 6.51 -5.22 -5.74
N GLU A 16 6.96 -6.46 -5.55
CA GLU A 16 6.33 -7.38 -4.62
C GLU A 16 6.48 -6.87 -3.18
N CYS A 17 7.67 -6.40 -2.85
CA CYS A 17 7.95 -5.90 -1.51
C CYS A 17 7.07 -4.69 -1.19
N LEU A 18 7.02 -3.74 -2.13
CA LEU A 18 6.23 -2.54 -1.95
C LEU A 18 4.75 -2.88 -1.76
N LYS A 19 4.28 -3.86 -2.51
CA LYS A 19 2.89 -4.29 -2.43
C LYS A 19 2.57 -4.83 -1.04
N LYS A 20 3.49 -5.61 -0.49
CA LYS A 20 3.31 -6.19 0.84
C LYS A 20 3.33 -5.11 1.91
N GLN A 21 4.15 -4.08 1.70
CA GLN A 21 4.26 -2.97 2.65
C GLN A 21 2.98 -2.17 2.69
N LEU A 22 2.46 -1.81 1.52
CA LEU A 22 1.24 -1.03 1.43
C LEU A 22 0.04 -1.82 1.96
N GLU A 23 -0.03 -3.10 1.57
CA GLU A 23 -1.12 -3.96 2.02
C GLU A 23 -1.03 -4.21 3.52
N PHE A 24 0.17 -4.52 4.00
CA PHE A 24 0.38 -4.79 5.42
C PHE A 24 0.14 -3.54 6.24
N CYS A 25 0.72 -2.43 5.81
CA CYS A 25 0.57 -1.15 6.52
C CYS A 25 -0.89 -0.77 6.64
N PHE A 26 -1.66 -1.03 5.59
CA PHE A 26 -3.08 -0.70 5.57
C PHE A 26 -3.89 -1.81 6.24
N SER A 27 -3.20 -2.84 6.72
CA SER A 27 -3.86 -3.97 7.36
C SER A 27 -4.62 -3.51 8.61
N ARG A 28 -5.65 -4.26 8.97
CA ARG A 28 -6.46 -3.93 10.14
C ARG A 28 -5.59 -3.89 11.40
N GLU A 29 -4.74 -4.90 11.57
CA GLU A 29 -3.87 -4.97 12.72
C GLU A 29 -2.78 -3.90 12.65
N ASN A 30 -2.19 -3.75 11.47
CA ASN A 30 -1.13 -2.76 11.26
C ASN A 30 -1.65 -1.35 11.51
N LEU A 31 -2.87 -1.09 11.08
CA LEU A 31 -3.49 0.21 11.25
C LEU A 31 -3.74 0.52 12.71
N SER A 32 -4.28 -0.47 13.44
CA SER A 32 -4.57 -0.31 14.85
C SER A 32 -3.28 -0.17 15.65
N LYS A 33 -2.18 -0.70 15.12
CA LYS A 33 -0.89 -0.64 15.79
C LYS A 33 -0.12 0.61 15.35
N ASP A 34 -0.40 1.07 14.13
CA ASP A 34 0.27 2.26 13.60
C ASP A 34 -0.50 3.53 13.97
N LEU A 35 -0.37 3.95 15.21
CA LEU A 35 -1.06 5.15 15.69
C LEU A 35 -0.71 6.35 14.83
N TYR A 36 0.50 6.36 14.28
CA TYR A 36 0.95 7.45 13.44
C TYR A 36 0.15 7.52 12.15
N LEU A 37 -0.03 6.36 11.51
CA LEU A 37 -0.79 6.28 10.27
C LEU A 37 -2.23 6.74 10.48
N ILE A 38 -2.82 6.32 11.59
CA ILE A 38 -4.19 6.70 11.90
C ILE A 38 -4.32 8.19 12.16
N SER A 39 -3.31 8.75 12.81
CA SER A 39 -3.30 10.18 13.12
C SER A 39 -3.12 11.01 11.85
N GLN A 40 -2.45 10.43 10.86
CA GLN A 40 -2.22 11.12 9.60
C GLN A 40 -3.44 11.01 8.68
N MET A 41 -4.22 9.96 8.87
CA MET A 41 -5.41 9.74 8.05
C MET A 41 -6.25 11.01 7.98
N ASP A 42 -7.30 10.98 7.16
CA ASP A 42 -8.18 12.13 7.00
C ASP A 42 -9.52 11.88 7.68
N SER A 43 -10.44 12.84 7.52
CA SER A 43 -11.76 12.74 8.12
C SER A 43 -12.54 11.56 7.53
N ASP A 44 -12.40 11.38 6.22
CA ASP A 44 -13.10 10.29 5.53
C ASP A 44 -12.21 9.04 5.47
N GLN A 45 -11.41 8.84 6.51
CA GLN A 45 -10.52 7.69 6.57
C GLN A 45 -9.66 7.61 5.32
N PHE A 46 -9.13 8.75 4.89
CA PHE A 46 -8.28 8.80 3.70
C PHE A 46 -6.86 9.24 4.06
N ILE A 47 -5.88 8.60 3.45
CA ILE A 47 -4.49 8.92 3.70
C ILE A 47 -3.85 9.62 2.50
N PRO A 48 -3.05 10.66 2.77
CA PRO A 48 -2.37 11.42 1.72
C PRO A 48 -1.25 10.63 1.06
N ILE A 49 -1.18 10.71 -0.26
CA ILE A 49 -0.16 10.00 -1.03
C ILE A 49 1.24 10.49 -0.65
N TRP A 50 1.34 11.77 -0.31
CA TRP A 50 2.61 12.36 0.07
C TRP A 50 3.20 11.66 1.29
N THR A 51 2.34 11.36 2.25
CA THR A 51 2.76 10.69 3.47
C THR A 51 3.35 9.31 3.18
N VAL A 52 2.68 8.57 2.30
CA VAL A 52 3.13 7.23 1.93
C VAL A 52 4.39 7.30 1.07
N ALA A 53 4.46 8.30 0.21
CA ALA A 53 5.61 8.48 -0.67
C ALA A 53 6.84 8.94 0.12
N ASN A 54 6.60 9.56 1.27
CA ASN A 54 7.68 10.03 2.12
C ASN A 54 8.20 8.93 3.03
N MET A 55 7.45 7.84 3.11
CA MET A 55 7.84 6.70 3.94
C MET A 55 9.21 6.17 3.54
N GLU A 56 10.09 6.02 4.51
CA GLU A 56 11.44 5.53 4.26
C GLU A 56 11.40 4.19 3.54
N GLU A 57 10.54 3.29 4.02
CA GLU A 57 10.41 1.97 3.43
C GLU A 57 9.90 2.07 1.98
N ILE A 58 8.88 2.90 1.78
CA ILE A 58 8.31 3.09 0.46
C ILE A 58 9.29 3.78 -0.48
N LYS A 59 10.12 4.65 0.08
CA LYS A 59 11.10 5.38 -0.71
C LYS A 59 12.27 4.46 -1.11
N LYS A 60 12.69 3.62 -0.17
CA LYS A 60 13.79 2.69 -0.42
C LYS A 60 13.36 1.58 -1.36
N LEU A 61 12.06 1.31 -1.39
CA LEU A 61 11.51 0.26 -2.25
C LEU A 61 11.02 0.85 -3.57
N THR A 62 10.60 2.11 -3.54
CA THR A 62 10.12 2.78 -4.73
C THR A 62 10.26 4.30 -4.60
N THR A 63 10.77 4.94 -5.64
CA THR A 63 10.94 6.39 -5.64
C THR A 63 10.10 7.05 -6.73
N ASP A 64 8.92 6.48 -6.97
CA ASP A 64 8.01 7.03 -7.97
C ASP A 64 6.59 7.07 -7.45
N PRO A 65 5.90 8.20 -7.68
CA PRO A 65 4.51 8.38 -7.24
C PRO A 65 3.53 7.51 -8.02
N ASP A 66 3.72 7.45 -9.33
CA ASP A 66 2.85 6.64 -10.19
C ASP A 66 2.94 5.17 -9.82
N LEU A 67 4.15 4.70 -9.54
CA LEU A 67 4.38 3.31 -9.18
C LEU A 67 3.67 2.97 -7.88
N ILE A 68 3.83 3.83 -6.88
CA ILE A 68 3.19 3.62 -5.59
C ILE A 68 1.67 3.58 -5.71
N LEU A 69 1.11 4.60 -6.36
CA LEU A 69 -0.33 4.68 -6.55
C LEU A 69 -0.85 3.45 -7.31
N GLU A 70 -0.09 3.00 -8.30
CA GLU A 70 -0.47 1.84 -9.10
C GLU A 70 -0.64 0.61 -8.22
N VAL A 71 0.32 0.41 -7.31
CA VAL A 71 0.27 -0.73 -6.41
C VAL A 71 -0.97 -0.68 -5.52
N LEU A 72 -1.16 0.43 -4.85
CA LEU A 72 -2.30 0.61 -3.96
C LEU A 72 -3.61 0.48 -4.73
N ARG A 73 -3.69 1.15 -5.87
CA ARG A 73 -4.89 1.10 -6.71
C ARG A 73 -5.06 -0.28 -7.32
N SER A 74 -3.95 -0.96 -7.57
CA SER A 74 -3.98 -2.28 -8.17
C SER A 74 -4.40 -3.33 -7.15
N SER A 75 -4.22 -3.02 -5.87
CA SER A 75 -4.59 -3.94 -4.79
C SER A 75 -6.01 -3.67 -4.32
N PRO A 76 -6.77 -4.75 -4.09
CA PRO A 76 -8.15 -4.67 -3.63
C PRO A 76 -8.25 -4.17 -2.19
N MET A 77 -7.44 -4.75 -1.31
CA MET A 77 -7.44 -4.35 0.10
C MET A 77 -7.59 -2.84 0.24
N VAL A 78 -7.18 -2.10 -0.78
CA VAL A 78 -7.28 -0.65 -0.77
C VAL A 78 -7.77 -0.13 -2.11
N GLN A 79 -8.15 1.15 -2.14
CA GLN A 79 -8.63 1.78 -3.36
C GLN A 79 -8.12 3.21 -3.48
N VAL A 80 -7.61 3.56 -4.65
CA VAL A 80 -7.09 4.90 -4.90
C VAL A 80 -8.01 5.69 -5.81
N ASP A 81 -8.50 6.82 -5.31
CA ASP A 81 -9.40 7.67 -6.08
C ASP A 81 -8.95 7.75 -7.54
N GLU A 82 -9.91 7.60 -8.46
CA GLU A 82 -9.61 7.66 -9.88
C GLU A 82 -8.54 8.71 -10.17
N LYS A 83 -8.73 9.91 -9.62
CA LYS A 83 -7.79 11.00 -9.82
C LYS A 83 -6.39 10.60 -9.36
N GLY A 84 -6.30 10.07 -8.14
CA GLY A 84 -5.01 9.66 -7.61
C GLY A 84 -4.42 10.68 -6.66
N GLU A 85 -5.23 11.16 -5.72
CA GLU A 85 -4.78 12.15 -4.75
C GLU A 85 -4.77 11.57 -3.34
N LYS A 86 -5.73 10.70 -3.07
CA LYS A 86 -5.83 10.07 -1.75
C LYS A 86 -6.18 8.58 -1.89
N VAL A 87 -5.78 7.80 -0.89
CA VAL A 87 -6.05 6.36 -0.91
C VAL A 87 -6.60 5.90 0.45
N ARG A 88 -7.51 4.93 0.40
CA ARG A 88 -8.12 4.40 1.62
C ARG A 88 -8.41 2.91 1.47
N PRO A 89 -8.35 2.19 2.60
CA PRO A 89 -8.61 0.75 2.63
C PRO A 89 -10.07 0.41 2.37
N SER A 90 -10.31 -0.78 1.82
CA SER A 90 -11.67 -1.22 1.52
C SER A 90 -12.48 -1.38 2.79
N HIS A 91 -13.23 -0.33 3.15
CA HIS A 91 -14.06 -0.35 4.34
C HIS A 91 -14.88 -1.63 4.42
N LYS A 92 -15.25 -2.15 3.26
CA LYS A 92 -16.04 -3.38 3.19
C LYS A 92 -15.69 -4.19 1.94
N ARG A 93 -15.32 -5.45 2.15
CA ARG A 93 -14.95 -6.33 1.05
C ARG A 93 -15.72 -7.64 1.12
N CYS A 94 -16.89 -7.61 1.75
CA CYS A 94 -17.72 -8.79 1.89
C CYS A 94 -17.76 -9.58 0.59
N ILE A 95 -18.09 -8.90 -0.50
CA ILE A 95 -18.18 -9.55 -1.81
C ILE A 95 -17.10 -9.01 -2.74
N SER A 96 -16.29 -9.92 -3.28
CA SER A 96 -15.21 -9.55 -4.19
C SER A 96 -15.32 -10.32 -5.50
N GLY A 97 -16.53 -10.41 -6.04
CA GLY A 97 -16.73 -11.13 -7.28
C GLY A 97 -15.83 -12.35 -7.40
N PRO A 98 -16.17 -13.42 -6.67
CA PRO A 98 -15.41 -14.67 -6.70
C PRO A 98 -15.53 -15.41 -8.02
N SER A 99 -16.45 -14.96 -8.86
CA SER A 99 -16.68 -15.58 -10.16
C SER A 99 -15.62 -15.12 -11.17
N SER A 100 -14.59 -15.93 -11.35
CA SER A 100 -13.52 -15.60 -12.29
C SER A 100 -13.14 -16.83 -13.12
N GLY A 101 -12.45 -16.58 -14.23
CA GLY A 101 -12.04 -17.67 -15.10
C GLY A 101 -13.20 -18.50 -15.60
N GLY A 1 15.57 -23.18 1.46
CA GLY A 1 16.69 -23.51 0.61
C GLY A 1 17.82 -22.50 0.74
N SER A 2 18.49 -22.22 -0.38
CA SER A 2 19.60 -21.27 -0.39
C SER A 2 19.33 -20.13 -1.35
N SER A 3 18.67 -19.09 -0.86
CA SER A 3 18.33 -17.93 -1.69
C SER A 3 19.59 -17.26 -2.21
N GLY A 4 19.47 -16.55 -3.34
CA GLY A 4 20.60 -15.88 -3.93
C GLY A 4 21.26 -16.69 -5.02
N SER A 5 20.97 -16.34 -6.28
CA SER A 5 21.54 -17.05 -7.42
C SER A 5 21.80 -16.09 -8.58
N SER A 6 22.58 -16.55 -9.54
CA SER A 6 22.92 -15.73 -10.71
C SER A 6 21.69 -14.97 -11.21
N GLY A 7 21.93 -13.95 -12.04
CA GLY A 7 20.84 -13.17 -12.57
C GLY A 7 19.75 -12.91 -11.55
N ALA A 8 20.11 -12.28 -10.44
CA ALA A 8 19.16 -11.97 -9.38
C ALA A 8 18.36 -10.72 -9.71
N VAL A 9 17.07 -10.90 -9.97
CA VAL A 9 16.20 -9.78 -10.29
C VAL A 9 16.05 -8.83 -9.11
N SER A 10 15.76 -7.57 -9.40
CA SER A 10 15.60 -6.56 -8.36
C SER A 10 14.29 -5.79 -8.54
N THR A 11 13.99 -5.44 -9.78
CA THR A 11 12.78 -4.70 -10.09
C THR A 11 11.53 -5.48 -9.67
N GLU A 12 11.55 -6.79 -9.91
CA GLU A 12 10.44 -7.65 -9.55
C GLU A 12 10.31 -7.78 -8.03
N ASP A 13 11.45 -7.95 -7.37
CA ASP A 13 11.47 -8.09 -5.92
C ASP A 13 11.09 -6.77 -5.24
N LEU A 14 11.47 -5.66 -5.86
CA LEU A 14 11.17 -4.34 -5.32
C LEU A 14 9.68 -4.07 -5.35
N LYS A 15 9.04 -4.37 -6.47
CA LYS A 15 7.61 -4.16 -6.64
C LYS A 15 6.82 -5.03 -5.66
N GLU A 16 7.22 -6.30 -5.55
CA GLU A 16 6.54 -7.24 -4.66
C GLU A 16 6.62 -6.75 -3.21
N CYS A 17 7.81 -6.30 -2.81
CA CYS A 17 8.02 -5.82 -1.44
C CYS A 17 7.11 -4.63 -1.15
N LEU A 18 6.99 -3.73 -2.12
CA LEU A 18 6.15 -2.55 -1.96
C LEU A 18 4.70 -2.93 -1.70
N LYS A 19 4.22 -3.92 -2.45
CA LYS A 19 2.85 -4.39 -2.30
C LYS A 19 2.61 -4.97 -0.90
N LYS A 20 3.62 -5.68 -0.39
CA LYS A 20 3.53 -6.28 0.93
C LYS A 20 3.48 -5.21 2.02
N GLN A 21 4.25 -4.14 1.82
CA GLN A 21 4.30 -3.05 2.78
C GLN A 21 3.00 -2.26 2.77
N LEU A 22 2.48 -2.00 1.58
CA LEU A 22 1.22 -1.25 1.43
C LEU A 22 0.06 -2.02 2.02
N GLU A 23 0.01 -3.33 1.75
CA GLU A 23 -1.05 -4.18 2.25
C GLU A 23 -0.99 -4.29 3.77
N PHE A 24 0.21 -4.52 4.29
CA PHE A 24 0.41 -4.65 5.73
C PHE A 24 0.22 -3.31 6.42
N CYS A 25 0.67 -2.23 5.77
CA CYS A 25 0.55 -0.90 6.33
C CYS A 25 -0.91 -0.46 6.40
N PHE A 26 -1.71 -0.94 5.46
CA PHE A 26 -3.13 -0.60 5.40
C PHE A 26 -3.97 -1.66 6.11
N SER A 27 -3.29 -2.63 6.71
CA SER A 27 -3.98 -3.71 7.42
C SER A 27 -4.76 -3.16 8.61
N ARG A 28 -5.81 -3.88 8.99
CA ARG A 28 -6.64 -3.46 10.12
C ARG A 28 -5.83 -3.42 11.41
N GLU A 29 -5.04 -4.46 11.64
CA GLU A 29 -4.22 -4.54 12.84
C GLU A 29 -3.07 -3.53 12.79
N ASN A 30 -2.43 -3.44 11.62
CA ASN A 30 -1.32 -2.51 11.43
C ASN A 30 -1.78 -1.06 11.58
N LEU A 31 -2.93 -0.76 10.99
CA LEU A 31 -3.48 0.59 11.06
C LEU A 31 -3.79 0.98 12.50
N SER A 32 -4.41 0.07 13.24
CA SER A 32 -4.77 0.31 14.63
C SER A 32 -3.51 0.46 15.49
N LYS A 33 -2.47 -0.29 15.15
CA LYS A 33 -1.21 -0.23 15.89
C LYS A 33 -0.41 1.00 15.50
N ASP A 34 -0.51 1.41 14.24
CA ASP A 34 0.19 2.59 13.75
C ASP A 34 -0.55 3.87 14.12
N LEU A 35 -0.41 4.28 15.38
CA LEU A 35 -1.07 5.49 15.85
C LEU A 35 -0.74 6.68 14.96
N TYR A 36 0.46 6.67 14.39
CA TYR A 36 0.90 7.75 13.51
C TYR A 36 0.07 7.78 12.23
N LEU A 37 -0.10 6.62 11.63
CA LEU A 37 -0.88 6.50 10.40
C LEU A 37 -2.31 6.99 10.61
N ILE A 38 -2.90 6.62 11.74
CA ILE A 38 -4.26 7.02 12.06
C ILE A 38 -4.36 8.52 12.24
N SER A 39 -3.35 9.12 12.86
CA SER A 39 -3.32 10.56 13.09
C SER A 39 -3.18 11.32 11.78
N GLN A 40 -2.53 10.68 10.80
CA GLN A 40 -2.33 11.30 9.49
C GLN A 40 -3.56 11.13 8.61
N MET A 41 -4.34 10.10 8.89
CA MET A 41 -5.55 9.82 8.11
C MET A 41 -6.39 11.08 7.94
N ASP A 42 -7.50 10.96 7.22
CA ASP A 42 -8.38 12.09 6.99
C ASP A 42 -9.72 11.89 7.69
N SER A 43 -10.64 12.82 7.48
CA SER A 43 -11.97 12.74 8.09
C SER A 43 -12.73 11.53 7.57
N ASP A 44 -12.65 11.32 6.26
CA ASP A 44 -13.34 10.20 5.62
C ASP A 44 -12.46 8.96 5.61
N GLN A 45 -11.62 8.83 6.63
CA GLN A 45 -10.72 7.68 6.74
C GLN A 45 -9.85 7.56 5.49
N PHE A 46 -9.25 8.67 5.08
CA PHE A 46 -8.40 8.68 3.90
C PHE A 46 -6.96 9.07 4.26
N ILE A 47 -6.00 8.37 3.69
CA ILE A 47 -4.59 8.65 3.96
C ILE A 47 -3.93 9.34 2.76
N PRO A 48 -3.12 10.37 3.05
CA PRO A 48 -2.42 11.12 2.01
C PRO A 48 -1.31 10.31 1.35
N ILE A 49 -1.22 10.39 0.03
CA ILE A 49 -0.21 9.65 -0.72
C ILE A 49 1.19 10.17 -0.39
N TRP A 50 1.29 11.46 -0.12
CA TRP A 50 2.57 12.08 0.22
C TRP A 50 3.18 11.43 1.46
N THR A 51 2.33 11.06 2.41
CA THR A 51 2.78 10.44 3.64
C THR A 51 3.42 9.08 3.36
N VAL A 52 2.79 8.31 2.49
CA VAL A 52 3.30 6.99 2.13
C VAL A 52 4.48 7.10 1.17
N ALA A 53 4.44 8.09 0.29
CA ALA A 53 5.51 8.31 -0.68
C ALA A 53 6.80 8.69 0.02
N ASN A 54 6.69 9.35 1.17
CA ASN A 54 7.85 9.78 1.93
C ASN A 54 8.40 8.63 2.77
N MET A 55 7.53 7.69 3.12
CA MET A 55 7.93 6.54 3.92
C MET A 55 9.29 6.01 3.49
N GLU A 56 10.17 5.78 4.46
CA GLU A 56 11.50 5.27 4.17
C GLU A 56 11.44 3.95 3.42
N GLU A 57 10.66 3.02 3.94
CA GLU A 57 10.51 1.70 3.32
C GLU A 57 9.94 1.84 1.90
N ILE A 58 9.03 2.78 1.72
CA ILE A 58 8.41 3.00 0.42
C ILE A 58 9.39 3.68 -0.54
N LYS A 59 10.25 4.52 0.00
CA LYS A 59 11.24 5.23 -0.81
C LYS A 59 12.35 4.28 -1.25
N LYS A 60 12.79 3.42 -0.35
CA LYS A 60 13.85 2.46 -0.66
C LYS A 60 13.32 1.36 -1.59
N LEU A 61 12.04 1.07 -1.49
CA LEU A 61 11.42 0.04 -2.32
C LEU A 61 10.91 0.63 -3.63
N THR A 62 10.43 1.88 -3.56
CA THR A 62 9.92 2.56 -4.74
C THR A 62 10.23 4.05 -4.69
N THR A 63 10.75 4.57 -5.80
CA THR A 63 11.09 5.99 -5.89
C THR A 63 10.30 6.69 -7.00
N ASP A 64 9.03 6.32 -7.12
CA ASP A 64 8.17 6.91 -8.14
C ASP A 64 6.72 6.99 -7.65
N PRO A 65 6.07 8.11 -7.94
CA PRO A 65 4.67 8.33 -7.54
C PRO A 65 3.69 7.45 -8.32
N ASP A 66 3.89 7.37 -9.62
CA ASP A 66 3.04 6.55 -10.48
C ASP A 66 3.14 5.07 -10.10
N LEU A 67 4.36 4.63 -9.77
CA LEU A 67 4.59 3.24 -9.40
C LEU A 67 3.83 2.89 -8.12
N ILE A 68 3.92 3.76 -7.12
CA ILE A 68 3.24 3.55 -5.85
C ILE A 68 1.74 3.53 -6.03
N LEU A 69 1.22 4.50 -6.78
CA LEU A 69 -0.22 4.59 -7.04
C LEU A 69 -0.71 3.37 -7.81
N GLU A 70 0.12 2.87 -8.71
CA GLU A 70 -0.24 1.70 -9.51
C GLU A 70 -0.39 0.47 -8.63
N VAL A 71 0.54 0.28 -7.70
CA VAL A 71 0.51 -0.86 -6.79
C VAL A 71 -0.75 -0.84 -5.94
N LEU A 72 -1.03 0.31 -5.33
CA LEU A 72 -2.20 0.47 -4.48
C LEU A 72 -3.49 0.34 -5.29
N ARG A 73 -3.50 0.98 -6.45
CA ARG A 73 -4.68 0.94 -7.33
C ARG A 73 -4.82 -0.43 -7.98
N SER A 74 -3.71 -1.14 -8.09
CA SER A 74 -3.70 -2.47 -8.69
C SER A 74 -4.17 -3.52 -7.70
N SER A 75 -4.01 -3.22 -6.40
CA SER A 75 -4.40 -4.15 -5.35
C SER A 75 -5.82 -3.85 -4.86
N PRO A 76 -6.65 -4.91 -4.76
CA PRO A 76 -8.03 -4.77 -4.31
C PRO A 76 -8.13 -4.42 -2.82
N MET A 77 -7.28 -5.05 -2.02
CA MET A 77 -7.27 -4.80 -0.57
C MET A 77 -7.43 -3.30 -0.29
N VAL A 78 -6.98 -2.48 -1.22
CA VAL A 78 -7.07 -1.03 -1.06
C VAL A 78 -7.61 -0.37 -2.32
N GLN A 79 -8.02 0.89 -2.20
CA GLN A 79 -8.56 1.63 -3.34
C GLN A 79 -7.97 3.03 -3.40
N VAL A 80 -7.52 3.43 -4.58
CA VAL A 80 -6.92 4.74 -4.78
C VAL A 80 -7.96 5.74 -5.29
N ASP A 81 -8.12 6.83 -4.56
CA ASP A 81 -9.08 7.86 -4.93
C ASP A 81 -9.09 8.07 -6.45
N GLU A 82 -10.29 8.26 -7.00
CA GLU A 82 -10.44 8.47 -8.44
C GLU A 82 -9.32 9.36 -8.98
N LYS A 83 -9.36 10.63 -8.62
CA LYS A 83 -8.35 11.59 -9.07
C LYS A 83 -6.95 11.06 -8.80
N GLY A 84 -6.74 10.51 -7.61
CA GLY A 84 -5.45 9.97 -7.25
C GLY A 84 -4.71 10.86 -6.27
N GLU A 85 -5.43 11.40 -5.29
CA GLU A 85 -4.83 12.28 -4.29
C GLU A 85 -4.85 11.63 -2.91
N LYS A 86 -5.82 10.74 -2.70
CA LYS A 86 -5.96 10.04 -1.43
C LYS A 86 -6.30 8.57 -1.65
N VAL A 87 -5.94 7.74 -0.67
CA VAL A 87 -6.21 6.31 -0.77
C VAL A 87 -6.77 5.77 0.55
N ARG A 88 -7.74 4.87 0.46
CA ARG A 88 -8.35 4.28 1.65
C ARG A 88 -8.50 2.77 1.48
N PRO A 89 -8.32 2.04 2.59
CA PRO A 89 -8.43 0.58 2.60
C PRO A 89 -9.87 0.10 2.41
N SER A 90 -10.15 -0.45 1.23
CA SER A 90 -11.48 -0.94 0.92
C SER A 90 -11.84 -2.15 1.79
N HIS A 91 -12.77 -1.94 2.71
CA HIS A 91 -13.21 -3.01 3.60
C HIS A 91 -14.37 -3.79 3.00
N LYS A 92 -14.52 -3.71 1.68
CA LYS A 92 -15.58 -4.40 0.98
C LYS A 92 -15.33 -5.91 0.93
N ARG A 93 -14.10 -6.27 0.54
CA ARG A 93 -13.72 -7.68 0.45
C ARG A 93 -14.64 -8.43 -0.52
N CYS A 94 -14.88 -7.82 -1.67
CA CYS A 94 -15.75 -8.43 -2.68
C CYS A 94 -14.99 -8.60 -3.99
N ILE A 95 -14.77 -9.86 -4.37
CA ILE A 95 -14.05 -10.16 -5.61
C ILE A 95 -14.97 -10.84 -6.62
N SER A 96 -14.68 -10.64 -7.91
CA SER A 96 -15.48 -11.23 -8.97
C SER A 96 -14.64 -11.41 -10.24
N GLY A 97 -14.29 -12.65 -10.54
CA GLY A 97 -13.49 -12.92 -11.72
C GLY A 97 -14.22 -12.57 -13.01
N PRO A 98 -13.48 -12.04 -13.99
CA PRO A 98 -14.05 -11.65 -15.28
C PRO A 98 -14.47 -12.86 -16.12
N SER A 99 -14.93 -12.59 -17.34
CA SER A 99 -15.36 -13.65 -18.23
C SER A 99 -14.26 -14.03 -19.22
N SER A 100 -13.68 -13.01 -19.86
CA SER A 100 -12.61 -13.23 -20.83
C SER A 100 -11.56 -12.12 -20.74
N GLY A 101 -10.40 -12.47 -20.20
CA GLY A 101 -9.32 -11.50 -20.07
C GLY A 101 -7.98 -12.15 -19.82
N GLY A 1 15.79 -14.82 12.41
CA GLY A 1 15.29 -13.53 11.99
C GLY A 1 15.52 -13.28 10.50
N SER A 2 16.64 -12.65 10.17
CA SER A 2 16.97 -12.34 8.79
C SER A 2 16.87 -13.60 7.92
N SER A 3 16.74 -13.40 6.61
CA SER A 3 16.64 -14.52 5.68
C SER A 3 17.79 -14.50 4.68
N GLY A 4 18.05 -13.32 4.12
CA GLY A 4 19.13 -13.19 3.15
C GLY A 4 18.73 -12.35 1.95
N SER A 5 19.54 -12.40 0.91
CA SER A 5 19.27 -11.62 -0.30
C SER A 5 18.37 -12.40 -1.26
N SER A 6 17.11 -12.01 -1.33
CA SER A 6 16.15 -12.68 -2.21
C SER A 6 16.67 -12.76 -3.63
N GLY A 7 17.28 -13.89 -3.97
CA GLY A 7 17.83 -14.06 -5.31
C GLY A 7 18.43 -12.79 -5.86
N ALA A 8 18.11 -12.48 -7.12
CA ALA A 8 18.63 -11.29 -7.76
C ALA A 8 17.65 -10.13 -7.67
N VAL A 9 18.16 -8.91 -7.73
CA VAL A 9 17.32 -7.72 -7.66
C VAL A 9 16.61 -7.46 -8.99
N SER A 10 15.29 -7.32 -8.94
CA SER A 10 14.51 -7.06 -10.13
C SER A 10 13.18 -6.37 -9.78
N THR A 11 12.46 -5.94 -10.80
CA THR A 11 11.18 -5.26 -10.59
C THR A 11 10.20 -6.16 -9.86
N GLU A 12 10.33 -7.47 -10.04
CA GLU A 12 9.46 -8.43 -9.40
C GLU A 12 9.64 -8.40 -7.88
N ASP A 13 10.89 -8.29 -7.44
CA ASP A 13 11.20 -8.23 -6.02
C ASP A 13 10.78 -6.90 -5.41
N LEU A 14 10.90 -5.83 -6.20
CA LEU A 14 10.54 -4.50 -5.75
C LEU A 14 9.01 -4.34 -5.69
N LYS A 15 8.34 -4.87 -6.71
CA LYS A 15 6.88 -4.79 -6.79
C LYS A 15 6.24 -5.58 -5.65
N GLU A 16 6.80 -6.74 -5.34
CA GLU A 16 6.27 -7.59 -4.28
C GLU A 16 6.52 -6.95 -2.92
N CYS A 17 7.73 -6.44 -2.71
CA CYS A 17 8.09 -5.80 -1.45
C CYS A 17 7.22 -4.58 -1.19
N LEU A 18 7.07 -3.74 -2.21
CA LEU A 18 6.26 -2.53 -2.09
C LEU A 18 4.79 -2.87 -1.87
N LYS A 19 4.31 -3.88 -2.58
CA LYS A 19 2.93 -4.32 -2.47
C LYS A 19 2.63 -4.83 -1.06
N LYS A 20 3.59 -5.54 -0.48
CA LYS A 20 3.43 -6.08 0.86
C LYS A 20 3.38 -4.95 1.90
N GLN A 21 4.20 -3.93 1.69
CA GLN A 21 4.24 -2.79 2.61
C GLN A 21 2.93 -2.00 2.55
N LEU A 22 2.47 -1.71 1.34
CA LEU A 22 1.24 -0.96 1.14
C LEU A 22 0.03 -1.74 1.66
N GLU A 23 -0.02 -3.03 1.32
CA GLU A 23 -1.12 -3.88 1.76
C GLU A 23 -1.08 -4.09 3.27
N PHE A 24 0.10 -4.38 3.79
CA PHE A 24 0.28 -4.59 5.23
C PHE A 24 0.05 -3.31 6.00
N CYS A 25 0.53 -2.20 5.46
CA CYS A 25 0.38 -0.90 6.11
C CYS A 25 -1.10 -0.53 6.22
N PHE A 26 -1.88 -0.86 5.20
CA PHE A 26 -3.31 -0.55 5.19
C PHE A 26 -4.10 -1.66 5.88
N SER A 27 -3.38 -2.63 6.46
CA SER A 27 -4.02 -3.74 7.15
C SER A 27 -4.71 -3.26 8.42
N ARG A 28 -5.71 -4.03 8.87
CA ARG A 28 -6.45 -3.68 10.08
C ARG A 28 -5.52 -3.61 11.28
N GLU A 29 -4.62 -4.59 11.40
CA GLU A 29 -3.68 -4.64 12.50
C GLU A 29 -2.68 -3.48 12.43
N ASN A 30 -2.19 -3.22 11.21
CA ASN A 30 -1.22 -2.14 10.99
C ASN A 30 -1.86 -0.78 11.25
N LEU A 31 -3.12 -0.64 10.82
CA LEU A 31 -3.84 0.61 10.99
C LEU A 31 -4.02 0.93 12.47
N SER A 32 -4.38 -0.07 13.26
CA SER A 32 -4.59 0.11 14.69
C SER A 32 -3.25 0.04 15.44
N LYS A 33 -2.28 -0.62 14.83
CA LYS A 33 -0.96 -0.76 15.44
C LYS A 33 -0.07 0.44 15.10
N ASP A 34 -0.45 1.18 14.06
CA ASP A 34 0.31 2.34 13.62
C ASP A 34 -0.38 3.63 14.07
N LEU A 35 -0.13 4.04 15.30
CA LEU A 35 -0.72 5.25 15.85
C LEU A 35 -0.41 6.45 14.96
N TYR A 36 0.78 6.46 14.37
CA TYR A 36 1.19 7.54 13.49
C TYR A 36 0.28 7.65 12.26
N LEU A 37 0.02 6.51 11.65
CA LEU A 37 -0.84 6.46 10.46
C LEU A 37 -2.24 6.96 10.79
N ILE A 38 -2.75 6.56 11.95
CA ILE A 38 -4.08 6.98 12.37
C ILE A 38 -4.15 8.49 12.59
N SER A 39 -3.06 9.04 13.11
CA SER A 39 -3.00 10.49 13.37
C SER A 39 -2.94 11.27 12.06
N GLN A 40 -2.34 10.66 11.04
CA GLN A 40 -2.22 11.30 9.74
C GLN A 40 -3.49 11.12 8.92
N MET A 41 -4.26 10.08 9.24
CA MET A 41 -5.50 9.80 8.54
C MET A 41 -6.56 10.85 8.86
N ASP A 42 -7.45 11.08 7.91
CA ASP A 42 -8.52 12.07 8.07
C ASP A 42 -9.81 11.39 8.51
N SER A 43 -10.83 12.20 8.80
CA SER A 43 -12.12 11.69 9.23
C SER A 43 -12.71 10.75 8.19
N ASP A 44 -12.35 10.97 6.93
CA ASP A 44 -12.84 10.13 5.84
C ASP A 44 -12.02 8.85 5.72
N GLN A 45 -11.15 8.62 6.70
CA GLN A 45 -10.30 7.43 6.70
C GLN A 45 -9.44 7.38 5.44
N PHE A 46 -9.04 8.54 4.94
CA PHE A 46 -8.22 8.61 3.75
C PHE A 46 -6.81 9.09 4.07
N ILE A 47 -5.82 8.50 3.41
CA ILE A 47 -4.43 8.86 3.63
C ILE A 47 -3.83 9.53 2.41
N PRO A 48 -3.06 10.61 2.64
CA PRO A 48 -2.41 11.36 1.56
C PRO A 48 -1.28 10.59 0.91
N ILE A 49 -1.24 10.60 -0.42
CA ILE A 49 -0.21 9.89 -1.17
C ILE A 49 1.18 10.40 -0.79
N TRP A 50 1.26 11.68 -0.44
CA TRP A 50 2.53 12.29 -0.06
C TRP A 50 3.13 11.59 1.15
N THR A 51 2.28 11.30 2.13
CA THR A 51 2.72 10.64 3.36
C THR A 51 3.25 9.23 3.05
N VAL A 52 2.54 8.52 2.19
CA VAL A 52 2.93 7.16 1.82
C VAL A 52 4.23 7.16 1.02
N ALA A 53 4.32 8.07 0.05
CA ALA A 53 5.51 8.19 -0.79
C ALA A 53 6.68 8.78 0.00
N ASN A 54 6.36 9.41 1.13
CA ASN A 54 7.39 10.02 1.97
C ASN A 54 7.94 9.01 2.98
N MET A 55 7.22 7.91 3.16
CA MET A 55 7.64 6.87 4.09
C MET A 55 9.07 6.40 3.79
N GLU A 56 9.87 6.26 4.83
CA GLU A 56 11.25 5.82 4.67
C GLU A 56 11.32 4.47 3.95
N GLU A 57 10.47 3.53 4.39
CA GLU A 57 10.45 2.21 3.77
C GLU A 57 9.97 2.28 2.33
N ILE A 58 8.92 3.06 2.09
CA ILE A 58 8.38 3.22 0.75
C ILE A 58 9.36 3.95 -0.16
N LYS A 59 10.15 4.85 0.42
CA LYS A 59 11.13 5.62 -0.32
C LYS A 59 12.35 4.76 -0.66
N LYS A 60 12.79 3.96 0.30
CA LYS A 60 13.94 3.09 0.10
C LYS A 60 13.58 1.92 -0.80
N LEU A 61 12.31 1.55 -0.81
CA LEU A 61 11.84 0.44 -1.64
C LEU A 61 11.44 0.92 -3.03
N THR A 62 10.87 2.12 -3.09
CA THR A 62 10.45 2.70 -4.37
C THR A 62 10.53 4.22 -4.33
N THR A 63 11.08 4.80 -5.39
CA THR A 63 11.22 6.25 -5.47
C THR A 63 10.39 6.81 -6.63
N ASP A 64 9.22 6.25 -6.83
CA ASP A 64 8.33 6.69 -7.90
C ASP A 64 6.87 6.70 -7.44
N PRO A 65 6.20 7.85 -7.63
CA PRO A 65 4.80 8.01 -7.24
C PRO A 65 3.85 7.20 -8.10
N ASP A 66 4.12 7.15 -9.40
CA ASP A 66 3.29 6.39 -10.34
C ASP A 66 3.30 4.91 -9.98
N LEU A 67 4.48 4.38 -9.68
CA LEU A 67 4.63 2.97 -9.33
C LEU A 67 3.86 2.64 -8.05
N ILE A 68 4.03 3.49 -7.04
CA ILE A 68 3.36 3.30 -5.77
C ILE A 68 1.83 3.35 -5.93
N LEU A 69 1.37 4.32 -6.69
CA LEU A 69 -0.06 4.49 -6.95
C LEU A 69 -0.63 3.27 -7.67
N GLU A 70 0.16 2.73 -8.60
CA GLU A 70 -0.26 1.57 -9.37
C GLU A 70 -0.47 0.35 -8.47
N VAL A 71 0.46 0.17 -7.52
CA VAL A 71 0.39 -0.95 -6.59
C VAL A 71 -0.85 -0.86 -5.71
N LEU A 72 -1.13 0.33 -5.20
CA LEU A 72 -2.29 0.56 -4.35
C LEU A 72 -3.58 0.37 -5.13
N ARG A 73 -3.66 1.00 -6.29
CA ARG A 73 -4.85 0.90 -7.14
C ARG A 73 -4.97 -0.49 -7.73
N SER A 74 -3.83 -1.13 -7.98
CA SER A 74 -3.82 -2.47 -8.56
C SER A 74 -4.28 -3.50 -7.54
N SER A 75 -4.15 -3.17 -6.25
CA SER A 75 -4.55 -4.07 -5.17
C SER A 75 -5.93 -3.68 -4.64
N PRO A 76 -6.75 -4.71 -4.37
CA PRO A 76 -8.11 -4.51 -3.84
C PRO A 76 -8.11 -3.99 -2.40
N MET A 77 -7.36 -4.68 -1.55
CA MET A 77 -7.27 -4.28 -0.14
C MET A 77 -7.33 -2.77 0.01
N VAL A 78 -6.79 -2.06 -0.99
CA VAL A 78 -6.78 -0.60 -0.97
C VAL A 78 -7.36 -0.03 -2.26
N GLN A 79 -7.89 1.18 -2.18
CA GLN A 79 -8.47 1.85 -3.33
C GLN A 79 -7.94 3.27 -3.48
N VAL A 80 -7.54 3.63 -4.70
CA VAL A 80 -7.01 4.96 -4.95
C VAL A 80 -8.06 5.83 -5.65
N ASP A 81 -8.33 7.00 -5.06
CA ASP A 81 -9.30 7.93 -5.62
C ASP A 81 -9.19 7.98 -7.13
N GLU A 82 -10.33 7.79 -7.81
CA GLU A 82 -10.36 7.82 -9.28
C GLU A 82 -9.35 8.83 -9.81
N LYS A 83 -9.37 10.03 -9.26
CA LYS A 83 -8.45 11.08 -9.69
C LYS A 83 -7.00 10.71 -9.40
N GLY A 84 -6.75 10.25 -8.17
CA GLY A 84 -5.41 9.86 -7.79
C GLY A 84 -4.75 10.87 -6.88
N GLU A 85 -5.40 11.16 -5.76
CA GLU A 85 -4.87 12.12 -4.79
C GLU A 85 -4.83 11.51 -3.39
N LYS A 86 -5.78 10.64 -3.09
CA LYS A 86 -5.85 9.98 -1.79
C LYS A 86 -6.21 8.51 -1.95
N VAL A 87 -5.74 7.70 -1.01
CA VAL A 87 -6.01 6.26 -1.03
C VAL A 87 -6.60 5.79 0.29
N ARG A 88 -7.61 4.92 0.21
CA ARG A 88 -8.25 4.39 1.41
C ARG A 88 -8.40 2.88 1.32
N PRO A 89 -8.29 2.20 2.47
CA PRO A 89 -8.40 0.75 2.55
C PRO A 89 -9.82 0.26 2.31
N SER A 90 -9.98 -0.63 1.32
CA SER A 90 -11.29 -1.16 0.98
C SER A 90 -11.57 -2.44 1.77
N HIS A 91 -12.11 -2.27 2.98
CA HIS A 91 -12.43 -3.41 3.83
C HIS A 91 -13.82 -3.95 3.52
N LYS A 92 -14.35 -3.57 2.36
CA LYS A 92 -15.67 -4.02 1.94
C LYS A 92 -15.58 -5.35 1.21
N ARG A 93 -16.27 -6.36 1.74
CA ARG A 93 -16.27 -7.68 1.14
C ARG A 93 -16.40 -7.60 -0.38
N CYS A 94 -17.38 -6.85 -0.85
CA CYS A 94 -17.60 -6.68 -2.28
C CYS A 94 -16.93 -5.42 -2.80
N ILE A 95 -15.86 -5.58 -3.56
CA ILE A 95 -15.13 -4.45 -4.11
C ILE A 95 -16.07 -3.31 -4.49
N SER A 96 -16.97 -3.59 -5.44
CA SER A 96 -17.92 -2.58 -5.89
C SER A 96 -19.05 -2.42 -4.88
N GLY A 97 -18.95 -1.37 -4.06
CA GLY A 97 -19.96 -1.11 -3.06
C GLY A 97 -21.23 -0.53 -3.65
N PRO A 98 -22.15 -0.09 -2.77
CA PRO A 98 -23.42 0.50 -3.19
C PRO A 98 -23.23 1.87 -3.85
N SER A 99 -24.23 2.28 -4.62
CA SER A 99 -24.18 3.57 -5.30
C SER A 99 -25.54 3.93 -5.89
N SER A 100 -25.91 5.20 -5.76
CA SER A 100 -27.19 5.68 -6.28
C SER A 100 -27.22 5.60 -7.80
N GLY A 101 -28.43 5.58 -8.36
CA GLY A 101 -28.58 5.51 -9.80
C GLY A 101 -29.99 5.84 -10.26
N GLY A 1 9.40 -16.13 4.49
CA GLY A 1 10.10 -17.41 4.49
C GLY A 1 11.51 -17.30 5.05
N SER A 2 12.44 -18.00 4.44
CA SER A 2 13.84 -17.98 4.90
C SER A 2 14.63 -16.89 4.16
N SER A 3 14.96 -15.83 4.88
CA SER A 3 15.72 -14.72 4.29
C SER A 3 17.13 -14.67 4.86
N GLY A 4 18.12 -14.89 3.99
CA GLY A 4 19.51 -14.87 4.42
C GLY A 4 20.23 -13.61 3.98
N SER A 5 21.54 -13.61 4.12
CA SER A 5 22.36 -12.45 3.74
C SER A 5 21.93 -11.91 2.37
N SER A 6 21.67 -10.62 2.31
CA SER A 6 21.25 -9.98 1.07
C SER A 6 22.19 -10.35 -0.07
N GLY A 7 21.64 -10.45 -1.28
CA GLY A 7 22.45 -10.79 -2.43
C GLY A 7 21.87 -10.25 -3.73
N ALA A 8 21.25 -11.13 -4.51
CA ALA A 8 20.65 -10.73 -5.78
C ALA A 8 19.34 -9.98 -5.55
N VAL A 9 18.89 -9.27 -6.58
CA VAL A 9 17.65 -8.50 -6.50
C VAL A 9 17.19 -8.06 -7.88
N SER A 10 15.88 -8.10 -8.11
CA SER A 10 15.30 -7.71 -9.38
C SER A 10 14.08 -6.82 -9.17
N THR A 11 13.54 -6.30 -10.28
CA THR A 11 12.38 -5.43 -10.22
C THR A 11 11.17 -6.17 -9.66
N GLU A 12 11.08 -7.46 -9.98
CA GLU A 12 9.96 -8.29 -9.51
C GLU A 12 9.97 -8.38 -7.98
N ASP A 13 11.15 -8.55 -7.41
CA ASP A 13 11.28 -8.66 -5.96
C ASP A 13 10.98 -7.33 -5.29
N LEU A 14 11.45 -6.25 -5.88
CA LEU A 14 11.22 -4.91 -5.34
C LEU A 14 9.74 -4.53 -5.41
N LYS A 15 9.12 -4.84 -6.54
CA LYS A 15 7.71 -4.54 -6.74
C LYS A 15 6.84 -5.33 -5.76
N GLU A 16 7.15 -6.61 -5.61
CA GLU A 16 6.39 -7.47 -4.70
C GLU A 16 6.49 -6.96 -3.26
N CYS A 17 7.69 -6.58 -2.86
CA CYS A 17 7.92 -6.07 -1.51
C CYS A 17 7.09 -4.82 -1.25
N LEU A 18 7.05 -3.92 -2.24
CA LEU A 18 6.29 -2.68 -2.11
C LEU A 18 4.81 -2.97 -1.89
N LYS A 19 4.28 -3.94 -2.62
CA LYS A 19 2.87 -4.32 -2.49
C LYS A 19 2.58 -4.85 -1.09
N LYS A 20 3.52 -5.62 -0.55
CA LYS A 20 3.36 -6.19 0.78
C LYS A 20 3.37 -5.10 1.84
N GLN A 21 4.18 -4.07 1.62
CA GLN A 21 4.28 -2.95 2.56
C GLN A 21 2.97 -2.17 2.62
N LEU A 22 2.44 -1.85 1.45
CA LEU A 22 1.19 -1.10 1.36
C LEU A 22 0.03 -1.90 1.94
N GLU A 23 -0.03 -3.18 1.59
CA GLU A 23 -1.09 -4.05 2.06
C GLU A 23 -0.98 -4.27 3.57
N PHE A 24 0.24 -4.53 4.04
CA PHE A 24 0.49 -4.76 5.45
C PHE A 24 0.29 -3.48 6.25
N CYS A 25 0.71 -2.35 5.67
CA CYS A 25 0.58 -1.06 6.33
C CYS A 25 -0.89 -0.67 6.47
N PHE A 26 -1.70 -1.08 5.50
CA PHE A 26 -3.12 -0.77 5.51
C PHE A 26 -3.92 -1.86 6.22
N SER A 27 -3.21 -2.85 6.75
CA SER A 27 -3.84 -3.96 7.45
C SER A 27 -4.62 -3.46 8.67
N ARG A 28 -5.60 -4.24 9.10
CA ARG A 28 -6.42 -3.88 10.26
C ARG A 28 -5.55 -3.78 11.52
N GLU A 29 -4.68 -4.77 11.71
CA GLU A 29 -3.81 -4.78 12.88
C GLU A 29 -2.74 -3.69 12.78
N ASN A 30 -2.19 -3.52 11.58
CA ASN A 30 -1.16 -2.52 11.34
C ASN A 30 -1.74 -1.11 11.49
N LEU A 31 -2.97 -0.92 11.03
CA LEU A 31 -3.63 0.38 11.11
C LEU A 31 -3.91 0.75 12.56
N SER A 32 -4.40 -0.22 13.33
CA SER A 32 -4.71 0.01 14.73
C SER A 32 -3.44 0.17 15.56
N LYS A 33 -2.35 -0.42 15.08
CA LYS A 33 -1.07 -0.35 15.76
C LYS A 33 -0.27 0.86 15.31
N ASP A 34 -0.54 1.31 14.08
CA ASP A 34 0.16 2.46 13.53
C ASP A 34 -0.54 3.76 13.92
N LEU A 35 -0.34 4.18 15.17
CA LEU A 35 -0.95 5.40 15.66
C LEU A 35 -0.62 6.59 14.76
N TYR A 36 0.55 6.55 14.14
CA TYR A 36 0.99 7.61 13.25
C TYR A 36 0.11 7.67 12.00
N LEU A 37 -0.13 6.51 11.40
CA LEU A 37 -0.95 6.42 10.19
C LEU A 37 -2.36 6.95 10.46
N ILE A 38 -2.92 6.57 11.61
CA ILE A 38 -4.26 7.01 11.97
C ILE A 38 -4.31 8.53 12.14
N SER A 39 -3.28 9.08 12.77
CA SER A 39 -3.21 10.52 13.01
C SER A 39 -3.09 11.28 11.69
N GLN A 40 -2.47 10.64 10.70
CA GLN A 40 -2.30 11.25 9.39
C GLN A 40 -3.56 11.10 8.54
N MET A 41 -4.36 10.09 8.85
CA MET A 41 -5.59 9.84 8.12
C MET A 41 -6.62 10.92 8.41
N ASP A 42 -7.50 11.17 7.44
CA ASP A 42 -8.54 12.19 7.60
C ASP A 42 -9.81 11.57 8.18
N SER A 43 -10.85 12.39 8.30
CA SER A 43 -12.13 11.92 8.85
C SER A 43 -12.74 10.84 7.96
N ASP A 44 -12.57 10.99 6.65
CA ASP A 44 -13.10 10.03 5.70
C ASP A 44 -12.23 8.78 5.63
N GLN A 45 -11.26 8.69 6.54
CA GLN A 45 -10.35 7.56 6.58
C GLN A 45 -9.53 7.48 5.30
N PHE A 46 -8.99 8.62 4.87
CA PHE A 46 -8.19 8.68 3.66
C PHE A 46 -6.74 9.09 3.98
N ILE A 47 -5.79 8.41 3.36
CA ILE A 47 -4.38 8.70 3.58
C ILE A 47 -3.78 9.46 2.40
N PRO A 48 -2.98 10.49 2.71
CA PRO A 48 -2.33 11.31 1.68
C PRO A 48 -1.24 10.56 0.93
N ILE A 49 -1.24 10.68 -0.39
CA ILE A 49 -0.24 10.00 -1.22
C ILE A 49 1.17 10.46 -0.87
N TRP A 50 1.28 11.71 -0.42
CA TRP A 50 2.58 12.26 -0.05
C TRP A 50 3.20 11.49 1.11
N THR A 51 2.38 11.20 2.12
CA THR A 51 2.86 10.46 3.29
C THR A 51 3.30 9.06 2.91
N VAL A 52 2.52 8.39 2.06
CA VAL A 52 2.84 7.03 1.62
C VAL A 52 4.14 7.02 0.82
N ALA A 53 4.27 7.97 -0.09
CA ALA A 53 5.48 8.07 -0.92
C ALA A 53 6.66 8.60 -0.12
N ASN A 54 6.36 9.23 1.02
CA ASN A 54 7.40 9.79 1.88
C ASN A 54 7.88 8.75 2.89
N MET A 55 7.16 7.65 2.99
CA MET A 55 7.52 6.58 3.92
C MET A 55 8.96 6.12 3.68
N GLU A 56 9.67 5.85 4.77
CA GLU A 56 11.06 5.41 4.68
C GLU A 56 11.16 4.08 3.94
N GLU A 57 10.33 3.11 4.34
CA GLU A 57 10.32 1.80 3.71
C GLU A 57 9.92 1.90 2.24
N ILE A 58 8.87 2.67 1.98
CA ILE A 58 8.38 2.85 0.61
C ILE A 58 9.43 3.54 -0.26
N LYS A 59 10.12 4.50 0.32
CA LYS A 59 11.16 5.24 -0.40
C LYS A 59 12.34 4.34 -0.72
N LYS A 60 12.76 3.54 0.26
CA LYS A 60 13.88 2.61 0.08
C LYS A 60 13.57 1.58 -1.00
N LEU A 61 12.29 1.22 -1.12
CA LEU A 61 11.87 0.24 -2.12
C LEU A 61 11.60 0.91 -3.46
N THR A 62 11.05 2.12 -3.42
CA THR A 62 10.75 2.87 -4.62
C THR A 62 10.51 4.34 -4.31
N THR A 63 10.91 5.22 -5.23
CA THR A 63 10.73 6.65 -5.07
C THR A 63 9.84 7.23 -6.15
N ASP A 64 9.13 6.36 -6.86
CA ASP A 64 8.23 6.78 -7.93
C ASP A 64 6.79 6.90 -7.43
N PRO A 65 6.20 8.09 -7.61
CA PRO A 65 4.83 8.36 -7.17
C PRO A 65 3.80 7.61 -8.01
N ASP A 66 3.98 7.64 -9.32
CA ASP A 66 3.07 6.96 -10.25
C ASP A 66 3.07 5.45 -9.99
N LEU A 67 4.24 4.90 -9.72
CA LEU A 67 4.38 3.47 -9.46
C LEU A 67 3.64 3.08 -8.18
N ILE A 68 3.80 3.88 -7.14
CA ILE A 68 3.14 3.62 -5.86
C ILE A 68 1.62 3.62 -6.02
N LEU A 69 1.10 4.64 -6.68
CA LEU A 69 -0.34 4.75 -6.91
C LEU A 69 -0.87 3.55 -7.69
N GLU A 70 -0.07 3.07 -8.63
CA GLU A 70 -0.46 1.92 -9.44
C GLU A 70 -0.56 0.66 -8.59
N VAL A 71 0.37 0.52 -7.65
CA VAL A 71 0.38 -0.65 -6.76
C VAL A 71 -0.83 -0.65 -5.85
N LEU A 72 -1.12 0.51 -5.26
CA LEU A 72 -2.26 0.63 -4.35
C LEU A 72 -3.57 0.43 -5.09
N ARG A 73 -3.72 1.12 -6.22
CA ARG A 73 -4.93 1.03 -7.02
C ARG A 73 -5.08 -0.37 -7.61
N SER A 74 -3.95 -1.03 -7.83
CA SER A 74 -3.95 -2.37 -8.40
C SER A 74 -4.37 -3.41 -7.36
N SER A 75 -4.18 -3.07 -6.09
CA SER A 75 -4.54 -3.96 -5.00
C SER A 75 -5.90 -3.60 -4.42
N PRO A 76 -6.70 -4.64 -4.11
CA PRO A 76 -8.04 -4.46 -3.56
C PRO A 76 -8.01 -3.93 -2.12
N MET A 77 -7.17 -4.53 -1.29
CA MET A 77 -7.03 -4.13 0.10
C MET A 77 -7.06 -2.60 0.22
N VAL A 78 -6.65 -1.92 -0.85
CA VAL A 78 -6.62 -0.46 -0.86
C VAL A 78 -7.27 0.09 -2.12
N GLN A 79 -7.84 1.29 -2.01
CA GLN A 79 -8.50 1.93 -3.14
C GLN A 79 -8.01 3.36 -3.32
N VAL A 80 -7.63 3.71 -4.53
CA VAL A 80 -7.14 5.05 -4.84
C VAL A 80 -8.22 5.88 -5.54
N ASP A 81 -8.48 7.07 -5.00
CA ASP A 81 -9.48 7.96 -5.57
C ASP A 81 -9.37 8.00 -7.09
N GLU A 82 -10.52 8.01 -7.77
CA GLU A 82 -10.54 8.05 -9.23
C GLU A 82 -9.46 8.96 -9.77
N LYS A 83 -9.38 10.17 -9.20
CA LYS A 83 -8.38 11.15 -9.63
C LYS A 83 -6.98 10.70 -9.25
N GLY A 84 -6.82 10.22 -8.01
CA GLY A 84 -5.53 9.76 -7.55
C GLY A 84 -4.84 10.77 -6.66
N GLU A 85 -5.60 11.34 -5.72
CA GLU A 85 -5.05 12.33 -4.80
C GLU A 85 -4.96 11.77 -3.39
N LYS A 86 -5.79 10.78 -3.10
CA LYS A 86 -5.80 10.14 -1.78
C LYS A 86 -6.08 8.64 -1.89
N VAL A 87 -5.59 7.88 -0.92
CA VAL A 87 -5.79 6.44 -0.92
C VAL A 87 -6.30 5.96 0.44
N ARG A 88 -7.26 5.03 0.42
CA ARG A 88 -7.83 4.49 1.64
C ARG A 88 -8.08 3.00 1.52
N PRO A 89 -7.92 2.28 2.63
CA PRO A 89 -8.13 0.82 2.67
C PRO A 89 -9.59 0.43 2.49
N SER A 90 -9.85 -0.45 1.54
CA SER A 90 -11.21 -0.91 1.28
C SER A 90 -11.57 -2.11 2.16
N HIS A 91 -12.50 -1.89 3.09
CA HIS A 91 -12.93 -2.95 4.00
C HIS A 91 -14.13 -3.70 3.42
N LYS A 92 -14.15 -3.85 2.11
CA LYS A 92 -15.25 -4.55 1.44
C LYS A 92 -14.85 -5.97 1.09
N ARG A 93 -15.28 -6.92 1.92
CA ARG A 93 -14.98 -8.32 1.71
C ARG A 93 -15.86 -8.91 0.61
N CYS A 94 -15.36 -9.96 -0.05
CA CYS A 94 -16.10 -10.61 -1.12
C CYS A 94 -16.45 -12.06 -0.75
N ILE A 95 -17.64 -12.49 -1.11
CA ILE A 95 -18.09 -13.84 -0.82
C ILE A 95 -18.77 -14.47 -2.03
N SER A 96 -18.18 -15.55 -2.55
CA SER A 96 -18.74 -16.24 -3.71
C SER A 96 -19.27 -15.24 -4.74
N GLY A 97 -18.51 -14.17 -4.97
CA GLY A 97 -18.93 -13.16 -5.93
C GLY A 97 -20.29 -12.57 -5.59
N PRO A 98 -20.85 -11.79 -6.52
CA PRO A 98 -22.14 -11.14 -6.34
C PRO A 98 -23.30 -12.14 -6.35
N SER A 99 -24.38 -11.81 -5.65
CA SER A 99 -25.54 -12.69 -5.58
C SER A 99 -26.39 -12.57 -6.84
N SER A 100 -27.14 -13.62 -7.14
CA SER A 100 -27.99 -13.64 -8.33
C SER A 100 -29.46 -13.77 -7.93
N GLY A 101 -29.77 -14.81 -7.17
CA GLY A 101 -31.13 -15.04 -6.73
C GLY A 101 -31.66 -16.39 -7.16
N GLY A 1 5.65 -15.62 3.80
CA GLY A 1 6.93 -15.21 3.23
C GLY A 1 8.11 -15.84 3.93
N SER A 2 8.61 -15.16 4.97
CA SER A 2 9.75 -15.65 5.73
C SER A 2 10.83 -16.19 4.80
N SER A 3 11.06 -15.49 3.70
CA SER A 3 12.07 -15.89 2.72
C SER A 3 12.83 -14.69 2.19
N GLY A 4 14.08 -14.91 1.80
CA GLY A 4 14.90 -13.83 1.28
C GLY A 4 16.26 -14.30 0.80
N SER A 5 16.50 -14.21 -0.50
CA SER A 5 17.76 -14.65 -1.08
C SER A 5 18.77 -13.50 -1.11
N SER A 6 19.87 -13.66 -0.40
CA SER A 6 20.91 -12.63 -0.34
C SER A 6 21.47 -12.36 -1.73
N GLY A 7 21.56 -11.08 -2.08
CA GLY A 7 22.08 -10.69 -3.39
C GLY A 7 21.19 -9.69 -4.09
N ALA A 8 21.70 -9.10 -5.17
CA ALA A 8 20.96 -8.11 -5.93
C ALA A 8 19.50 -8.51 -6.06
N VAL A 9 18.60 -7.56 -5.80
CA VAL A 9 17.17 -7.81 -5.87
C VAL A 9 16.62 -7.41 -7.24
N SER A 10 15.90 -8.33 -7.88
CA SER A 10 15.31 -8.06 -9.19
C SER A 10 14.09 -7.16 -9.07
N THR A 11 13.52 -6.81 -10.22
CA THR A 11 12.34 -5.95 -10.24
C THR A 11 11.15 -6.63 -9.60
N GLU A 12 10.99 -7.93 -9.86
CA GLU A 12 9.89 -8.69 -9.30
C GLU A 12 9.93 -8.67 -7.76
N ASP A 13 11.13 -8.82 -7.21
CA ASP A 13 11.30 -8.80 -5.77
C ASP A 13 10.97 -7.44 -5.18
N LEU A 14 11.48 -6.39 -5.83
CA LEU A 14 11.23 -5.02 -5.37
C LEU A 14 9.75 -4.68 -5.46
N LYS A 15 9.14 -5.01 -6.60
CA LYS A 15 7.73 -4.74 -6.82
C LYS A 15 6.86 -5.50 -5.82
N GLU A 16 7.18 -6.78 -5.62
CA GLU A 16 6.43 -7.62 -4.69
C GLU A 16 6.52 -7.06 -3.27
N CYS A 17 7.73 -6.68 -2.86
CA CYS A 17 7.95 -6.14 -1.53
C CYS A 17 7.11 -4.88 -1.30
N LEU A 18 7.10 -4.00 -2.30
CA LEU A 18 6.33 -2.76 -2.21
C LEU A 18 4.85 -3.05 -2.01
N LYS A 19 4.34 -4.04 -2.73
CA LYS A 19 2.93 -4.41 -2.64
C LYS A 19 2.59 -4.87 -1.23
N LYS A 20 3.49 -5.65 -0.63
CA LYS A 20 3.29 -6.14 0.72
C LYS A 20 3.31 -5.00 1.74
N GLN A 21 4.15 -4.01 1.48
CA GLN A 21 4.28 -2.86 2.37
C GLN A 21 2.99 -2.04 2.38
N LEU A 22 2.46 -1.75 1.18
CA LEU A 22 1.24 -0.97 1.04
C LEU A 22 0.05 -1.72 1.65
N GLU A 23 -0.05 -3.01 1.32
CA GLU A 23 -1.15 -3.83 1.82
C GLU A 23 -1.03 -4.04 3.33
N PHE A 24 0.19 -4.35 3.78
CA PHE A 24 0.43 -4.57 5.20
C PHE A 24 0.26 -3.27 5.99
N CYS A 25 0.75 -2.17 5.44
CA CYS A 25 0.66 -0.87 6.09
C CYS A 25 -0.80 -0.42 6.19
N PHE A 26 -1.59 -0.79 5.19
CA PHE A 26 -3.01 -0.43 5.16
C PHE A 26 -3.86 -1.49 5.87
N SER A 27 -3.20 -2.52 6.38
CA SER A 27 -3.89 -3.60 7.08
C SER A 27 -4.62 -3.06 8.31
N ARG A 28 -5.65 -3.78 8.73
CA ARG A 28 -6.43 -3.39 9.90
C ARG A 28 -5.56 -3.32 11.14
N GLU A 29 -4.73 -4.34 11.32
CA GLU A 29 -3.84 -4.42 12.47
C GLU A 29 -2.74 -3.36 12.38
N ASN A 30 -2.18 -3.21 11.18
CA ASN A 30 -1.11 -2.24 10.96
C ASN A 30 -1.62 -0.81 11.19
N LEU A 31 -2.81 -0.53 10.69
CA LEU A 31 -3.42 0.80 10.85
C LEU A 31 -3.66 1.10 12.32
N SER A 32 -4.17 0.11 13.06
CA SER A 32 -4.45 0.29 14.47
C SER A 32 -3.16 0.42 15.28
N LYS A 33 -2.11 -0.26 14.83
CA LYS A 33 -0.82 -0.23 15.50
C LYS A 33 -0.05 1.03 15.12
N ASP A 34 -0.29 1.52 13.91
CA ASP A 34 0.38 2.72 13.42
C ASP A 34 -0.37 3.98 13.85
N LEU A 35 -0.14 4.43 15.08
CA LEU A 35 -0.80 5.62 15.61
C LEU A 35 -0.57 6.81 14.70
N TYR A 36 0.61 6.86 14.07
CA TYR A 36 0.93 7.96 13.17
C TYR A 36 0.02 7.96 11.95
N LEU A 37 -0.18 6.78 11.37
CA LEU A 37 -1.03 6.65 10.19
C LEU A 37 -2.47 7.05 10.51
N ILE A 38 -2.91 6.72 11.72
CA ILE A 38 -4.26 7.05 12.16
C ILE A 38 -4.45 8.56 12.28
N SER A 39 -3.44 9.23 12.82
CA SER A 39 -3.49 10.67 13.00
C SER A 39 -3.43 11.39 11.65
N GLN A 40 -2.78 10.76 10.67
CA GLN A 40 -2.65 11.34 9.35
C GLN A 40 -3.91 11.07 8.51
N MET A 41 -4.64 10.03 8.87
CA MET A 41 -5.87 9.67 8.16
C MET A 41 -6.78 10.89 8.04
N ASP A 42 -7.97 10.67 7.48
CA ASP A 42 -8.95 11.75 7.30
C ASP A 42 -10.31 11.34 7.85
N SER A 43 -11.29 12.22 7.70
CA SER A 43 -12.64 11.96 8.18
C SER A 43 -13.18 10.66 7.59
N ASP A 44 -13.08 10.53 6.27
CA ASP A 44 -13.56 9.34 5.59
C ASP A 44 -12.51 8.24 5.62
N GLN A 45 -11.61 8.30 6.59
CA GLN A 45 -10.56 7.31 6.73
C GLN A 45 -9.66 7.30 5.50
N PHE A 46 -9.32 8.49 5.00
CA PHE A 46 -8.46 8.62 3.83
C PHE A 46 -7.03 8.97 4.23
N ILE A 47 -6.07 8.33 3.58
CA ILE A 47 -4.67 8.57 3.87
C ILE A 47 -3.99 9.30 2.71
N PRO A 48 -3.17 10.30 3.04
CA PRO A 48 -2.43 11.09 2.04
C PRO A 48 -1.33 10.28 1.37
N ILE A 49 -1.25 10.38 0.04
CA ILE A 49 -0.25 9.66 -0.72
C ILE A 49 1.15 10.16 -0.39
N TRP A 50 1.25 11.44 -0.06
CA TRP A 50 2.53 12.05 0.28
C TRP A 50 3.14 11.39 1.53
N THR A 51 2.27 11.03 2.47
CA THR A 51 2.72 10.40 3.70
C THR A 51 3.37 9.05 3.42
N VAL A 52 2.74 8.26 2.56
CA VAL A 52 3.26 6.94 2.20
C VAL A 52 4.41 7.06 1.21
N ALA A 53 4.33 8.04 0.33
CA ALA A 53 5.37 8.26 -0.67
C ALA A 53 6.67 8.71 -0.02
N ASN A 54 6.56 9.33 1.15
CA ASN A 54 7.74 9.79 1.87
C ASN A 54 8.31 8.69 2.76
N MET A 55 7.45 7.76 3.15
CA MET A 55 7.86 6.64 4.00
C MET A 55 9.30 6.22 3.67
N GLU A 56 10.08 5.97 4.71
CA GLU A 56 11.47 5.56 4.54
C GLU A 56 11.55 4.23 3.78
N GLU A 57 10.81 3.24 4.25
CA GLU A 57 10.80 1.92 3.62
C GLU A 57 10.36 2.03 2.17
N ILE A 58 9.28 2.77 1.93
CA ILE A 58 8.75 2.94 0.59
C ILE A 58 9.80 3.53 -0.34
N LYS A 59 10.58 4.48 0.17
CA LYS A 59 11.64 5.11 -0.61
C LYS A 59 12.75 4.13 -0.92
N LYS A 60 12.98 3.19 -0.01
CA LYS A 60 14.03 2.18 -0.19
C LYS A 60 13.64 1.19 -1.28
N LEU A 61 12.35 0.92 -1.40
CA LEU A 61 11.85 -0.02 -2.40
C LEU A 61 11.59 0.70 -3.73
N THR A 62 11.12 1.93 -3.65
CA THR A 62 10.84 2.73 -4.85
C THR A 62 10.65 4.20 -4.50
N THR A 63 11.10 5.08 -5.38
CA THR A 63 10.96 6.51 -5.17
C THR A 63 10.05 7.15 -6.21
N ASP A 64 9.24 6.32 -6.86
CA ASP A 64 8.31 6.80 -7.88
C ASP A 64 6.88 6.83 -7.35
N PRO A 65 6.26 8.02 -7.42
CA PRO A 65 4.88 8.21 -6.95
C PRO A 65 3.85 7.50 -7.83
N ASP A 66 4.10 7.51 -9.14
CA ASP A 66 3.21 6.86 -10.09
C ASP A 66 3.16 5.36 -9.86
N LEU A 67 4.33 4.77 -9.64
CA LEU A 67 4.44 3.33 -9.41
C LEU A 67 3.72 2.93 -8.13
N ILE A 68 3.91 3.73 -7.07
CA ILE A 68 3.28 3.46 -5.79
C ILE A 68 1.76 3.49 -5.91
N LEU A 69 1.24 4.53 -6.55
CA LEU A 69 -0.20 4.68 -6.73
C LEU A 69 -0.77 3.52 -7.54
N GLU A 70 -0.01 3.06 -8.51
CA GLU A 70 -0.44 1.95 -9.35
C GLU A 70 -0.58 0.66 -8.53
N VAL A 71 0.35 0.46 -7.60
CA VAL A 71 0.33 -0.73 -6.75
C VAL A 71 -0.88 -0.71 -5.82
N LEU A 72 -1.19 0.46 -5.29
CA LEU A 72 -2.33 0.61 -4.39
C LEU A 72 -3.65 0.33 -5.11
N ARG A 73 -3.79 0.92 -6.30
CA ARG A 73 -5.01 0.74 -7.10
C ARG A 73 -5.07 -0.68 -7.65
N SER A 74 -3.92 -1.30 -7.81
CA SER A 74 -3.85 -2.67 -8.34
C SER A 74 -4.36 -3.67 -7.32
N SER A 75 -4.22 -3.34 -6.04
CA SER A 75 -4.68 -4.21 -4.96
C SER A 75 -6.00 -3.73 -4.39
N PRO A 76 -6.88 -4.68 -4.05
CA PRO A 76 -8.20 -4.39 -3.48
C PRO A 76 -8.11 -3.83 -2.07
N MET A 77 -7.32 -4.49 -1.23
CA MET A 77 -7.15 -4.06 0.15
C MET A 77 -7.16 -2.54 0.26
N VAL A 78 -6.67 -1.88 -0.79
CA VAL A 78 -6.63 -0.41 -0.82
C VAL A 78 -7.25 0.12 -2.10
N GLN A 79 -7.87 1.29 -2.00
CA GLN A 79 -8.51 1.92 -3.16
C GLN A 79 -8.11 3.38 -3.27
N VAL A 80 -7.68 3.79 -4.46
CA VAL A 80 -7.26 5.16 -4.70
C VAL A 80 -8.35 5.95 -5.41
N ASP A 81 -8.64 7.15 -4.89
CA ASP A 81 -9.66 8.00 -5.48
C ASP A 81 -9.40 8.22 -6.96
N GLU A 82 -10.48 8.30 -7.74
CA GLU A 82 -10.37 8.51 -9.19
C GLU A 82 -9.29 9.53 -9.50
N LYS A 83 -9.34 10.67 -8.82
CA LYS A 83 -8.37 11.73 -9.03
C LYS A 83 -6.95 11.24 -8.75
N GLY A 84 -6.77 10.60 -7.59
CA GLY A 84 -5.46 10.08 -7.23
C GLY A 84 -4.74 10.98 -6.25
N GLU A 85 -5.45 11.44 -5.22
CA GLU A 85 -4.88 12.32 -4.22
C GLU A 85 -4.97 11.68 -2.83
N LYS A 86 -5.90 10.76 -2.67
CA LYS A 86 -6.10 10.08 -1.40
C LYS A 86 -6.48 8.62 -1.62
N VAL A 87 -6.00 7.74 -0.74
CA VAL A 87 -6.30 6.32 -0.83
C VAL A 87 -6.77 5.77 0.51
N ARG A 88 -7.77 4.89 0.47
CA ARG A 88 -8.32 4.28 1.67
C ARG A 88 -8.32 2.76 1.56
N PRO A 89 -8.08 2.08 2.69
CA PRO A 89 -8.06 0.62 2.76
C PRO A 89 -9.45 0.01 2.57
N SER A 90 -9.69 -0.56 1.40
CA SER A 90 -10.98 -1.18 1.10
C SER A 90 -11.37 -2.17 2.18
N HIS A 91 -12.28 -1.76 3.05
CA HIS A 91 -12.75 -2.61 4.14
C HIS A 91 -12.79 -4.08 3.70
N LYS A 92 -13.22 -4.31 2.47
CA LYS A 92 -13.30 -5.67 1.93
C LYS A 92 -11.92 -6.19 1.55
N ARG A 93 -11.54 -7.32 2.12
CA ARG A 93 -10.25 -7.93 1.85
C ARG A 93 -10.41 -9.34 1.30
N CYS A 94 -9.58 -9.70 0.34
CA CYS A 94 -9.64 -11.03 -0.28
C CYS A 94 -8.99 -12.07 0.64
N ILE A 95 -9.47 -13.30 0.55
CA ILE A 95 -8.93 -14.39 1.36
C ILE A 95 -7.79 -15.10 0.65
N SER A 96 -7.04 -15.90 1.40
CA SER A 96 -5.91 -16.64 0.84
C SER A 96 -6.29 -18.09 0.57
N GLY A 97 -6.24 -18.48 -0.70
CA GLY A 97 -6.58 -19.85 -1.07
C GLY A 97 -6.49 -20.08 -2.57
N PRO A 98 -6.10 -21.31 -2.95
CA PRO A 98 -5.96 -21.68 -4.37
C PRO A 98 -7.30 -21.77 -5.08
N SER A 99 -7.26 -21.82 -6.40
CA SER A 99 -8.48 -21.90 -7.21
C SER A 99 -8.43 -23.09 -8.16
N SER A 100 -7.34 -23.19 -8.91
CA SER A 100 -7.16 -24.28 -9.87
C SER A 100 -7.07 -25.62 -9.15
N GLY A 101 -7.70 -26.65 -9.73
CA GLY A 101 -7.68 -27.96 -9.13
C GLY A 101 -9.08 -28.50 -8.87
N GLY A 1 21.35 -15.27 7.70
CA GLY A 1 22.25 -15.41 8.84
C GLY A 1 21.83 -14.55 10.01
N SER A 2 22.63 -14.56 11.07
CA SER A 2 22.34 -13.78 12.26
C SER A 2 22.40 -12.29 11.97
N SER A 3 23.44 -11.88 11.22
CA SER A 3 23.62 -10.49 10.87
C SER A 3 22.70 -10.08 9.71
N GLY A 4 22.73 -10.86 8.63
CA GLY A 4 21.89 -10.58 7.48
C GLY A 4 22.65 -9.86 6.38
N SER A 5 22.65 -10.45 5.19
CA SER A 5 23.34 -9.86 4.05
C SER A 5 22.35 -9.39 2.99
N SER A 6 22.86 -8.72 1.97
CA SER A 6 22.02 -8.20 0.88
C SER A 6 22.53 -8.66 -0.47
N GLY A 7 21.62 -9.07 -1.35
CA GLY A 7 21.99 -9.53 -2.67
C GLY A 7 21.49 -8.61 -3.76
N ALA A 8 21.76 -8.97 -5.01
CA ALA A 8 21.33 -8.19 -6.16
C ALA A 8 19.86 -8.41 -6.45
N VAL A 9 18.99 -7.64 -5.79
CA VAL A 9 17.55 -7.76 -5.98
C VAL A 9 17.14 -7.27 -7.37
N SER A 10 15.94 -7.65 -7.79
CA SER A 10 15.43 -7.25 -9.09
C SER A 10 14.13 -6.45 -8.96
N THR A 11 13.60 -5.99 -10.08
CA THR A 11 12.37 -5.22 -10.09
C THR A 11 11.21 -6.03 -9.53
N GLU A 12 11.14 -7.29 -9.92
CA GLU A 12 10.07 -8.18 -9.45
C GLU A 12 10.06 -8.26 -7.93
N ASP A 13 11.25 -8.35 -7.35
CA ASP A 13 11.37 -8.45 -5.89
C ASP A 13 10.97 -7.13 -5.23
N LEU A 14 11.29 -6.02 -5.89
CA LEU A 14 10.96 -4.70 -5.37
C LEU A 14 9.47 -4.42 -5.47
N LYS A 15 8.86 -4.86 -6.57
CA LYS A 15 7.43 -4.67 -6.79
C LYS A 15 6.61 -5.44 -5.76
N GLU A 16 7.00 -6.70 -5.53
CA GLU A 16 6.30 -7.54 -4.57
C GLU A 16 6.46 -6.99 -3.15
N CYS A 17 7.65 -6.52 -2.83
CA CYS A 17 7.93 -5.97 -1.51
C CYS A 17 7.05 -4.75 -1.23
N LEU A 18 6.98 -3.85 -2.20
CA LEU A 18 6.18 -2.64 -2.05
C LEU A 18 4.71 -2.98 -1.84
N LYS A 19 4.23 -3.98 -2.59
CA LYS A 19 2.84 -4.41 -2.47
C LYS A 19 2.52 -4.86 -1.05
N LYS A 20 3.42 -5.64 -0.46
CA LYS A 20 3.24 -6.13 0.89
C LYS A 20 3.29 -4.99 1.90
N GLN A 21 4.15 -4.00 1.63
CA GLN A 21 4.31 -2.86 2.51
C GLN A 21 3.03 -2.02 2.54
N LEU A 22 2.51 -1.71 1.36
CA LEU A 22 1.28 -0.92 1.25
C LEU A 22 0.09 -1.66 1.84
N GLU A 23 -0.03 -2.94 1.50
CA GLU A 23 -1.12 -3.77 2.01
C GLU A 23 -1.00 -3.97 3.51
N PHE A 24 0.21 -4.23 3.98
CA PHE A 24 0.45 -4.45 5.41
C PHE A 24 0.23 -3.16 6.19
N CYS A 25 0.80 -2.07 5.69
CA CYS A 25 0.67 -0.77 6.34
C CYS A 25 -0.78 -0.34 6.42
N PHE A 26 -1.57 -0.75 5.42
CA PHE A 26 -2.99 -0.41 5.38
C PHE A 26 -3.84 -1.50 6.01
N SER A 27 -3.17 -2.54 6.51
CA SER A 27 -3.87 -3.66 7.14
C SER A 27 -4.62 -3.20 8.39
N ARG A 28 -5.65 -3.95 8.75
CA ARG A 28 -6.45 -3.63 9.92
C ARG A 28 -5.60 -3.63 11.18
N GLU A 29 -4.77 -4.65 11.32
CA GLU A 29 -3.89 -4.77 12.49
C GLU A 29 -2.81 -3.70 12.47
N ASN A 30 -2.22 -3.47 11.30
CA ASN A 30 -1.18 -2.48 11.15
C ASN A 30 -1.72 -1.07 11.38
N LEU A 31 -2.95 -0.83 10.91
CA LEU A 31 -3.58 0.47 11.06
C LEU A 31 -3.82 0.79 12.54
N SER A 32 -4.34 -0.19 13.28
CA SER A 32 -4.62 -0.02 14.69
C SER A 32 -3.32 0.14 15.49
N LYS A 33 -2.26 -0.50 15.01
CA LYS A 33 -0.96 -0.42 15.67
C LYS A 33 -0.23 0.87 15.31
N ASP A 34 -0.42 1.32 14.07
CA ASP A 34 0.22 2.55 13.61
C ASP A 34 -0.58 3.77 14.06
N LEU A 35 -0.37 4.19 15.31
CA LEU A 35 -1.07 5.34 15.85
C LEU A 35 -0.85 6.57 14.99
N TYR A 36 0.36 6.69 14.44
CA TYR A 36 0.71 7.84 13.59
C TYR A 36 -0.14 7.84 12.32
N LEU A 37 -0.24 6.68 11.69
CA LEU A 37 -1.02 6.55 10.45
C LEU A 37 -2.48 6.94 10.69
N ILE A 38 -3.03 6.51 11.82
CA ILE A 38 -4.41 6.82 12.16
C ILE A 38 -4.59 8.30 12.44
N SER A 39 -3.57 8.91 13.04
CA SER A 39 -3.61 10.33 13.36
C SER A 39 -3.57 11.18 12.10
N GLN A 40 -2.92 10.65 11.06
CA GLN A 40 -2.81 11.36 9.79
C GLN A 40 -4.06 11.15 8.93
N MET A 41 -4.73 10.03 9.14
CA MET A 41 -5.93 9.71 8.39
C MET A 41 -6.84 10.92 8.27
N ASP A 42 -7.80 10.86 7.35
CA ASP A 42 -8.73 11.95 7.14
C ASP A 42 -10.08 11.65 7.79
N SER A 43 -11.03 12.56 7.60
CA SER A 43 -12.37 12.40 8.17
C SER A 43 -13.07 11.19 7.57
N ASP A 44 -12.88 10.99 6.27
CA ASP A 44 -13.50 9.87 5.57
C ASP A 44 -12.60 8.64 5.60
N GLN A 45 -11.72 8.58 6.60
CA GLN A 45 -10.79 7.46 6.74
C GLN A 45 -9.87 7.36 5.53
N PHE A 46 -9.37 8.50 5.08
CA PHE A 46 -8.47 8.53 3.94
C PHE A 46 -7.06 8.95 4.36
N ILE A 47 -6.06 8.35 3.72
CA ILE A 47 -4.67 8.65 4.03
C ILE A 47 -3.97 9.31 2.84
N PRO A 48 -3.20 10.36 3.12
CA PRO A 48 -2.46 11.10 2.09
C PRO A 48 -1.32 10.28 1.50
N ILE A 49 -1.23 10.27 0.17
CA ILE A 49 -0.19 9.52 -0.52
C ILE A 49 1.19 10.07 -0.18
N TRP A 50 1.26 11.38 0.05
CA TRP A 50 2.52 12.03 0.38
C TRP A 50 3.11 11.45 1.66
N THR A 51 2.24 11.15 2.63
CA THR A 51 2.68 10.59 3.90
C THR A 51 3.38 9.25 3.69
N VAL A 52 2.79 8.40 2.85
CA VAL A 52 3.35 7.10 2.56
C VAL A 52 4.54 7.20 1.61
N ALA A 53 4.47 8.15 0.68
CA ALA A 53 5.53 8.35 -0.29
C ALA A 53 6.82 8.79 0.40
N ASN A 54 6.69 9.44 1.55
CA ASN A 54 7.84 9.91 2.31
C ASN A 54 8.48 8.76 3.10
N MET A 55 7.68 7.75 3.41
CA MET A 55 8.16 6.60 4.16
C MET A 55 9.52 6.15 3.64
N GLU A 56 10.46 5.95 4.56
CA GLU A 56 11.81 5.53 4.19
C GLU A 56 11.77 4.20 3.42
N GLU A 57 10.99 3.26 3.93
CA GLU A 57 10.87 1.95 3.30
C GLU A 57 10.27 2.07 1.90
N ILE A 58 9.26 2.93 1.76
CA ILE A 58 8.61 3.15 0.47
C ILE A 58 9.56 3.83 -0.51
N LYS A 59 10.43 4.69 0.01
CA LYS A 59 11.39 5.40 -0.83
C LYS A 59 12.49 4.46 -1.30
N LYS A 60 13.04 3.69 -0.37
CA LYS A 60 14.11 2.74 -0.69
C LYS A 60 13.59 1.64 -1.62
N LEU A 61 12.30 1.35 -1.53
CA LEU A 61 11.69 0.31 -2.36
C LEU A 61 11.31 0.87 -3.73
N THR A 62 10.90 2.14 -3.75
CA THR A 62 10.51 2.79 -4.99
C THR A 62 10.49 4.30 -4.83
N THR A 63 10.90 5.01 -5.89
CA THR A 63 10.93 6.47 -5.86
C THR A 63 10.04 7.06 -6.95
N ASP A 64 9.08 6.26 -7.43
CA ASP A 64 8.17 6.70 -8.47
C ASP A 64 6.73 6.72 -7.95
N PRO A 65 6.07 7.87 -8.11
CA PRO A 65 4.68 8.05 -7.67
C PRO A 65 3.69 7.25 -8.52
N ASP A 66 3.97 7.16 -9.81
CA ASP A 66 3.11 6.42 -10.73
C ASP A 66 3.10 4.94 -10.39
N LEU A 67 4.27 4.38 -10.11
CA LEU A 67 4.40 2.97 -9.77
C LEU A 67 3.68 2.66 -8.46
N ILE A 68 3.88 3.52 -7.47
CA ILE A 68 3.24 3.34 -6.17
C ILE A 68 1.72 3.37 -6.29
N LEU A 69 1.21 4.34 -7.03
CA LEU A 69 -0.24 4.47 -7.23
C LEU A 69 -0.81 3.22 -7.89
N GLU A 70 -0.07 2.65 -8.84
CA GLU A 70 -0.50 1.46 -9.54
C GLU A 70 -0.66 0.29 -8.58
N VAL A 71 0.32 0.13 -7.69
CA VAL A 71 0.30 -0.95 -6.71
C VAL A 71 -0.91 -0.83 -5.79
N LEU A 72 -1.07 0.35 -5.19
CA LEU A 72 -2.19 0.59 -4.28
C LEU A 72 -3.52 0.46 -5.02
N ARG A 73 -3.63 1.11 -6.17
CA ARG A 73 -4.85 1.06 -6.97
C ARG A 73 -5.07 -0.33 -7.54
N SER A 74 -3.98 -1.07 -7.71
CA SER A 74 -4.06 -2.43 -8.26
C SER A 74 -4.45 -3.43 -7.18
N SER A 75 -4.27 -3.03 -5.93
CA SER A 75 -4.60 -3.90 -4.80
C SER A 75 -5.98 -3.57 -4.24
N PRO A 76 -6.75 -4.61 -3.88
CA PRO A 76 -8.10 -4.45 -3.33
C PRO A 76 -8.08 -3.86 -1.93
N MET A 77 -7.27 -4.43 -1.05
CA MET A 77 -7.16 -3.96 0.32
C MET A 77 -7.33 -2.44 0.39
N VAL A 78 -6.82 -1.75 -0.63
CA VAL A 78 -6.91 -0.29 -0.68
C VAL A 78 -7.43 0.17 -2.04
N GLN A 79 -7.80 1.44 -2.12
CA GLN A 79 -8.32 2.01 -3.36
C GLN A 79 -7.88 3.47 -3.52
N VAL A 80 -7.33 3.79 -4.68
CA VAL A 80 -6.87 5.15 -4.95
C VAL A 80 -7.95 5.95 -5.69
N ASP A 81 -8.24 7.14 -5.17
CA ASP A 81 -9.25 8.00 -5.77
C ASP A 81 -9.00 8.16 -7.28
N GLU A 82 -10.08 8.13 -8.06
CA GLU A 82 -9.98 8.27 -9.50
C GLU A 82 -8.84 9.22 -9.88
N LYS A 83 -8.86 10.41 -9.29
CA LYS A 83 -7.84 11.41 -9.56
C LYS A 83 -6.46 10.92 -9.14
N GLY A 84 -6.38 10.38 -7.93
CA GLY A 84 -5.10 9.88 -7.43
C GLY A 84 -4.44 10.83 -6.46
N GLU A 85 -5.13 11.15 -5.37
CA GLU A 85 -4.60 12.07 -4.37
C GLU A 85 -4.60 11.42 -2.98
N LYS A 86 -5.63 10.62 -2.71
CA LYS A 86 -5.74 9.94 -1.43
C LYS A 86 -6.19 8.50 -1.62
N VAL A 87 -5.76 7.62 -0.71
CA VAL A 87 -6.12 6.21 -0.78
C VAL A 87 -6.71 5.73 0.54
N ARG A 88 -7.68 4.83 0.45
CA ARG A 88 -8.33 4.29 1.65
C ARG A 88 -8.47 2.77 1.55
N PRO A 89 -8.37 2.09 2.70
CA PRO A 89 -8.48 0.63 2.77
C PRO A 89 -9.91 0.15 2.49
N SER A 90 -10.05 -0.62 1.41
CA SER A 90 -11.37 -1.15 1.03
C SER A 90 -12.09 -1.72 2.25
N HIS A 91 -12.91 -0.89 2.88
CA HIS A 91 -13.67 -1.31 4.06
C HIS A 91 -14.28 -2.70 3.84
N LYS A 92 -14.84 -2.90 2.65
CA LYS A 92 -15.47 -4.18 2.31
C LYS A 92 -14.90 -4.73 1.01
N ARG A 93 -15.16 -6.00 0.75
CA ARG A 93 -14.67 -6.66 -0.46
C ARG A 93 -15.81 -6.89 -1.44
N CYS A 94 -16.18 -5.84 -2.16
CA CYS A 94 -17.26 -5.92 -3.15
C CYS A 94 -16.71 -6.28 -4.52
N ILE A 95 -15.72 -5.52 -4.98
CA ILE A 95 -15.11 -5.76 -6.28
C ILE A 95 -16.17 -5.79 -7.38
N SER A 96 -17.08 -4.83 -7.35
CA SER A 96 -18.14 -4.74 -8.34
C SER A 96 -18.02 -3.46 -9.16
N GLY A 97 -18.71 -3.43 -10.30
CA GLY A 97 -18.67 -2.25 -11.16
C GLY A 97 -18.85 -2.60 -12.62
N PRO A 98 -19.11 -1.58 -13.45
CA PRO A 98 -19.32 -1.75 -14.89
C PRO A 98 -18.03 -2.14 -15.62
N SER A 99 -16.90 -1.66 -15.10
CA SER A 99 -15.60 -1.96 -15.70
C SER A 99 -15.06 -3.29 -15.20
N SER A 100 -14.29 -3.96 -16.04
CA SER A 100 -13.71 -5.25 -15.68
C SER A 100 -12.60 -5.07 -14.64
N GLY A 101 -11.76 -4.06 -14.86
CA GLY A 101 -10.66 -3.79 -13.94
C GLY A 101 -9.48 -3.16 -14.63
N GLY A 1 7.46 -9.48 16.53
CA GLY A 1 7.54 -10.93 16.38
C GLY A 1 7.03 -11.40 15.03
N SER A 2 7.93 -11.54 14.06
CA SER A 2 7.54 -11.98 12.73
C SER A 2 8.72 -12.63 12.02
N SER A 3 8.44 -13.25 10.87
CA SER A 3 9.48 -13.92 10.09
C SER A 3 9.38 -13.55 8.61
N GLY A 4 10.49 -13.70 7.90
CA GLY A 4 10.50 -13.37 6.48
C GLY A 4 11.90 -13.44 5.89
N SER A 5 12.07 -12.83 4.73
CA SER A 5 13.37 -12.81 4.05
C SER A 5 13.51 -11.58 3.17
N SER A 6 14.51 -10.76 3.46
CA SER A 6 14.76 -9.55 2.70
C SER A 6 15.85 -9.77 1.66
N GLY A 7 15.80 -8.99 0.58
CA GLY A 7 16.79 -9.12 -0.47
C GLY A 7 16.22 -8.82 -1.84
N ALA A 8 16.16 -7.54 -2.19
CA ALA A 8 15.63 -7.12 -3.48
C ALA A 8 16.75 -6.69 -4.42
N VAL A 9 16.85 -7.35 -5.56
CA VAL A 9 17.87 -7.03 -6.56
C VAL A 9 17.27 -6.84 -7.94
N SER A 10 15.97 -7.07 -8.05
CA SER A 10 15.26 -6.92 -9.31
C SER A 10 13.97 -6.13 -9.14
N THR A 11 13.37 -5.74 -10.26
CA THR A 11 12.12 -4.98 -10.22
C THR A 11 10.98 -5.80 -9.64
N GLU A 12 11.00 -7.11 -9.92
CA GLU A 12 9.97 -8.01 -9.44
C GLU A 12 10.00 -8.10 -7.91
N ASP A 13 11.21 -8.15 -7.36
CA ASP A 13 11.38 -8.24 -5.90
C ASP A 13 11.00 -6.92 -5.23
N LEU A 14 11.43 -5.82 -5.84
CA LEU A 14 11.13 -4.49 -5.30
C LEU A 14 9.63 -4.19 -5.39
N LYS A 15 9.04 -4.48 -6.54
CA LYS A 15 7.62 -4.24 -6.76
C LYS A 15 6.78 -5.10 -5.81
N GLU A 16 7.18 -6.35 -5.64
CA GLU A 16 6.47 -7.26 -4.77
C GLU A 16 6.49 -6.78 -3.33
N CYS A 17 7.63 -6.24 -2.91
CA CYS A 17 7.78 -5.74 -1.54
C CYS A 17 6.86 -4.55 -1.31
N LEU A 18 6.84 -3.62 -2.27
CA LEU A 18 6.00 -2.43 -2.16
C LEU A 18 4.53 -2.80 -2.03
N LYS A 19 4.12 -3.84 -2.76
CA LYS A 19 2.74 -4.30 -2.72
C LYS A 19 2.38 -4.81 -1.32
N LYS A 20 3.23 -5.65 -0.77
CA LYS A 20 3.00 -6.21 0.57
C LYS A 20 3.09 -5.13 1.63
N GLN A 21 3.98 -4.16 1.41
CA GLN A 21 4.16 -3.06 2.36
C GLN A 21 2.92 -2.18 2.41
N LEU A 22 2.40 -1.83 1.24
CA LEU A 22 1.21 -0.98 1.16
C LEU A 22 0.00 -1.69 1.74
N GLU A 23 -0.18 -2.96 1.38
CA GLU A 23 -1.29 -3.75 1.88
C GLU A 23 -1.19 -3.97 3.37
N PHE A 24 0.03 -4.26 3.84
CA PHE A 24 0.27 -4.51 5.26
C PHE A 24 0.09 -3.22 6.07
N CYS A 25 0.51 -2.10 5.50
CA CYS A 25 0.39 -0.81 6.16
C CYS A 25 -1.07 -0.43 6.36
N PHE A 26 -1.90 -0.71 5.35
CA PHE A 26 -3.32 -0.39 5.41
C PHE A 26 -4.09 -1.49 6.13
N SER A 27 -3.35 -2.49 6.62
CA SER A 27 -3.97 -3.61 7.33
C SER A 27 -4.66 -3.13 8.59
N ARG A 28 -5.72 -3.83 8.99
CA ARG A 28 -6.47 -3.49 10.19
C ARG A 28 -5.55 -3.46 11.41
N GLU A 29 -4.69 -4.47 11.52
CA GLU A 29 -3.77 -4.58 12.65
C GLU A 29 -2.71 -3.47 12.57
N ASN A 30 -2.20 -3.24 11.37
CA ASN A 30 -1.17 -2.22 11.16
C ASN A 30 -1.71 -0.84 11.50
N LEU A 31 -2.93 -0.55 11.05
CA LEU A 31 -3.56 0.74 11.31
C LEU A 31 -3.73 0.97 12.81
N SER A 32 -4.22 -0.05 13.50
CA SER A 32 -4.44 0.04 14.94
C SER A 32 -3.12 0.17 15.68
N LYS A 33 -2.08 -0.45 15.14
CA LYS A 33 -0.75 -0.42 15.75
C LYS A 33 0.00 0.83 15.33
N ASP A 34 -0.45 1.46 14.24
CA ASP A 34 0.18 2.68 13.74
C ASP A 34 -0.62 3.91 14.14
N LEU A 35 -0.50 4.29 15.41
CA LEU A 35 -1.21 5.46 15.92
C LEU A 35 -0.91 6.70 15.08
N TYR A 36 0.28 6.72 14.48
CA TYR A 36 0.69 7.85 13.65
C TYR A 36 -0.13 7.90 12.36
N LEU A 37 -0.28 6.75 11.72
CA LEU A 37 -1.04 6.67 10.47
C LEU A 37 -2.49 7.06 10.70
N ILE A 38 -3.05 6.64 11.83
CA ILE A 38 -4.44 6.96 12.17
C ILE A 38 -4.61 8.46 12.41
N SER A 39 -3.61 9.07 13.05
CA SER A 39 -3.67 10.50 13.33
C SER A 39 -3.54 11.32 12.06
N GLN A 40 -2.85 10.76 11.07
CA GLN A 40 -2.66 11.44 9.80
C GLN A 40 -3.87 11.26 8.89
N MET A 41 -4.59 10.16 9.09
CA MET A 41 -5.78 9.87 8.29
C MET A 41 -6.66 11.11 8.15
N ASP A 42 -7.65 11.03 7.27
CA ASP A 42 -8.56 12.15 7.04
C ASP A 42 -9.93 11.88 7.66
N SER A 43 -10.75 12.93 7.76
CA SER A 43 -12.08 12.79 8.34
C SER A 43 -12.85 11.66 7.68
N ASP A 44 -12.51 11.36 6.43
CA ASP A 44 -13.17 10.30 5.68
C ASP A 44 -12.32 9.03 5.67
N GLN A 45 -11.56 8.83 6.74
CA GLN A 45 -10.69 7.67 6.85
C GLN A 45 -9.78 7.55 5.64
N PHE A 46 -9.42 8.69 5.06
CA PHE A 46 -8.55 8.71 3.89
C PHE A 46 -7.12 9.09 4.28
N ILE A 47 -6.15 8.39 3.70
CA ILE A 47 -4.74 8.64 3.99
C ILE A 47 -4.05 9.27 2.79
N PRO A 48 -3.21 10.29 3.05
CA PRO A 48 -2.47 10.99 2.00
C PRO A 48 -1.37 10.13 1.39
N ILE A 49 -1.29 10.11 0.07
CA ILE A 49 -0.28 9.32 -0.64
C ILE A 49 1.13 9.83 -0.32
N TRP A 50 1.23 11.13 -0.03
CA TRP A 50 2.51 11.73 0.29
C TRP A 50 3.10 11.15 1.57
N THR A 51 2.22 10.76 2.50
CA THR A 51 2.64 10.19 3.77
C THR A 51 3.26 8.81 3.56
N VAL A 52 2.64 8.01 2.70
CA VAL A 52 3.13 6.67 2.42
C VAL A 52 4.34 6.71 1.49
N ALA A 53 4.33 7.64 0.54
CA ALA A 53 5.42 7.78 -0.41
C ALA A 53 6.67 8.33 0.28
N ASN A 54 6.46 9.07 1.36
CA ASN A 54 7.58 9.65 2.12
C ASN A 54 8.23 8.62 3.02
N MET A 55 7.50 7.54 3.30
CA MET A 55 8.01 6.47 4.15
C MET A 55 9.41 6.06 3.74
N GLU A 56 10.25 5.75 4.72
CA GLU A 56 11.63 5.34 4.45
C GLU A 56 11.67 4.04 3.66
N GLU A 57 10.97 3.03 4.17
CA GLU A 57 10.92 1.73 3.51
C GLU A 57 10.30 1.84 2.12
N ILE A 58 9.39 2.80 1.96
CA ILE A 58 8.72 3.00 0.68
C ILE A 58 9.65 3.67 -0.33
N LYS A 59 10.49 4.59 0.16
CA LYS A 59 11.43 5.29 -0.69
C LYS A 59 12.51 4.34 -1.20
N LYS A 60 12.96 3.44 -0.34
CA LYS A 60 13.99 2.48 -0.71
C LYS A 60 13.42 1.40 -1.62
N LEU A 61 12.15 1.06 -1.42
CA LEU A 61 11.48 0.04 -2.22
C LEU A 61 10.93 0.64 -3.50
N THR A 62 10.59 1.92 -3.46
CA THR A 62 10.05 2.62 -4.61
C THR A 62 10.32 4.11 -4.54
N THR A 63 10.75 4.70 -5.65
CA THR A 63 11.05 6.12 -5.71
C THR A 63 10.30 6.79 -6.86
N ASP A 64 9.05 6.39 -7.07
CA ASP A 64 8.24 6.95 -8.14
C ASP A 64 6.77 7.00 -7.72
N PRO A 65 6.11 8.12 -8.05
CA PRO A 65 4.69 8.34 -7.72
C PRO A 65 3.78 7.43 -8.54
N ASP A 66 4.04 7.36 -9.84
CA ASP A 66 3.23 6.53 -10.74
C ASP A 66 3.32 5.06 -10.34
N LEU A 67 4.52 4.63 -9.96
CA LEU A 67 4.73 3.24 -9.55
C LEU A 67 3.91 2.90 -8.32
N ILE A 68 3.96 3.76 -7.32
CA ILE A 68 3.23 3.55 -6.08
C ILE A 68 1.72 3.55 -6.34
N LEU A 69 1.24 4.55 -7.07
CA LEU A 69 -0.17 4.65 -7.39
C LEU A 69 -0.67 3.41 -8.10
N GLU A 70 0.17 2.85 -8.97
CA GLU A 70 -0.19 1.64 -9.71
C GLU A 70 -0.35 0.45 -8.77
N VAL A 71 0.59 0.32 -7.83
CA VAL A 71 0.56 -0.78 -6.86
C VAL A 71 -0.69 -0.71 -6.00
N LEU A 72 -1.01 0.49 -5.52
CA LEU A 72 -2.18 0.70 -4.67
C LEU A 72 -3.46 0.38 -5.43
N ARG A 73 -3.58 0.91 -6.64
CA ARG A 73 -4.75 0.68 -7.48
C ARG A 73 -4.83 -0.78 -7.92
N SER A 74 -3.66 -1.41 -8.06
CA SER A 74 -3.59 -2.80 -8.48
C SER A 74 -4.01 -3.73 -7.35
N SER A 75 -3.80 -3.29 -6.12
CA SER A 75 -4.15 -4.10 -4.95
C SER A 75 -5.55 -3.73 -4.45
N PRO A 76 -6.37 -4.75 -4.17
CA PRO A 76 -7.73 -4.58 -3.68
C PRO A 76 -7.77 -4.04 -2.25
N MET A 77 -6.93 -4.60 -1.39
CA MET A 77 -6.86 -4.17 0.00
C MET A 77 -6.86 -2.65 0.11
N VAL A 78 -6.46 -1.99 -0.98
CA VAL A 78 -6.41 -0.53 -1.01
C VAL A 78 -7.02 0.01 -2.29
N GLN A 79 -7.72 1.14 -2.18
CA GLN A 79 -8.36 1.76 -3.32
C GLN A 79 -8.00 3.24 -3.41
N VAL A 80 -7.51 3.66 -4.57
CA VAL A 80 -7.13 5.05 -4.78
C VAL A 80 -8.26 5.83 -5.46
N ASP A 81 -8.56 7.00 -4.92
CA ASP A 81 -9.60 7.85 -5.47
C ASP A 81 -9.39 8.09 -6.96
N GLU A 82 -10.47 7.99 -7.74
CA GLU A 82 -10.39 8.19 -9.17
C GLU A 82 -9.35 9.26 -9.52
N LYS A 83 -9.39 10.37 -8.79
CA LYS A 83 -8.45 11.47 -9.02
C LYS A 83 -7.01 10.99 -8.83
N GLY A 84 -6.77 10.27 -7.73
CA GLY A 84 -5.43 9.76 -7.45
C GLY A 84 -4.66 10.69 -6.53
N GLU A 85 -5.31 11.12 -5.45
CA GLU A 85 -4.67 12.01 -4.49
C GLU A 85 -4.66 11.39 -3.10
N LYS A 86 -5.67 10.57 -2.82
CA LYS A 86 -5.78 9.90 -1.52
C LYS A 86 -6.19 8.44 -1.70
N VAL A 87 -5.84 7.61 -0.72
CA VAL A 87 -6.17 6.20 -0.77
C VAL A 87 -6.69 5.71 0.59
N ARG A 88 -7.63 4.77 0.56
CA ARG A 88 -8.20 4.23 1.78
C ARG A 88 -8.21 2.70 1.75
N PRO A 89 -8.13 2.09 2.94
CA PRO A 89 -8.12 0.62 3.08
C PRO A 89 -9.47 0.00 2.73
N SER A 90 -9.49 -0.81 1.67
CA SER A 90 -10.71 -1.47 1.24
C SER A 90 -11.14 -2.54 2.24
N HIS A 91 -12.10 -2.19 3.10
CA HIS A 91 -12.60 -3.13 4.10
C HIS A 91 -12.98 -4.46 3.46
N LYS A 92 -13.55 -4.39 2.26
CA LYS A 92 -13.96 -5.59 1.54
C LYS A 92 -13.49 -5.54 0.09
N ARG A 93 -13.58 -6.69 -0.58
CA ARG A 93 -13.16 -6.78 -1.98
C ARG A 93 -14.36 -6.94 -2.90
N CYS A 94 -14.60 -5.93 -3.73
CA CYS A 94 -15.72 -5.97 -4.66
C CYS A 94 -15.33 -6.66 -5.97
N ILE A 95 -15.80 -7.88 -6.16
CA ILE A 95 -15.50 -8.65 -7.36
C ILE A 95 -16.27 -8.12 -8.55
N SER A 96 -15.79 -7.02 -9.13
CA SER A 96 -16.44 -6.41 -10.29
C SER A 96 -16.74 -7.46 -11.35
N GLY A 97 -17.92 -7.36 -11.95
CA GLY A 97 -18.32 -8.29 -12.98
C GLY A 97 -19.40 -9.24 -12.52
N PRO A 98 -20.10 -9.86 -13.48
CA PRO A 98 -21.18 -10.81 -13.19
C PRO A 98 -20.68 -12.11 -12.58
N SER A 99 -19.40 -12.39 -12.78
CA SER A 99 -18.78 -13.61 -12.26
C SER A 99 -19.04 -13.73 -10.76
N SER A 100 -19.73 -14.80 -10.37
CA SER A 100 -20.04 -15.04 -8.96
C SER A 100 -18.99 -15.93 -8.32
N GLY A 101 -18.83 -15.79 -7.00
CA GLY A 101 -17.85 -16.59 -6.29
C GLY A 101 -16.50 -16.61 -6.98
N GLY A 1 17.57 -13.72 13.10
CA GLY A 1 17.17 -13.27 11.78
C GLY A 1 17.87 -14.02 10.67
N SER A 2 17.44 -13.80 9.44
CA SER A 2 18.03 -14.47 8.28
C SER A 2 19.55 -14.38 8.32
N SER A 3 20.20 -15.13 7.44
CA SER A 3 21.66 -15.14 7.38
C SER A 3 22.15 -14.44 6.11
N GLY A 4 21.61 -14.86 4.96
CA GLY A 4 22.01 -14.26 3.70
C GLY A 4 21.19 -14.80 2.54
N SER A 5 19.93 -14.38 2.45
CA SER A 5 19.05 -14.82 1.38
C SER A 5 19.02 -13.81 0.24
N SER A 6 20.19 -13.26 -0.08
CA SER A 6 20.30 -12.27 -1.15
C SER A 6 21.01 -12.86 -2.36
N GLY A 7 20.82 -12.23 -3.52
CA GLY A 7 21.46 -12.70 -4.74
C GLY A 7 21.39 -11.68 -5.85
N ALA A 8 20.18 -11.35 -6.27
CA ALA A 8 19.97 -10.38 -7.34
C ALA A 8 18.60 -9.73 -7.26
N VAL A 9 18.57 -8.44 -6.91
CA VAL A 9 17.31 -7.71 -6.78
C VAL A 9 16.86 -7.18 -8.13
N SER A 10 15.58 -7.37 -8.44
CA SER A 10 15.02 -6.90 -9.70
C SER A 10 13.74 -6.09 -9.47
N THR A 11 13.22 -5.50 -10.54
CA THR A 11 12.01 -4.69 -10.44
C THR A 11 10.83 -5.51 -9.94
N GLU A 12 10.81 -6.79 -10.30
CA GLU A 12 9.74 -7.69 -9.87
C GLU A 12 9.72 -7.82 -8.36
N ASP A 13 10.89 -7.95 -7.76
CA ASP A 13 11.01 -8.09 -6.31
C ASP A 13 10.65 -6.79 -5.61
N LEU A 14 11.13 -5.68 -6.15
CA LEU A 14 10.86 -4.36 -5.57
C LEU A 14 9.36 -4.05 -5.61
N LYS A 15 8.73 -4.34 -6.75
CA LYS A 15 7.30 -4.10 -6.90
C LYS A 15 6.50 -4.93 -5.92
N GLU A 16 6.85 -6.20 -5.80
CA GLU A 16 6.16 -7.11 -4.90
C GLU A 16 6.33 -6.67 -3.45
N CYS A 17 7.53 -6.25 -3.10
CA CYS A 17 7.83 -5.79 -1.75
C CYS A 17 6.97 -4.59 -1.37
N LEU A 18 6.90 -3.62 -2.28
CA LEU A 18 6.12 -2.41 -2.04
C LEU A 18 4.64 -2.75 -1.84
N LYS A 19 4.15 -3.72 -2.61
CA LYS A 19 2.76 -4.14 -2.51
C LYS A 19 2.47 -4.71 -1.13
N LYS A 20 3.39 -5.53 -0.63
CA LYS A 20 3.23 -6.13 0.69
C LYS A 20 3.27 -5.08 1.79
N GLN A 21 4.10 -4.06 1.59
CA GLN A 21 4.23 -2.98 2.56
C GLN A 21 2.93 -2.19 2.69
N LEU A 22 2.36 -1.81 1.55
CA LEU A 22 1.12 -1.05 1.54
C LEU A 22 -0.03 -1.88 2.10
N GLU A 23 -0.08 -3.16 1.73
CA GLU A 23 -1.13 -4.05 2.20
C GLU A 23 -1.00 -4.29 3.70
N PHE A 24 0.23 -4.52 4.16
CA PHE A 24 0.49 -4.77 5.56
C PHE A 24 0.27 -3.50 6.39
N CYS A 25 0.76 -2.37 5.88
CA CYS A 25 0.62 -1.09 6.58
C CYS A 25 -0.85 -0.68 6.64
N PHE A 26 -1.63 -1.09 5.65
CA PHE A 26 -3.05 -0.76 5.59
C PHE A 26 -3.88 -1.82 6.30
N SER A 27 -3.21 -2.82 6.87
CA SER A 27 -3.88 -3.90 7.57
C SER A 27 -4.60 -3.37 8.81
N ARG A 28 -5.63 -4.10 9.24
CA ARG A 28 -6.41 -3.70 10.41
C ARG A 28 -5.52 -3.67 11.66
N GLU A 29 -4.67 -4.67 11.80
CA GLU A 29 -3.76 -4.75 12.95
C GLU A 29 -2.67 -3.70 12.86
N ASN A 30 -2.14 -3.51 11.65
CA ASN A 30 -1.09 -2.53 11.43
C ASN A 30 -1.61 -1.12 11.62
N LEU A 31 -2.84 -0.88 11.17
CA LEU A 31 -3.46 0.44 11.30
C LEU A 31 -3.70 0.79 12.76
N SER A 32 -4.21 -0.17 13.52
CA SER A 32 -4.49 0.04 14.94
C SER A 32 -3.20 0.25 15.72
N LYS A 33 -2.14 -0.42 15.28
CA LYS A 33 -0.84 -0.31 15.94
C LYS A 33 -0.08 0.92 15.45
N ASP A 34 -0.45 1.41 14.28
CA ASP A 34 0.19 2.59 13.70
C ASP A 34 -0.55 3.86 14.09
N LEU A 35 -0.36 4.29 15.33
CA LEU A 35 -1.03 5.50 15.83
C LEU A 35 -0.73 6.69 14.93
N TYR A 36 0.49 6.74 14.41
CA TYR A 36 0.90 7.83 13.53
C TYR A 36 0.05 7.86 12.26
N LEU A 37 -0.14 6.69 11.66
CA LEU A 37 -0.94 6.58 10.44
C LEU A 37 -2.37 7.03 10.69
N ILE A 38 -2.91 6.69 11.86
CA ILE A 38 -4.27 7.06 12.21
C ILE A 38 -4.40 8.57 12.38
N SER A 39 -3.38 9.18 12.97
CA SER A 39 -3.38 10.62 13.18
C SER A 39 -3.26 11.38 11.86
N GLN A 40 -2.60 10.75 10.90
CA GLN A 40 -2.42 11.36 9.58
C GLN A 40 -3.63 11.15 8.70
N MET A 41 -4.40 10.10 9.01
CA MET A 41 -5.61 9.80 8.23
C MET A 41 -6.50 11.01 8.10
N ASP A 42 -7.55 10.90 7.29
CA ASP A 42 -8.48 12.00 7.09
C ASP A 42 -9.83 11.68 7.70
N SER A 43 -10.78 12.62 7.58
CA SER A 43 -12.11 12.44 8.13
C SER A 43 -12.78 11.21 7.53
N ASP A 44 -12.60 11.02 6.22
CA ASP A 44 -13.19 9.88 5.53
C ASP A 44 -12.21 8.70 5.49
N GLN A 45 -11.46 8.53 6.57
CA GLN A 45 -10.48 7.45 6.65
C GLN A 45 -9.59 7.43 5.42
N PHE A 46 -9.27 8.62 4.90
CA PHE A 46 -8.42 8.74 3.72
C PHE A 46 -6.98 9.07 4.12
N ILE A 47 -6.02 8.45 3.43
CA ILE A 47 -4.61 8.69 3.71
C ILE A 47 -3.95 9.42 2.57
N PRO A 48 -3.12 10.42 2.91
CA PRO A 48 -2.38 11.22 1.92
C PRO A 48 -1.29 10.42 1.21
N ILE A 49 -1.29 10.46 -0.12
CA ILE A 49 -0.30 9.74 -0.90
C ILE A 49 1.11 10.20 -0.55
N TRP A 50 1.25 11.48 -0.20
CA TRP A 50 2.54 12.04 0.16
C TRP A 50 3.15 11.29 1.33
N THR A 51 2.33 11.00 2.33
CA THR A 51 2.79 10.29 3.52
C THR A 51 3.30 8.89 3.16
N VAL A 52 2.63 8.25 2.21
CA VAL A 52 3.01 6.92 1.77
C VAL A 52 4.29 6.95 0.94
N ALA A 53 4.36 7.90 0.01
CA ALA A 53 5.52 8.06 -0.85
C ALA A 53 6.72 8.60 -0.07
N ASN A 54 6.44 9.15 1.10
CA ASN A 54 7.49 9.71 1.94
C ASN A 54 8.03 8.67 2.92
N MET A 55 7.29 7.58 3.08
CA MET A 55 7.69 6.51 3.98
C MET A 55 9.09 6.00 3.62
N GLU A 56 9.92 5.82 4.65
CA GLU A 56 11.28 5.33 4.44
C GLU A 56 11.29 4.01 3.68
N GLU A 57 10.51 3.05 4.18
CA GLU A 57 10.42 1.74 3.55
C GLU A 57 9.89 1.85 2.12
N ILE A 58 8.91 2.73 1.93
CA ILE A 58 8.32 2.93 0.62
C ILE A 58 9.29 3.61 -0.33
N LYS A 59 10.11 4.50 0.22
CA LYS A 59 11.10 5.22 -0.58
C LYS A 59 12.26 4.30 -0.96
N LYS A 60 12.70 3.48 -0.02
CA LYS A 60 13.80 2.55 -0.27
C LYS A 60 13.35 1.41 -1.20
N LEU A 61 12.06 1.13 -1.18
CA LEU A 61 11.50 0.07 -2.02
C LEU A 61 10.96 0.64 -3.33
N THR A 62 10.50 1.88 -3.28
CA THR A 62 9.95 2.53 -4.46
C THR A 62 10.15 4.04 -4.40
N THR A 63 10.87 4.58 -5.37
CA THR A 63 11.14 6.01 -5.42
C THR A 63 10.40 6.67 -6.58
N ASP A 64 9.19 6.19 -6.86
CA ASP A 64 8.39 6.73 -7.94
C ASP A 64 6.93 6.89 -7.51
N PRO A 65 6.34 8.05 -7.82
CA PRO A 65 4.95 8.35 -7.47
C PRO A 65 3.95 7.51 -8.27
N ASP A 66 4.19 7.41 -9.57
CA ASP A 66 3.32 6.63 -10.44
C ASP A 66 3.34 5.16 -10.07
N LEU A 67 4.53 4.66 -9.71
CA LEU A 67 4.69 3.26 -9.33
C LEU A 67 3.87 2.95 -8.08
N ILE A 68 3.98 3.80 -7.07
CA ILE A 68 3.24 3.61 -5.83
C ILE A 68 1.75 3.62 -6.06
N LEU A 69 1.29 4.57 -6.88
CA LEU A 69 -0.13 4.70 -7.19
C LEU A 69 -0.66 3.44 -7.86
N GLU A 70 0.16 2.85 -8.74
CA GLU A 70 -0.22 1.64 -9.45
C GLU A 70 -0.41 0.48 -8.48
N VAL A 71 0.53 0.34 -7.54
CA VAL A 71 0.46 -0.73 -6.55
C VAL A 71 -0.79 -0.60 -5.68
N LEU A 72 -1.06 0.61 -5.22
CA LEU A 72 -2.22 0.87 -4.39
C LEU A 72 -3.51 0.59 -5.14
N ARG A 73 -3.61 1.12 -6.35
CA ARG A 73 -4.80 0.92 -7.18
C ARG A 73 -4.90 -0.52 -7.66
N SER A 74 -3.76 -1.22 -7.63
CA SER A 74 -3.71 -2.62 -8.07
C SER A 74 -4.07 -3.55 -6.92
N SER A 75 -3.87 -3.08 -5.69
CA SER A 75 -4.17 -3.88 -4.51
C SER A 75 -5.66 -3.87 -4.21
N PRO A 76 -6.26 -5.06 -4.08
CA PRO A 76 -7.69 -5.22 -3.79
C PRO A 76 -8.03 -4.78 -2.37
N MET A 77 -7.01 -4.63 -1.53
CA MET A 77 -7.21 -4.21 -0.15
C MET A 77 -7.24 -2.69 -0.04
N VAL A 78 -6.71 -2.02 -1.05
CA VAL A 78 -6.66 -0.56 -1.06
C VAL A 78 -7.20 -0.01 -2.38
N GLN A 79 -7.75 1.20 -2.32
CA GLN A 79 -8.30 1.84 -3.51
C GLN A 79 -7.85 3.29 -3.60
N VAL A 80 -7.33 3.68 -4.77
CA VAL A 80 -6.86 5.04 -4.98
C VAL A 80 -7.90 5.86 -5.72
N ASP A 81 -8.29 6.99 -5.12
CA ASP A 81 -9.29 7.88 -5.72
C ASP A 81 -9.06 8.00 -7.22
N GLU A 82 -10.16 8.03 -7.98
CA GLU A 82 -10.08 8.14 -9.42
C GLU A 82 -9.04 9.16 -9.84
N LYS A 83 -9.16 10.37 -9.29
CA LYS A 83 -8.22 11.45 -9.60
C LYS A 83 -6.80 11.06 -9.21
N GLY A 84 -6.66 10.44 -8.04
CA GLY A 84 -5.34 10.03 -7.58
C GLY A 84 -4.72 11.03 -6.62
N GLU A 85 -5.42 11.31 -5.52
CA GLU A 85 -4.92 12.25 -4.53
C GLU A 85 -4.92 11.63 -3.14
N LYS A 86 -5.83 10.70 -2.91
CA LYS A 86 -5.93 10.02 -1.62
C LYS A 86 -6.29 8.55 -1.80
N VAL A 87 -5.92 7.73 -0.83
CA VAL A 87 -6.22 6.29 -0.89
C VAL A 87 -6.78 5.80 0.44
N ARG A 88 -7.72 4.86 0.36
CA ARG A 88 -8.34 4.30 1.56
C ARG A 88 -8.40 2.78 1.47
N PRO A 89 -8.23 2.11 2.63
CA PRO A 89 -8.27 0.65 2.72
C PRO A 89 -9.67 0.09 2.48
N SER A 90 -9.87 -0.51 1.31
CA SER A 90 -11.17 -1.08 0.97
C SER A 90 -11.53 -2.21 1.92
N HIS A 91 -12.45 -1.93 2.83
CA HIS A 91 -12.90 -2.93 3.80
C HIS A 91 -14.13 -3.68 3.30
N LYS A 92 -14.17 -3.91 1.99
CA LYS A 92 -15.28 -4.62 1.38
C LYS A 92 -14.98 -6.12 1.23
N ARG A 93 -16.01 -6.91 0.98
CA ARG A 93 -15.85 -8.35 0.82
C ARG A 93 -14.90 -8.90 1.88
N CYS A 94 -15.11 -8.50 3.13
CA CYS A 94 -14.27 -8.96 4.23
C CYS A 94 -14.28 -10.47 4.32
N ILE A 95 -13.09 -11.07 4.44
CA ILE A 95 -12.95 -12.51 4.53
C ILE A 95 -13.37 -13.02 5.91
N SER A 96 -14.65 -13.39 6.02
CA SER A 96 -15.18 -13.89 7.29
C SER A 96 -15.30 -15.41 7.27
N GLY A 97 -14.37 -16.07 7.97
CA GLY A 97 -14.39 -17.53 8.02
C GLY A 97 -15.15 -18.05 9.21
N PRO A 98 -14.86 -19.31 9.59
CA PRO A 98 -15.52 -19.96 10.73
C PRO A 98 -15.10 -19.36 12.07
N SER A 99 -13.96 -18.67 12.07
CA SER A 99 -13.45 -18.04 13.29
C SER A 99 -14.54 -17.21 13.97
N SER A 100 -14.40 -17.05 15.28
CA SER A 100 -15.36 -16.29 16.06
C SER A 100 -14.67 -15.49 17.15
N GLY A 101 -15.36 -14.46 17.65
CA GLY A 101 -14.80 -13.63 18.70
C GLY A 101 -13.68 -12.74 18.19
N GLY A 1 3.94 -20.51 3.14
CA GLY A 1 4.51 -21.16 1.98
C GLY A 1 6.03 -21.04 1.93
N SER A 2 6.58 -21.02 0.71
CA SER A 2 8.01 -20.91 0.53
C SER A 2 8.35 -20.15 -0.74
N SER A 3 9.05 -19.02 -0.59
CA SER A 3 9.43 -18.20 -1.72
C SER A 3 10.95 -18.14 -1.88
N GLY A 4 11.40 -17.78 -3.07
CA GLY A 4 12.83 -17.70 -3.32
C GLY A 4 13.19 -16.53 -4.23
N SER A 5 13.83 -15.52 -3.66
CA SER A 5 14.22 -14.34 -4.42
C SER A 5 14.75 -14.74 -5.79
N SER A 6 14.10 -14.24 -6.84
CA SER A 6 14.50 -14.54 -8.21
C SER A 6 15.92 -14.03 -8.48
N GLY A 7 16.22 -12.84 -7.97
CA GLY A 7 17.55 -12.27 -8.17
C GLY A 7 17.93 -11.32 -7.06
N ALA A 8 18.67 -10.26 -7.42
CA ALA A 8 19.10 -9.27 -6.45
C ALA A 8 18.16 -8.09 -6.40
N VAL A 9 17.26 -8.08 -5.42
CA VAL A 9 16.30 -7.01 -5.27
C VAL A 9 15.89 -6.43 -6.62
N SER A 10 15.69 -7.31 -7.59
CA SER A 10 15.31 -6.88 -8.94
C SER A 10 13.97 -6.16 -8.92
N THR A 11 13.55 -5.69 -10.09
CA THR A 11 12.28 -4.98 -10.21
C THR A 11 11.11 -5.83 -9.72
N GLU A 12 11.20 -7.13 -9.98
CA GLU A 12 10.15 -8.06 -9.57
C GLU A 12 10.07 -8.14 -8.05
N ASP A 13 11.22 -8.20 -7.40
CA ASP A 13 11.28 -8.30 -5.95
C ASP A 13 10.84 -6.98 -5.31
N LEU A 14 11.07 -5.88 -6.01
CA LEU A 14 10.70 -4.56 -5.51
C LEU A 14 9.18 -4.37 -5.56
N LYS A 15 8.57 -4.80 -6.66
CA LYS A 15 7.13 -4.67 -6.83
C LYS A 15 6.38 -5.52 -5.80
N GLU A 16 6.85 -6.75 -5.60
CA GLU A 16 6.23 -7.66 -4.64
C GLU A 16 6.41 -7.15 -3.22
N CYS A 17 7.62 -6.69 -2.91
CA CYS A 17 7.93 -6.18 -1.58
C CYS A 17 7.09 -4.94 -1.26
N LEU A 18 7.05 -4.01 -2.21
CA LEU A 18 6.28 -2.78 -2.04
C LEU A 18 4.81 -3.08 -1.82
N LYS A 19 4.30 -4.07 -2.56
CA LYS A 19 2.90 -4.47 -2.45
C LYS A 19 2.58 -4.97 -1.04
N LYS A 20 3.48 -5.77 -0.49
CA LYS A 20 3.30 -6.33 0.85
C LYS A 20 3.37 -5.23 1.89
N GLN A 21 4.23 -4.24 1.66
CA GLN A 21 4.40 -3.13 2.59
C GLN A 21 3.12 -2.29 2.66
N LEU A 22 2.59 -1.93 1.50
CA LEU A 22 1.38 -1.13 1.43
C LEU A 22 0.19 -1.88 2.02
N GLU A 23 0.09 -3.17 1.69
CA GLU A 23 -1.00 -3.99 2.19
C GLU A 23 -0.89 -4.20 3.70
N PHE A 24 0.32 -4.50 4.16
CA PHE A 24 0.56 -4.71 5.58
C PHE A 24 0.39 -3.42 6.36
N CYS A 25 0.89 -2.33 5.80
CA CYS A 25 0.80 -1.02 6.44
C CYS A 25 -0.65 -0.55 6.53
N PHE A 26 -1.45 -0.95 5.54
CA PHE A 26 -2.85 -0.57 5.51
C PHE A 26 -3.73 -1.65 6.14
N SER A 27 -3.08 -2.66 6.71
CA SER A 27 -3.79 -3.76 7.34
C SER A 27 -4.54 -3.29 8.58
N ARG A 28 -5.53 -4.07 9.01
CA ARG A 28 -6.32 -3.73 10.18
C ARG A 28 -5.45 -3.65 11.43
N GLU A 29 -4.58 -4.65 11.60
CA GLU A 29 -3.69 -4.70 12.75
C GLU A 29 -2.64 -3.60 12.67
N ASN A 30 -2.09 -3.40 11.48
CA ASN A 30 -1.07 -2.36 11.28
C ASN A 30 -1.67 -0.97 11.42
N LEU A 31 -2.92 -0.82 10.99
CA LEU A 31 -3.61 0.47 11.07
C LEU A 31 -3.85 0.86 12.52
N SER A 32 -4.31 -0.10 13.33
CA SER A 32 -4.59 0.15 14.74
C SER A 32 -3.29 0.37 15.50
N LYS A 33 -2.22 -0.28 15.06
CA LYS A 33 -0.92 -0.16 15.71
C LYS A 33 -0.20 1.11 15.25
N ASP A 34 -0.41 1.49 13.99
CA ASP A 34 0.21 2.69 13.44
C ASP A 34 -0.55 3.94 13.88
N LEU A 35 -0.21 4.46 15.05
CA LEU A 35 -0.86 5.65 15.58
C LEU A 35 -0.64 6.84 14.64
N TYR A 36 0.55 6.90 14.04
CA TYR A 36 0.88 7.98 13.13
C TYR A 36 -0.02 7.98 11.90
N LEU A 37 -0.20 6.79 11.31
CA LEU A 37 -1.04 6.64 10.13
C LEU A 37 -2.48 7.07 10.43
N ILE A 38 -3.00 6.64 11.57
CA ILE A 38 -4.36 6.98 11.97
C ILE A 38 -4.49 8.48 12.24
N SER A 39 -3.41 9.07 12.74
CA SER A 39 -3.41 10.50 13.04
C SER A 39 -3.44 11.33 11.76
N GLN A 40 -2.85 10.78 10.70
CA GLN A 40 -2.81 11.48 9.41
C GLN A 40 -4.12 11.27 8.65
N MET A 41 -4.79 10.16 8.93
CA MET A 41 -6.05 9.86 8.26
C MET A 41 -6.94 11.09 8.17
N ASP A 42 -7.98 11.01 7.36
CA ASP A 42 -8.91 12.12 7.19
C ASP A 42 -10.29 11.78 7.75
N SER A 43 -11.16 12.78 7.82
CA SER A 43 -12.51 12.58 8.35
C SER A 43 -13.18 11.39 7.68
N ASP A 44 -12.74 11.08 6.46
CA ASP A 44 -13.30 9.96 5.70
C ASP A 44 -12.29 8.81 5.62
N GLN A 45 -11.77 8.40 6.77
CA GLN A 45 -10.80 7.31 6.81
C GLN A 45 -9.93 7.31 5.57
N PHE A 46 -9.60 8.50 5.07
CA PHE A 46 -8.77 8.62 3.88
C PHE A 46 -7.35 9.01 4.25
N ILE A 47 -6.38 8.41 3.58
CA ILE A 47 -4.97 8.69 3.84
C ILE A 47 -4.29 9.29 2.60
N PRO A 48 -3.47 10.32 2.83
CA PRO A 48 -2.75 11.00 1.75
C PRO A 48 -1.65 10.14 1.15
N ILE A 49 -1.68 9.96 -0.16
CA ILE A 49 -0.68 9.16 -0.85
C ILE A 49 0.73 9.69 -0.61
N TRP A 50 0.83 11.01 -0.45
CA TRP A 50 2.12 11.65 -0.21
C TRP A 50 2.77 11.10 1.06
N THR A 51 1.95 10.81 2.07
CA THR A 51 2.44 10.29 3.34
C THR A 51 3.09 8.93 3.15
N VAL A 52 2.48 8.11 2.29
CA VAL A 52 3.00 6.77 2.02
C VAL A 52 4.23 6.82 1.11
N ALA A 53 4.20 7.75 0.15
CA ALA A 53 5.31 7.91 -0.78
C ALA A 53 6.54 8.47 -0.08
N ASN A 54 6.32 9.15 1.05
CA ASN A 54 7.41 9.75 1.81
C ASN A 54 8.01 8.73 2.78
N MET A 55 7.29 7.63 2.99
CA MET A 55 7.76 6.57 3.89
C MET A 55 9.17 6.13 3.53
N GLU A 56 10.01 5.96 4.54
CA GLU A 56 11.38 5.53 4.34
C GLU A 56 11.43 4.17 3.64
N GLU A 57 10.60 3.25 4.09
CA GLU A 57 10.55 1.91 3.52
C GLU A 57 10.08 1.96 2.07
N ILE A 58 9.08 2.81 1.80
CA ILE A 58 8.55 2.96 0.46
C ILE A 58 9.53 3.66 -0.46
N LYS A 59 10.34 4.54 0.12
CA LYS A 59 11.33 5.30 -0.63
C LYS A 59 12.50 4.39 -1.05
N LYS A 60 12.93 3.52 -0.13
CA LYS A 60 14.02 2.60 -0.41
C LYS A 60 13.59 1.50 -1.35
N LEU A 61 12.31 1.14 -1.30
CA LEU A 61 11.76 0.09 -2.14
C LEU A 61 11.29 0.66 -3.48
N THR A 62 10.81 1.91 -3.45
CA THR A 62 10.33 2.57 -4.65
C THR A 62 10.60 4.07 -4.60
N THR A 63 11.05 4.63 -5.72
CA THR A 63 11.35 6.05 -5.80
C THR A 63 10.57 6.72 -6.93
N ASP A 64 9.39 6.18 -7.21
CA ASP A 64 8.54 6.73 -8.28
C ASP A 64 7.10 6.85 -7.81
N PRO A 65 6.47 8.00 -8.13
CA PRO A 65 5.08 8.27 -7.76
C PRO A 65 4.09 7.40 -8.52
N ASP A 66 4.29 7.28 -9.83
CA ASP A 66 3.42 6.48 -10.66
C ASP A 66 3.48 5.01 -10.26
N LEU A 67 4.66 4.55 -9.90
CA LEU A 67 4.85 3.15 -9.48
C LEU A 67 4.05 2.86 -8.21
N ILE A 68 4.18 3.73 -7.22
CA ILE A 68 3.47 3.56 -5.96
C ILE A 68 1.96 3.57 -6.18
N LEU A 69 1.47 4.57 -6.88
CA LEU A 69 0.04 4.69 -7.16
C LEU A 69 -0.48 3.45 -7.88
N GLU A 70 0.35 2.89 -8.76
CA GLU A 70 -0.03 1.69 -9.50
C GLU A 70 -0.26 0.51 -8.56
N VAL A 71 0.67 0.34 -7.62
CA VAL A 71 0.57 -0.76 -6.65
C VAL A 71 -0.69 -0.62 -5.79
N LEU A 72 -0.91 0.57 -5.28
CA LEU A 72 -2.07 0.84 -4.44
C LEU A 72 -3.37 0.62 -5.21
N ARG A 73 -3.45 1.20 -6.40
CA ARG A 73 -4.63 1.07 -7.24
C ARG A 73 -4.73 -0.33 -7.83
N SER A 74 -3.62 -1.06 -7.80
CA SER A 74 -3.57 -2.43 -8.33
C SER A 74 -4.06 -3.43 -7.29
N SER A 75 -3.89 -3.07 -6.02
CA SER A 75 -4.31 -3.95 -4.92
C SER A 75 -5.70 -3.57 -4.43
N PRO A 76 -6.53 -4.58 -4.15
CA PRO A 76 -7.90 -4.37 -3.66
C PRO A 76 -7.93 -3.85 -2.24
N MET A 77 -7.19 -4.51 -1.35
CA MET A 77 -7.13 -4.10 0.05
C MET A 77 -7.23 -2.59 0.18
N VAL A 78 -6.68 -1.87 -0.80
CA VAL A 78 -6.71 -0.42 -0.80
C VAL A 78 -7.25 0.13 -2.11
N GLN A 79 -7.64 1.40 -2.10
CA GLN A 79 -8.19 2.04 -3.30
C GLN A 79 -7.73 3.49 -3.39
N VAL A 80 -7.33 3.91 -4.59
CA VAL A 80 -6.87 5.27 -4.81
C VAL A 80 -7.95 6.12 -5.49
N ASP A 81 -8.35 7.20 -4.82
CA ASP A 81 -9.36 8.09 -5.36
C ASP A 81 -9.21 8.26 -6.86
N GLU A 82 -10.28 8.69 -7.52
CA GLU A 82 -10.26 8.89 -8.97
C GLU A 82 -9.20 9.92 -9.36
N LYS A 83 -9.03 10.94 -8.51
CA LYS A 83 -8.05 11.99 -8.76
C LYS A 83 -6.64 11.50 -8.43
N GLY A 84 -6.53 10.68 -7.39
CA GLY A 84 -5.24 10.16 -6.98
C GLY A 84 -4.56 11.04 -5.96
N GLU A 85 -5.27 11.36 -4.88
CA GLU A 85 -4.72 12.20 -3.82
C GLU A 85 -4.80 11.50 -2.48
N LYS A 86 -5.87 10.74 -2.27
CA LYS A 86 -6.06 10.00 -1.02
C LYS A 86 -6.53 8.58 -1.30
N VAL A 87 -6.06 7.64 -0.48
CA VAL A 87 -6.44 6.24 -0.63
C VAL A 87 -7.03 5.69 0.67
N ARG A 88 -7.94 4.74 0.53
CA ARG A 88 -8.59 4.13 1.69
C ARG A 88 -8.58 2.61 1.59
N PRO A 89 -8.40 1.93 2.73
CA PRO A 89 -8.37 0.46 2.78
C PRO A 89 -9.74 -0.16 2.50
N SER A 90 -9.88 -0.75 1.33
CA SER A 90 -11.14 -1.38 0.94
C SER A 90 -11.32 -2.72 1.65
N HIS A 91 -12.30 -2.77 2.55
CA HIS A 91 -12.57 -3.99 3.30
C HIS A 91 -13.71 -4.79 2.64
N LYS A 92 -13.79 -4.71 1.32
CA LYS A 92 -14.82 -5.42 0.57
C LYS A 92 -14.22 -6.15 -0.62
N ARG A 93 -14.35 -7.48 -0.63
CA ARG A 93 -13.82 -8.29 -1.72
C ARG A 93 -14.85 -9.33 -2.17
N CYS A 94 -14.56 -9.99 -3.29
CA CYS A 94 -15.46 -11.00 -3.82
C CYS A 94 -14.70 -12.02 -4.66
N ILE A 95 -15.06 -13.28 -4.53
CA ILE A 95 -14.40 -14.36 -5.27
C ILE A 95 -14.33 -14.02 -6.76
N SER A 96 -13.12 -13.76 -7.25
CA SER A 96 -12.91 -13.43 -8.64
C SER A 96 -12.87 -14.68 -9.51
N GLY A 97 -12.10 -15.67 -9.07
CA GLY A 97 -11.99 -16.91 -9.81
C GLY A 97 -10.79 -17.74 -9.39
N PRO A 98 -10.93 -19.07 -9.45
CA PRO A 98 -9.86 -20.00 -9.07
C PRO A 98 -8.69 -19.98 -10.05
N SER A 99 -8.95 -19.51 -11.27
CA SER A 99 -7.93 -19.44 -12.30
C SER A 99 -6.91 -18.35 -11.98
N SER A 100 -5.67 -18.75 -11.78
CA SER A 100 -4.59 -17.81 -11.47
C SER A 100 -4.44 -16.79 -12.58
N GLY A 101 -4.07 -15.57 -12.20
CA GLY A 101 -3.88 -14.51 -13.18
C GLY A 101 -4.32 -13.15 -12.66
N GLY A 1 12.21 -10.64 8.36
CA GLY A 1 12.88 -11.79 7.76
C GLY A 1 13.39 -11.50 6.37
N SER A 2 14.27 -12.37 5.86
CA SER A 2 14.83 -12.20 4.53
C SER A 2 14.95 -13.54 3.81
N SER A 3 14.48 -13.57 2.56
CA SER A 3 14.52 -14.78 1.76
C SER A 3 15.06 -14.50 0.36
N GLY A 4 15.80 -15.46 -0.19
CA GLY A 4 16.37 -15.28 -1.51
C GLY A 4 17.77 -14.70 -1.48
N SER A 5 18.74 -15.50 -1.90
CA SER A 5 20.13 -15.07 -1.90
C SER A 5 20.48 -14.40 -3.23
N SER A 6 20.13 -13.13 -3.35
CA SER A 6 20.41 -12.37 -4.56
C SER A 6 20.97 -10.99 -4.24
N GLY A 7 21.98 -10.57 -5.00
CA GLY A 7 22.60 -9.28 -4.77
C GLY A 7 21.88 -8.16 -5.50
N ALA A 8 21.52 -8.41 -6.75
CA ALA A 8 20.82 -7.42 -7.56
C ALA A 8 19.34 -7.76 -7.69
N VAL A 9 18.55 -7.30 -6.73
CA VAL A 9 17.11 -7.54 -6.72
C VAL A 9 16.50 -7.17 -8.06
N SER A 10 15.45 -7.89 -8.45
CA SER A 10 14.77 -7.65 -9.71
C SER A 10 13.53 -6.80 -9.50
N THR A 11 12.94 -6.32 -10.60
CA THR A 11 11.75 -5.49 -10.53
C THR A 11 10.61 -6.21 -9.82
N GLU A 12 10.58 -7.54 -9.95
CA GLU A 12 9.55 -8.35 -9.32
C GLU A 12 9.65 -8.28 -7.80
N ASP A 13 10.89 -8.36 -7.30
CA ASP A 13 11.14 -8.31 -5.86
C ASP A 13 10.81 -6.93 -5.31
N LEU A 14 11.27 -5.89 -6.00
CA LEU A 14 11.03 -4.52 -5.57
C LEU A 14 9.53 -4.19 -5.58
N LYS A 15 8.86 -4.59 -6.66
CA LYS A 15 7.42 -4.35 -6.79
C LYS A 15 6.64 -5.11 -5.72
N GLU A 16 7.01 -6.38 -5.52
CA GLU A 16 6.34 -7.21 -4.53
C GLU A 16 6.51 -6.63 -3.13
N CYS A 17 7.71 -6.15 -2.83
CA CYS A 17 7.99 -5.57 -1.53
C CYS A 17 7.09 -4.38 -1.25
N LEU A 18 7.02 -3.47 -2.21
CA LEU A 18 6.19 -2.28 -2.08
C LEU A 18 4.72 -2.65 -1.86
N LYS A 19 4.26 -3.66 -2.60
CA LYS A 19 2.88 -4.12 -2.50
C LYS A 19 2.59 -4.64 -1.08
N LYS A 20 3.54 -5.38 -0.52
CA LYS A 20 3.37 -5.93 0.82
C LYS A 20 3.37 -4.82 1.86
N GLN A 21 4.15 -3.78 1.62
CA GLN A 21 4.24 -2.65 2.54
C GLN A 21 2.90 -1.90 2.60
N LEU A 22 2.37 -1.57 1.43
CA LEU A 22 1.11 -0.84 1.34
C LEU A 22 -0.04 -1.70 1.89
N GLU A 23 -0.07 -2.96 1.49
CA GLU A 23 -1.11 -3.88 1.95
C GLU A 23 -1.01 -4.13 3.45
N PHE A 24 0.21 -4.38 3.92
CA PHE A 24 0.44 -4.64 5.33
C PHE A 24 0.21 -3.38 6.16
N CYS A 25 0.65 -2.24 5.62
CA CYS A 25 0.49 -0.97 6.30
C CYS A 25 -0.98 -0.60 6.46
N PHE A 26 -1.79 -0.98 5.47
CA PHE A 26 -3.22 -0.70 5.50
C PHE A 26 -3.98 -1.82 6.20
N SER A 27 -3.25 -2.81 6.68
CA SER A 27 -3.86 -3.94 7.37
C SER A 27 -4.58 -3.49 8.63
N ARG A 28 -5.53 -4.30 9.09
CA ARG A 28 -6.29 -3.98 10.29
C ARG A 28 -5.39 -3.88 11.50
N GLU A 29 -4.48 -4.82 11.65
CA GLU A 29 -3.55 -4.84 12.77
C GLU A 29 -2.53 -3.72 12.64
N ASN A 30 -2.00 -3.53 11.43
CA ASN A 30 -1.03 -2.50 11.17
C ASN A 30 -1.63 -1.10 11.37
N LEU A 31 -2.88 -0.96 10.97
CA LEU A 31 -3.58 0.33 11.10
C LEU A 31 -3.78 0.68 12.57
N SER A 32 -4.23 -0.30 13.35
CA SER A 32 -4.48 -0.08 14.78
C SER A 32 -3.16 0.09 15.53
N LYS A 33 -2.09 -0.47 14.97
CA LYS A 33 -0.76 -0.38 15.59
C LYS A 33 -0.06 0.92 15.17
N ASP A 34 -0.31 1.35 13.95
CA ASP A 34 0.29 2.57 13.43
C ASP A 34 -0.48 3.81 13.88
N LEU A 35 -0.29 4.20 15.13
CA LEU A 35 -0.97 5.36 15.68
C LEU A 35 -0.72 6.60 14.82
N TYR A 36 0.47 6.68 14.24
CA TYR A 36 0.83 7.81 13.39
C TYR A 36 -0.03 7.86 12.14
N LEU A 37 -0.17 6.71 11.49
CA LEU A 37 -0.97 6.60 10.27
C LEU A 37 -2.41 7.00 10.53
N ILE A 38 -2.95 6.55 11.66
CA ILE A 38 -4.33 6.87 12.03
C ILE A 38 -4.50 8.36 12.25
N SER A 39 -3.53 8.98 12.91
CA SER A 39 -3.58 10.41 13.19
C SER A 39 -3.43 11.22 11.91
N GLN A 40 -2.75 10.64 10.93
CA GLN A 40 -2.52 11.30 9.65
C GLN A 40 -3.73 11.14 8.72
N MET A 41 -4.48 10.05 8.93
CA MET A 41 -5.66 9.78 8.13
C MET A 41 -6.53 11.02 7.99
N ASP A 42 -7.56 10.93 7.16
CA ASP A 42 -8.47 12.04 6.95
C ASP A 42 -9.82 11.78 7.61
N SER A 43 -10.77 12.69 7.39
CA SER A 43 -12.10 12.56 7.97
C SER A 43 -12.78 11.28 7.47
N ASP A 44 -12.68 11.03 6.17
CA ASP A 44 -13.29 9.85 5.57
C ASP A 44 -12.34 8.66 5.65
N GLN A 45 -11.46 8.67 6.65
CA GLN A 45 -10.50 7.59 6.83
C GLN A 45 -9.58 7.47 5.62
N PHE A 46 -9.29 8.59 4.98
CA PHE A 46 -8.42 8.62 3.82
C PHE A 46 -7.03 9.10 4.19
N ILE A 47 -6.02 8.43 3.63
CA ILE A 47 -4.63 8.78 3.90
C ILE A 47 -3.95 9.36 2.67
N PRO A 48 -3.18 10.45 2.86
CA PRO A 48 -2.48 11.12 1.77
C PRO A 48 -1.31 10.28 1.23
N ILE A 49 -1.19 10.24 -0.09
CA ILE A 49 -0.13 9.48 -0.73
C ILE A 49 1.24 10.05 -0.40
N TRP A 50 1.29 11.36 -0.12
CA TRP A 50 2.54 12.02 0.22
C TRP A 50 3.11 11.48 1.53
N THR A 51 2.23 11.25 2.50
CA THR A 51 2.63 10.74 3.80
C THR A 51 3.30 9.37 3.66
N VAL A 52 2.69 8.50 2.88
CA VAL A 52 3.23 7.17 2.66
C VAL A 52 4.41 7.19 1.69
N ALA A 53 4.34 8.08 0.71
CA ALA A 53 5.40 8.21 -0.28
C ALA A 53 6.71 8.66 0.38
N ASN A 54 6.60 9.37 1.49
CA ASN A 54 7.77 9.86 2.21
C ASN A 54 8.38 8.74 3.05
N MET A 55 7.59 7.73 3.35
CA MET A 55 8.07 6.60 4.15
C MET A 55 9.43 6.13 3.67
N GLU A 56 10.36 5.95 4.61
CA GLU A 56 11.70 5.50 4.27
C GLU A 56 11.67 4.15 3.55
N GLU A 57 10.88 3.22 4.09
CA GLU A 57 10.76 1.89 3.50
C GLU A 57 10.17 1.97 2.10
N ILE A 58 9.20 2.86 1.93
CA ILE A 58 8.54 3.03 0.65
C ILE A 58 9.46 3.72 -0.36
N LYS A 59 10.25 4.66 0.13
CA LYS A 59 11.19 5.39 -0.72
C LYS A 59 12.34 4.48 -1.17
N LYS A 60 12.82 3.65 -0.26
CA LYS A 60 13.91 2.72 -0.55
C LYS A 60 13.43 1.57 -1.42
N LEU A 61 12.16 1.21 -1.25
CA LEU A 61 11.57 0.11 -2.02
C LEU A 61 11.00 0.62 -3.35
N THR A 62 10.57 1.88 -3.35
CA THR A 62 10.01 2.49 -4.55
C THR A 62 10.00 4.01 -4.45
N THR A 63 10.80 4.66 -5.29
CA THR A 63 10.89 6.12 -5.28
C THR A 63 10.13 6.71 -6.47
N ASP A 64 9.04 6.05 -6.86
CA ASP A 64 8.24 6.51 -7.98
C ASP A 64 6.77 6.66 -7.57
N PRO A 65 6.17 7.82 -7.87
CA PRO A 65 4.78 8.11 -7.54
C PRO A 65 3.81 7.29 -8.37
N ASP A 66 4.06 7.20 -9.68
CA ASP A 66 3.21 6.45 -10.58
C ASP A 66 3.20 4.97 -10.20
N LEU A 67 4.36 4.44 -9.86
CA LEU A 67 4.49 3.04 -9.47
C LEU A 67 3.71 2.75 -8.19
N ILE A 68 3.80 3.66 -7.23
CA ILE A 68 3.10 3.50 -5.97
C ILE A 68 1.59 3.58 -6.16
N LEU A 69 1.15 4.54 -6.96
CA LEU A 69 -0.28 4.72 -7.23
C LEU A 69 -0.86 3.47 -7.89
N GLU A 70 -0.10 2.89 -8.82
CA GLU A 70 -0.55 1.68 -9.52
C GLU A 70 -0.68 0.51 -8.55
N VAL A 71 0.30 0.36 -7.67
CA VAL A 71 0.29 -0.73 -6.69
C VAL A 71 -0.93 -0.62 -5.78
N LEU A 72 -1.20 0.58 -5.31
CA LEU A 72 -2.34 0.82 -4.42
C LEU A 72 -3.66 0.56 -5.14
N ARG A 73 -3.79 1.13 -6.33
CA ARG A 73 -5.01 0.97 -7.12
C ARG A 73 -5.10 -0.44 -7.70
N SER A 74 -3.96 -1.13 -7.71
CA SER A 74 -3.90 -2.50 -8.23
C SER A 74 -4.27 -3.52 -7.15
N SER A 75 -4.08 -3.13 -5.90
CA SER A 75 -4.39 -4.01 -4.78
C SER A 75 -5.84 -3.86 -4.35
N PRO A 76 -6.54 -4.99 -4.19
CA PRO A 76 -7.94 -5.00 -3.78
C PRO A 76 -8.14 -4.57 -2.34
N MET A 77 -7.05 -4.61 -1.56
CA MET A 77 -7.10 -4.22 -0.15
C MET A 77 -7.09 -2.71 -0.01
N VAL A 78 -6.79 -2.02 -1.10
CA VAL A 78 -6.74 -0.57 -1.10
C VAL A 78 -7.32 0.02 -2.39
N GLN A 79 -7.86 1.22 -2.31
CA GLN A 79 -8.44 1.89 -3.46
C GLN A 79 -8.04 3.35 -3.52
N VAL A 80 -7.43 3.75 -4.63
CA VAL A 80 -6.99 5.13 -4.82
C VAL A 80 -8.03 5.94 -5.58
N ASP A 81 -8.42 7.08 -5.01
CA ASP A 81 -9.41 7.95 -5.64
C ASP A 81 -9.11 8.11 -7.12
N GLU A 82 -10.16 8.07 -7.94
CA GLU A 82 -10.01 8.22 -9.39
C GLU A 82 -8.94 9.25 -9.73
N LYS A 83 -9.04 10.42 -9.11
CA LYS A 83 -8.08 11.49 -9.34
C LYS A 83 -6.67 11.03 -9.04
N GLY A 84 -6.49 10.32 -7.93
CA GLY A 84 -5.19 9.83 -7.55
C GLY A 84 -4.47 10.77 -6.60
N GLU A 85 -5.11 11.10 -5.49
CA GLU A 85 -4.52 11.99 -4.50
C GLU A 85 -4.61 11.39 -3.10
N LYS A 86 -5.65 10.62 -2.85
CA LYS A 86 -5.85 9.99 -1.55
C LYS A 86 -6.32 8.55 -1.72
N VAL A 87 -5.90 7.68 -0.80
CA VAL A 87 -6.27 6.27 -0.85
C VAL A 87 -6.82 5.81 0.49
N ARG A 88 -7.78 4.89 0.44
CA ARG A 88 -8.40 4.37 1.65
C ARG A 88 -8.49 2.84 1.59
N PRO A 89 -8.39 2.20 2.77
CA PRO A 89 -8.46 0.74 2.88
C PRO A 89 -9.86 0.20 2.61
N SER A 90 -10.00 -0.54 1.51
CA SER A 90 -11.28 -1.10 1.14
C SER A 90 -11.58 -2.37 1.94
N HIS A 91 -12.63 -2.31 2.75
CA HIS A 91 -13.02 -3.45 3.58
C HIS A 91 -14.03 -4.32 2.85
N LYS A 92 -13.92 -4.37 1.53
CA LYS A 92 -14.82 -5.17 0.70
C LYS A 92 -14.06 -6.29 -0.01
N ARG A 93 -13.80 -7.38 0.71
CA ARG A 93 -13.08 -8.51 0.14
C ARG A 93 -14.05 -9.51 -0.49
N CYS A 94 -13.51 -10.42 -1.28
CA CYS A 94 -14.32 -11.44 -1.94
C CYS A 94 -14.60 -12.61 -1.01
N ILE A 95 -15.88 -12.87 -0.76
CA ILE A 95 -16.28 -13.97 0.11
C ILE A 95 -15.79 -15.31 -0.42
N SER A 96 -15.36 -15.31 -1.68
CA SER A 96 -14.87 -16.53 -2.32
C SER A 96 -13.96 -16.20 -3.49
N GLY A 97 -13.22 -17.20 -3.97
CA GLY A 97 -12.32 -17.00 -5.09
C GLY A 97 -11.28 -18.10 -5.20
N PRO A 98 -10.24 -17.85 -6.00
CA PRO A 98 -9.15 -18.82 -6.22
C PRO A 98 -8.28 -19.00 -4.97
N SER A 99 -8.23 -17.95 -4.15
CA SER A 99 -7.43 -18.00 -2.93
C SER A 99 -8.28 -18.39 -1.72
N SER A 100 -7.64 -18.93 -0.71
CA SER A 100 -8.34 -19.36 0.50
C SER A 100 -7.94 -18.49 1.69
N GLY A 101 -8.70 -18.59 2.78
CA GLY A 101 -8.42 -17.82 3.97
C GLY A 101 -9.66 -17.54 4.80
N GLY A 1 10.66 -15.67 8.26
CA GLY A 1 11.20 -15.76 9.60
C GLY A 1 12.30 -16.81 9.71
N SER A 2 13.54 -16.35 9.72
CA SER A 2 14.69 -17.24 9.82
C SER A 2 14.51 -18.45 8.89
N SER A 3 14.03 -18.19 7.68
CA SER A 3 13.81 -19.25 6.70
C SER A 3 15.00 -19.37 5.77
N GLY A 4 15.45 -18.24 5.23
CA GLY A 4 16.59 -18.24 4.32
C GLY A 4 16.32 -17.43 3.08
N SER A 5 16.31 -16.10 3.23
CA SER A 5 16.07 -15.21 2.10
C SER A 5 17.30 -14.37 1.79
N SER A 6 18.02 -14.74 0.74
CA SER A 6 19.22 -14.02 0.34
C SER A 6 19.55 -14.28 -1.14
N GLY A 7 20.18 -13.30 -1.77
CA GLY A 7 20.54 -13.43 -3.17
C GLY A 7 20.27 -12.17 -3.97
N ALA A 8 20.45 -12.25 -5.27
CA ALA A 8 20.22 -11.11 -6.15
C ALA A 8 18.78 -10.61 -6.05
N VAL A 9 18.61 -9.30 -6.12
CA VAL A 9 17.28 -8.70 -6.03
C VAL A 9 16.76 -8.31 -7.42
N SER A 10 15.64 -8.90 -7.82
CA SER A 10 15.04 -8.60 -9.11
C SER A 10 13.82 -7.70 -8.97
N THR A 11 13.32 -7.20 -10.09
CA THR A 11 12.16 -6.32 -10.09
C THR A 11 10.96 -7.00 -9.44
N GLU A 12 10.84 -8.30 -9.65
CA GLU A 12 9.73 -9.06 -9.09
C GLU A 12 9.73 -8.98 -7.57
N ASP A 13 10.92 -9.10 -6.97
CA ASP A 13 11.06 -9.04 -5.52
C ASP A 13 10.75 -7.64 -5.01
N LEU A 14 11.33 -6.63 -5.65
CA LEU A 14 11.12 -5.24 -5.25
C LEU A 14 9.65 -4.87 -5.33
N LYS A 15 9.01 -5.26 -6.44
CA LYS A 15 7.59 -4.96 -6.65
C LYS A 15 6.74 -5.63 -5.57
N GLU A 16 7.04 -6.89 -5.28
CA GLU A 16 6.29 -7.64 -4.28
C GLU A 16 6.48 -7.01 -2.89
N CYS A 17 7.69 -6.53 -2.63
CA CYS A 17 7.99 -5.91 -1.34
C CYS A 17 7.12 -4.68 -1.11
N LEU A 18 7.08 -3.80 -2.11
CA LEU A 18 6.28 -2.58 -2.00
C LEU A 18 4.81 -2.91 -1.80
N LYS A 19 4.33 -3.92 -2.50
CA LYS A 19 2.93 -4.33 -2.39
C LYS A 19 2.63 -4.82 -0.98
N LYS A 20 3.54 -5.58 -0.40
CA LYS A 20 3.37 -6.10 0.95
C LYS A 20 3.39 -4.97 1.98
N GLN A 21 4.20 -3.95 1.71
CA GLN A 21 4.30 -2.82 2.63
C GLN A 21 3.00 -2.02 2.64
N LEU A 22 2.47 -1.71 1.46
CA LEU A 22 1.24 -0.96 1.35
C LEU A 22 0.07 -1.72 1.96
N GLU A 23 -0.02 -3.01 1.64
CA GLU A 23 -1.09 -3.85 2.16
C GLU A 23 -0.96 -4.01 3.67
N PHE A 24 0.25 -4.28 4.14
CA PHE A 24 0.49 -4.45 5.56
C PHE A 24 0.23 -3.15 6.33
N CYS A 25 0.74 -2.05 5.79
CA CYS A 25 0.56 -0.75 6.43
C CYS A 25 -0.92 -0.37 6.48
N PHE A 26 -1.68 -0.83 5.49
CA PHE A 26 -3.11 -0.54 5.42
C PHE A 26 -3.92 -1.63 6.12
N SER A 27 -3.22 -2.62 6.66
CA SER A 27 -3.87 -3.72 7.35
C SER A 27 -4.63 -3.23 8.57
N ARG A 28 -5.64 -3.98 9.00
CA ARG A 28 -6.44 -3.62 10.16
C ARG A 28 -5.57 -3.51 11.41
N GLU A 29 -4.70 -4.50 11.61
CA GLU A 29 -3.81 -4.52 12.77
C GLU A 29 -2.78 -3.40 12.67
N ASN A 30 -2.21 -3.24 11.48
CA ASN A 30 -1.20 -2.21 11.26
C ASN A 30 -1.79 -0.81 11.45
N LEU A 31 -3.01 -0.62 10.97
CA LEU A 31 -3.68 0.67 11.09
C LEU A 31 -3.93 1.02 12.56
N SER A 32 -4.42 0.04 13.32
CA SER A 32 -4.70 0.24 14.73
C SER A 32 -3.41 0.22 15.55
N LYS A 33 -2.34 -0.29 14.95
CA LYS A 33 -1.05 -0.38 15.61
C LYS A 33 -0.21 0.86 15.34
N ASP A 34 -0.41 1.47 14.17
CA ASP A 34 0.33 2.66 13.79
C ASP A 34 -0.43 3.92 14.20
N LEU A 35 -0.14 4.42 15.40
CA LEU A 35 -0.80 5.61 15.92
C LEU A 35 -0.61 6.78 14.96
N TYR A 36 0.61 6.94 14.45
CA TYR A 36 0.91 8.02 13.52
C TYR A 36 0.03 7.94 12.28
N LEU A 37 -0.08 6.75 11.72
CA LEU A 37 -0.89 6.54 10.52
C LEU A 37 -2.35 6.94 10.78
N ILE A 38 -2.88 6.52 11.93
CA ILE A 38 -4.25 6.83 12.29
C ILE A 38 -4.46 8.34 12.42
N SER A 39 -3.47 9.02 12.98
CA SER A 39 -3.54 10.46 13.17
C SER A 39 -3.46 11.19 11.82
N GLN A 40 -2.82 10.54 10.85
CA GLN A 40 -2.67 11.12 9.52
C GLN A 40 -3.90 10.84 8.66
N MET A 41 -4.63 9.79 9.02
CA MET A 41 -5.84 9.42 8.28
C MET A 41 -6.73 10.63 8.05
N ASP A 42 -7.79 10.44 7.28
CA ASP A 42 -8.73 11.52 6.99
C ASP A 42 -10.06 11.30 7.72
N SER A 43 -11.03 12.17 7.44
CA SER A 43 -12.33 12.08 8.07
C SER A 43 -13.05 10.79 7.65
N ASP A 44 -12.88 10.42 6.38
CA ASP A 44 -13.51 9.22 5.85
C ASP A 44 -12.53 8.05 5.83
N GLN A 45 -11.57 8.09 6.75
CA GLN A 45 -10.56 7.03 6.83
C GLN A 45 -9.71 6.98 5.57
N PHE A 46 -9.15 8.13 5.19
CA PHE A 46 -8.32 8.21 4.00
C PHE A 46 -6.90 8.66 4.35
N ILE A 47 -5.91 8.06 3.68
CA ILE A 47 -4.52 8.41 3.93
C ILE A 47 -3.90 9.11 2.73
N PRO A 48 -3.13 10.17 2.99
CA PRO A 48 -2.46 10.95 1.94
C PRO A 48 -1.34 10.17 1.27
N ILE A 49 -1.25 10.30 -0.05
CA ILE A 49 -0.22 9.61 -0.82
C ILE A 49 1.17 10.13 -0.47
N TRP A 50 1.24 11.41 -0.10
CA TRP A 50 2.51 12.03 0.27
C TRP A 50 3.11 11.36 1.49
N THR A 51 2.26 11.02 2.46
CA THR A 51 2.71 10.37 3.68
C THR A 51 3.32 9.00 3.38
N VAL A 52 2.69 8.26 2.49
CA VAL A 52 3.18 6.93 2.12
C VAL A 52 4.38 7.03 1.18
N ALA A 53 4.36 8.03 0.32
CA ALA A 53 5.44 8.25 -0.63
C ALA A 53 6.70 8.76 0.07
N ASN A 54 6.52 9.32 1.27
CA ASN A 54 7.62 9.85 2.04
C ASN A 54 8.23 8.78 2.94
N MET A 55 7.50 7.68 3.10
CA MET A 55 7.97 6.57 3.93
C MET A 55 9.33 6.08 3.46
N GLU A 56 10.26 5.93 4.40
CA GLU A 56 11.60 5.46 4.09
C GLU A 56 11.56 4.13 3.34
N GLU A 57 10.82 3.17 3.89
CA GLU A 57 10.70 1.86 3.28
C GLU A 57 10.11 1.97 1.88
N ILE A 58 9.14 2.85 1.71
CA ILE A 58 8.49 3.05 0.42
C ILE A 58 9.43 3.78 -0.55
N LYS A 59 10.26 4.66 -0.02
CA LYS A 59 11.20 5.41 -0.84
C LYS A 59 12.36 4.52 -1.30
N LYS A 60 12.82 3.66 -0.41
CA LYS A 60 13.91 2.75 -0.72
C LYS A 60 13.44 1.63 -1.65
N LEU A 61 12.17 1.28 -1.55
CA LEU A 61 11.59 0.22 -2.38
C LEU A 61 11.09 0.80 -3.71
N THR A 62 10.63 2.05 -3.67
CA THR A 62 10.12 2.71 -4.86
C THR A 62 10.22 4.23 -4.74
N THR A 63 10.82 4.86 -5.73
CA THR A 63 10.98 6.31 -5.73
C THR A 63 10.23 6.95 -6.90
N ASP A 64 9.02 6.44 -7.16
CA ASP A 64 8.19 6.96 -8.24
C ASP A 64 6.74 7.06 -7.81
N PRO A 65 6.10 8.21 -8.12
CA PRO A 65 4.69 8.45 -7.76
C PRO A 65 3.74 7.59 -8.58
N ASP A 66 4.04 7.42 -9.86
CA ASP A 66 3.21 6.62 -10.74
C ASP A 66 3.23 5.15 -10.34
N LEU A 67 4.42 4.65 -9.99
CA LEU A 67 4.59 3.27 -9.58
C LEU A 67 3.80 2.98 -8.31
N ILE A 68 3.91 3.90 -7.34
CA ILE A 68 3.21 3.74 -6.07
C ILE A 68 1.69 3.80 -6.26
N LEU A 69 1.24 4.78 -7.03
CA LEU A 69 -0.19 4.95 -7.29
C LEU A 69 -0.76 3.70 -7.94
N GLU A 70 -0.01 3.10 -8.86
CA GLU A 70 -0.44 1.90 -9.55
C GLU A 70 -0.56 0.72 -8.59
N VAL A 71 0.40 0.62 -7.66
CA VAL A 71 0.40 -0.45 -6.68
C VAL A 71 -0.79 -0.34 -5.74
N LEU A 72 -1.07 0.88 -5.29
CA LEU A 72 -2.19 1.12 -4.38
C LEU A 72 -3.52 0.85 -5.07
N ARG A 73 -3.69 1.41 -6.26
CA ARG A 73 -4.92 1.23 -7.03
C ARG A 73 -5.01 -0.19 -7.59
N SER A 74 -3.87 -0.88 -7.62
CA SER A 74 -3.82 -2.25 -8.13
C SER A 74 -4.16 -3.25 -7.04
N SER A 75 -3.94 -2.85 -5.79
CA SER A 75 -4.23 -3.72 -4.64
C SER A 75 -5.72 -3.74 -4.34
N PRO A 76 -6.29 -4.95 -4.23
CA PRO A 76 -7.72 -5.13 -3.94
C PRO A 76 -8.07 -4.73 -2.51
N MET A 77 -7.05 -4.45 -1.71
CA MET A 77 -7.26 -4.05 -0.33
C MET A 77 -7.31 -2.54 -0.19
N VAL A 78 -6.65 -1.84 -1.11
CA VAL A 78 -6.63 -0.39 -1.09
C VAL A 78 -6.96 0.18 -2.47
N GLN A 79 -7.60 1.35 -2.48
CA GLN A 79 -7.97 2.00 -3.74
C GLN A 79 -7.61 3.48 -3.71
N VAL A 80 -7.15 3.99 -4.85
CA VAL A 80 -6.77 5.39 -4.96
C VAL A 80 -7.88 6.22 -5.60
N ASP A 81 -8.21 7.34 -4.97
CA ASP A 81 -9.25 8.22 -5.48
C ASP A 81 -9.11 8.42 -6.99
N GLU A 82 -10.24 8.40 -7.70
CA GLU A 82 -10.24 8.57 -9.15
C GLU A 82 -9.18 9.59 -9.57
N LYS A 83 -9.22 10.77 -8.95
CA LYS A 83 -8.28 11.83 -9.26
C LYS A 83 -6.86 11.40 -8.94
N GLY A 84 -6.66 10.83 -7.75
CA GLY A 84 -5.34 10.38 -7.35
C GLY A 84 -4.70 11.30 -6.34
N GLU A 85 -5.36 11.46 -5.18
CA GLU A 85 -4.83 12.33 -4.13
C GLU A 85 -4.81 11.60 -2.79
N LYS A 86 -5.77 10.70 -2.59
CA LYS A 86 -5.86 9.93 -1.35
C LYS A 86 -6.28 8.49 -1.64
N VAL A 87 -5.88 7.58 -0.75
CA VAL A 87 -6.22 6.18 -0.91
C VAL A 87 -6.80 5.60 0.38
N ARG A 88 -7.89 4.84 0.25
CA ARG A 88 -8.54 4.25 1.40
C ARG A 88 -8.55 2.72 1.28
N PRO A 89 -8.40 2.03 2.43
CA PRO A 89 -8.39 0.58 2.48
C PRO A 89 -9.77 -0.03 2.20
N SER A 90 -9.92 -0.59 1.00
CA SER A 90 -11.19 -1.19 0.60
C SER A 90 -11.56 -2.34 1.54
N HIS A 91 -12.45 -2.04 2.49
CA HIS A 91 -12.89 -3.04 3.45
C HIS A 91 -14.14 -3.76 2.95
N LYS A 92 -14.17 -4.05 1.66
CA LYS A 92 -15.30 -4.74 1.05
C LYS A 92 -14.86 -5.51 -0.20
N ARG A 93 -15.54 -6.62 -0.46
CA ARG A 93 -15.22 -7.45 -1.63
C ARG A 93 -16.24 -7.23 -2.73
N CYS A 94 -15.88 -7.65 -3.95
CA CYS A 94 -16.77 -7.50 -5.10
C CYS A 94 -17.38 -8.84 -5.48
N ILE A 95 -18.57 -8.80 -6.09
CA ILE A 95 -19.26 -10.01 -6.51
C ILE A 95 -19.20 -10.18 -8.02
N SER A 96 -19.42 -9.10 -8.76
CA SER A 96 -19.38 -9.13 -10.21
C SER A 96 -18.32 -8.19 -10.76
N GLY A 97 -17.14 -8.73 -11.03
CA GLY A 97 -16.05 -7.93 -11.55
C GLY A 97 -15.91 -6.60 -10.82
N PRO A 98 -15.28 -5.62 -11.48
CA PRO A 98 -15.06 -4.29 -10.90
C PRO A 98 -16.36 -3.50 -10.77
N SER A 99 -16.47 -2.73 -9.68
CA SER A 99 -17.66 -1.93 -9.43
C SER A 99 -17.66 -0.66 -10.28
N SER A 100 -18.75 -0.42 -10.99
CA SER A 100 -18.86 0.75 -11.85
C SER A 100 -19.46 1.92 -11.08
N GLY A 101 -18.70 3.01 -10.99
CA GLY A 101 -19.16 4.19 -10.27
C GLY A 101 -18.07 5.22 -10.10
N GLY A 1 20.33 7.98 9.31
CA GLY A 1 20.47 6.55 9.58
C GLY A 1 21.33 5.85 8.56
N SER A 2 22.38 5.18 9.03
CA SER A 2 23.29 4.47 8.14
C SER A 2 22.51 3.58 7.18
N SER A 3 22.72 3.80 5.89
CA SER A 3 22.04 3.01 4.86
C SER A 3 22.55 3.37 3.47
N GLY A 4 22.43 2.44 2.54
CA GLY A 4 22.88 2.68 1.17
C GLY A 4 22.73 1.45 0.29
N SER A 5 21.94 1.60 -0.78
CA SER A 5 21.71 0.50 -1.71
C SER A 5 21.72 0.99 -3.15
N SER A 6 22.72 0.56 -3.90
CA SER A 6 22.85 0.96 -5.30
C SER A 6 22.69 -0.24 -6.22
N GLY A 7 22.37 0.03 -7.48
CA GLY A 7 22.19 -1.04 -8.45
C GLY A 7 20.91 -1.81 -8.24
N ALA A 8 20.25 -2.18 -9.33
CA ALA A 8 19.00 -2.93 -9.27
C ALA A 8 19.25 -4.43 -9.23
N VAL A 9 18.45 -5.14 -8.46
CA VAL A 9 18.59 -6.58 -8.33
C VAL A 9 17.47 -7.31 -9.07
N SER A 10 16.25 -6.83 -8.89
CA SER A 10 15.09 -7.43 -9.54
C SER A 10 13.83 -6.60 -9.29
N THR A 11 13.31 -5.99 -10.35
CA THR A 11 12.11 -5.16 -10.24
C THR A 11 10.94 -5.97 -9.72
N GLU A 12 10.92 -7.26 -10.04
CA GLU A 12 9.85 -8.14 -9.59
C GLU A 12 9.78 -8.20 -8.07
N ASP A 13 10.94 -8.30 -7.44
CA ASP A 13 11.03 -8.37 -5.98
C ASP A 13 10.75 -7.00 -5.36
N LEU A 14 11.19 -5.95 -6.03
CA LEU A 14 10.99 -4.60 -5.54
C LEU A 14 9.52 -4.21 -5.57
N LYS A 15 8.86 -4.50 -6.69
CA LYS A 15 7.44 -4.20 -6.85
C LYS A 15 6.60 -5.01 -5.86
N GLU A 16 6.91 -6.29 -5.74
CA GLU A 16 6.18 -7.17 -4.84
C GLU A 16 6.36 -6.72 -3.40
N CYS A 17 7.57 -6.29 -3.06
CA CYS A 17 7.87 -5.83 -1.71
C CYS A 17 7.02 -4.63 -1.33
N LEU A 18 6.97 -3.65 -2.24
CA LEU A 18 6.19 -2.43 -2.00
C LEU A 18 4.71 -2.76 -1.80
N LYS A 19 4.20 -3.69 -2.60
CA LYS A 19 2.81 -4.11 -2.50
C LYS A 19 2.51 -4.71 -1.13
N LYS A 20 3.44 -5.51 -0.63
CA LYS A 20 3.29 -6.15 0.67
C LYS A 20 3.31 -5.13 1.79
N GLN A 21 4.18 -4.13 1.66
CA GLN A 21 4.29 -3.08 2.67
C GLN A 21 3.00 -2.28 2.77
N LEU A 22 2.44 -1.92 1.62
CA LEU A 22 1.20 -1.15 1.58
C LEU A 22 0.04 -1.96 2.15
N GLU A 23 -0.03 -3.23 1.76
CA GLU A 23 -1.10 -4.12 2.23
C GLU A 23 -0.97 -4.36 3.74
N PHE A 24 0.25 -4.65 4.18
CA PHE A 24 0.50 -4.91 5.59
C PHE A 24 0.29 -3.65 6.42
N CYS A 25 0.75 -2.52 5.92
CA CYS A 25 0.60 -1.25 6.62
C CYS A 25 -0.87 -0.85 6.70
N PHE A 26 -1.65 -1.24 5.70
CA PHE A 26 -3.06 -0.92 5.67
C PHE A 26 -3.89 -2.01 6.35
N SER A 27 -3.21 -3.03 6.84
CA SER A 27 -3.87 -4.14 7.52
C SER A 27 -4.67 -3.65 8.71
N ARG A 28 -5.64 -4.45 9.13
CA ARG A 28 -6.49 -4.09 10.27
C ARG A 28 -5.66 -3.94 11.54
N GLU A 29 -4.77 -4.91 11.78
CA GLU A 29 -3.92 -4.89 12.96
C GLU A 29 -2.88 -3.78 12.86
N ASN A 30 -2.30 -3.63 11.67
CA ASN A 30 -1.28 -2.62 11.44
C ASN A 30 -1.87 -1.21 11.56
N LEU A 31 -3.10 -1.06 11.06
CA LEU A 31 -3.79 0.22 11.11
C LEU A 31 -4.08 0.63 12.55
N SER A 32 -4.58 -0.31 13.34
CA SER A 32 -4.91 -0.06 14.74
C SER A 32 -3.64 0.02 15.59
N LYS A 33 -2.55 -0.50 15.04
CA LYS A 33 -1.27 -0.49 15.76
C LYS A 33 -0.43 0.72 15.35
N ASP A 34 -0.63 1.19 14.14
CA ASP A 34 0.10 2.35 13.63
C ASP A 34 -0.61 3.65 14.01
N LEU A 35 -0.39 4.09 15.24
CA LEU A 35 -1.01 5.33 15.74
C LEU A 35 -0.71 6.50 14.80
N TYR A 36 0.53 6.55 14.32
CA TYR A 36 0.95 7.62 13.43
C TYR A 36 0.11 7.64 12.16
N LEU A 37 -0.08 6.46 11.56
CA LEU A 37 -0.88 6.34 10.34
C LEU A 37 -2.31 6.83 10.57
N ILE A 38 -2.86 6.49 11.73
CA ILE A 38 -4.23 6.90 12.07
C ILE A 38 -4.30 8.40 12.30
N SER A 39 -3.24 8.96 12.88
CA SER A 39 -3.19 10.39 13.16
C SER A 39 -3.08 11.19 11.86
N GLN A 40 -2.49 10.58 10.84
CA GLN A 40 -2.31 11.23 9.56
C GLN A 40 -3.56 11.06 8.69
N MET A 41 -4.30 10.00 8.93
CA MET A 41 -5.52 9.72 8.17
C MET A 41 -6.35 10.99 8.01
N ASP A 42 -7.32 10.94 7.10
CA ASP A 42 -8.19 12.09 6.84
C ASP A 42 -9.55 11.89 7.51
N SER A 43 -10.40 12.90 7.40
CA SER A 43 -11.74 12.84 7.99
C SER A 43 -12.51 11.63 7.48
N ASP A 44 -12.34 11.33 6.19
CA ASP A 44 -13.02 10.19 5.59
C ASP A 44 -12.14 8.95 5.63
N GLN A 45 -11.28 8.88 6.64
CA GLN A 45 -10.39 7.74 6.81
C GLN A 45 -9.49 7.56 5.59
N PHE A 46 -9.14 8.68 4.96
CA PHE A 46 -8.29 8.66 3.77
C PHE A 46 -6.86 9.07 4.12
N ILE A 47 -5.90 8.35 3.55
CA ILE A 47 -4.48 8.64 3.80
C ILE A 47 -3.86 9.38 2.63
N PRO A 48 -3.05 10.40 2.93
CA PRO A 48 -2.36 11.20 1.91
C PRO A 48 -1.27 10.41 1.19
N ILE A 49 -1.18 10.58 -0.12
CA ILE A 49 -0.18 9.89 -0.92
C ILE A 49 1.22 10.36 -0.56
N TRP A 50 1.33 11.62 -0.17
CA TRP A 50 2.62 12.21 0.20
C TRP A 50 3.25 11.44 1.36
N THR A 51 2.42 11.05 2.32
CA THR A 51 2.88 10.31 3.49
C THR A 51 3.41 8.93 3.09
N VAL A 52 2.68 8.25 2.22
CA VAL A 52 3.08 6.93 1.76
C VAL A 52 4.37 6.99 0.95
N ALA A 53 4.45 7.96 0.05
CA ALA A 53 5.64 8.13 -0.78
C ALA A 53 6.81 8.68 0.03
N ASN A 54 6.50 9.26 1.19
CA ASN A 54 7.52 9.83 2.06
C ASN A 54 8.09 8.76 2.99
N MET A 55 7.31 7.70 3.21
CA MET A 55 7.74 6.61 4.08
C MET A 55 9.15 6.16 3.73
N GLU A 56 9.95 5.85 4.75
CA GLU A 56 11.32 5.41 4.56
C GLU A 56 11.36 4.12 3.74
N GLU A 57 10.57 3.13 4.16
CA GLU A 57 10.53 1.85 3.47
C GLU A 57 9.98 2.02 2.05
N ILE A 58 8.97 2.88 1.90
CA ILE A 58 8.38 3.13 0.60
C ILE A 58 9.34 3.87 -0.33
N LYS A 59 10.17 4.72 0.28
CA LYS A 59 11.15 5.50 -0.49
C LYS A 59 12.27 4.61 -1.00
N LYS A 60 12.79 3.76 -0.11
CA LYS A 60 13.87 2.84 -0.48
C LYS A 60 13.38 1.78 -1.45
N LEU A 61 12.10 1.45 -1.37
CA LEU A 61 11.51 0.45 -2.25
C LEU A 61 11.05 1.06 -3.56
N THR A 62 10.58 2.32 -3.48
CA THR A 62 10.11 3.03 -4.66
C THR A 62 10.31 4.53 -4.52
N THR A 63 10.69 5.18 -5.61
CA THR A 63 10.92 6.62 -5.60
C THR A 63 10.09 7.32 -6.68
N ASP A 64 8.96 6.71 -7.03
CA ASP A 64 8.08 7.27 -8.06
C ASP A 64 6.63 7.28 -7.58
N PRO A 65 5.93 8.39 -7.84
CA PRO A 65 4.52 8.55 -7.45
C PRO A 65 3.60 7.65 -8.26
N ASP A 66 3.83 7.59 -9.57
CA ASP A 66 3.00 6.77 -10.45
C ASP A 66 3.11 5.30 -10.06
N LEU A 67 4.33 4.85 -9.75
CA LEU A 67 4.55 3.47 -9.37
C LEU A 67 3.80 3.11 -8.09
N ILE A 68 3.88 4.00 -7.10
CA ILE A 68 3.19 3.79 -5.83
C ILE A 68 1.68 3.72 -6.03
N LEU A 69 1.14 4.63 -6.82
CA LEU A 69 -0.29 4.67 -7.09
C LEU A 69 -0.75 3.39 -7.78
N GLU A 70 0.10 2.86 -8.65
CA GLU A 70 -0.21 1.63 -9.38
C GLU A 70 -0.33 0.45 -8.43
N VAL A 71 0.62 0.35 -7.49
CA VAL A 71 0.63 -0.73 -6.52
C VAL A 71 -0.63 -0.71 -5.67
N LEU A 72 -0.99 0.48 -5.17
CA LEU A 72 -2.17 0.63 -4.33
C LEU A 72 -3.44 0.28 -5.11
N ARG A 73 -3.56 0.83 -6.31
CA ARG A 73 -4.71 0.58 -7.15
C ARG A 73 -4.81 -0.90 -7.54
N SER A 74 -3.64 -1.54 -7.69
CA SER A 74 -3.59 -2.94 -8.05
C SER A 74 -3.93 -3.83 -6.86
N SER A 75 -3.99 -3.22 -5.68
CA SER A 75 -4.30 -3.95 -4.45
C SER A 75 -5.77 -3.75 -4.06
N PRO A 76 -6.52 -4.87 -4.01
CA PRO A 76 -7.93 -4.85 -3.65
C PRO A 76 -8.16 -4.52 -2.18
N MET A 77 -7.07 -4.41 -1.43
CA MET A 77 -7.15 -4.09 -0.01
C MET A 77 -7.09 -2.58 0.20
N VAL A 78 -7.16 -1.83 -0.88
CA VAL A 78 -7.12 -0.37 -0.81
C VAL A 78 -7.89 0.26 -1.97
N GLN A 79 -8.26 1.53 -1.81
CA GLN A 79 -8.99 2.25 -2.84
C GLN A 79 -8.28 3.54 -3.22
N VAL A 80 -8.12 3.76 -4.52
CA VAL A 80 -7.44 4.95 -5.02
C VAL A 80 -8.42 5.87 -5.76
N ASP A 81 -8.45 7.13 -5.38
CA ASP A 81 -9.34 8.10 -6.01
C ASP A 81 -9.14 8.11 -7.52
N GLU A 82 -10.26 8.11 -8.26
CA GLU A 82 -10.21 8.11 -9.71
C GLU A 82 -9.03 8.94 -10.22
N LYS A 83 -8.81 10.09 -9.58
CA LYS A 83 -7.71 10.97 -9.96
C LYS A 83 -6.39 10.46 -9.41
N GLY A 84 -6.40 9.98 -8.18
CA GLY A 84 -5.19 9.47 -7.56
C GLY A 84 -4.53 10.48 -6.64
N GLU A 85 -5.32 11.05 -5.74
CA GLU A 85 -4.80 12.05 -4.81
C GLU A 85 -4.78 11.49 -3.39
N LYS A 86 -5.74 10.63 -3.08
CA LYS A 86 -5.84 10.02 -1.76
C LYS A 86 -6.22 8.56 -1.86
N VAL A 87 -5.74 7.75 -0.91
CA VAL A 87 -6.04 6.32 -0.90
C VAL A 87 -6.46 5.87 0.49
N ARG A 88 -7.51 5.05 0.56
CA ARG A 88 -8.01 4.55 1.83
C ARG A 88 -8.18 3.03 1.78
N PRO A 89 -8.05 2.39 2.95
CA PRO A 89 -8.18 0.93 3.06
C PRO A 89 -9.62 0.46 2.86
N SER A 90 -9.80 -0.43 1.89
CA SER A 90 -11.13 -0.96 1.58
C SER A 90 -11.32 -2.34 2.22
N HIS A 91 -12.18 -2.40 3.24
CA HIS A 91 -12.45 -3.66 3.93
C HIS A 91 -13.88 -4.12 3.66
N LYS A 92 -14.35 -3.91 2.43
CA LYS A 92 -15.69 -4.30 2.04
C LYS A 92 -15.70 -5.70 1.43
N ARG A 93 -14.94 -6.62 2.03
CA ARG A 93 -14.86 -7.98 1.55
C ARG A 93 -14.35 -8.92 2.64
N CYS A 94 -14.88 -10.14 2.66
CA CYS A 94 -14.48 -11.13 3.65
C CYS A 94 -13.15 -11.76 3.28
N ILE A 95 -12.13 -11.48 4.08
CA ILE A 95 -10.79 -12.01 3.85
C ILE A 95 -10.77 -13.52 4.02
N SER A 96 -11.52 -14.01 5.01
CA SER A 96 -11.58 -15.45 5.28
C SER A 96 -10.20 -16.00 5.58
N GLY A 97 -9.45 -15.30 6.43
CA GLY A 97 -8.12 -15.74 6.80
C GLY A 97 -7.04 -14.75 6.38
N PRO A 98 -6.82 -13.73 7.23
CA PRO A 98 -5.83 -12.69 6.97
C PRO A 98 -4.40 -13.22 7.07
N SER A 99 -4.26 -14.49 7.44
CA SER A 99 -2.95 -15.11 7.58
C SER A 99 -2.09 -14.33 8.56
N SER A 100 -2.68 -13.95 9.68
CA SER A 100 -1.97 -13.19 10.71
C SER A 100 -2.08 -13.87 12.06
N GLY A 101 -0.94 -14.31 12.60
CA GLY A 101 -0.92 -14.97 13.88
C GLY A 101 -1.82 -16.20 13.91
N GLY A 1 1.62 -22.28 -4.99
CA GLY A 1 2.52 -23.05 -5.84
C GLY A 1 3.87 -22.40 -6.00
N SER A 2 4.78 -23.08 -6.70
CA SER A 2 6.12 -22.56 -6.92
C SER A 2 6.36 -22.29 -8.40
N SER A 3 6.73 -21.05 -8.71
CA SER A 3 6.99 -20.66 -10.10
C SER A 3 8.41 -21.03 -10.51
N GLY A 4 9.39 -20.44 -9.84
CA GLY A 4 10.78 -20.71 -10.14
C GLY A 4 11.47 -19.54 -10.80
N SER A 5 11.70 -18.49 -10.03
CA SER A 5 12.36 -17.28 -10.54
C SER A 5 13.85 -17.53 -10.75
N SER A 6 14.32 -17.29 -11.96
CA SER A 6 15.73 -17.49 -12.29
C SER A 6 16.35 -16.21 -12.86
N GLY A 7 17.68 -16.16 -12.88
CA GLY A 7 18.37 -14.99 -13.40
C GLY A 7 18.39 -13.85 -12.41
N ALA A 8 17.77 -12.73 -12.77
CA ALA A 8 17.74 -11.56 -11.90
C ALA A 8 16.50 -10.72 -12.18
N VAL A 9 15.60 -10.65 -11.19
CA VAL A 9 14.37 -9.88 -11.32
C VAL A 9 14.27 -8.81 -10.25
N SER A 10 14.94 -7.67 -10.47
CA SER A 10 14.93 -6.58 -9.52
C SER A 10 13.57 -5.88 -9.52
N THR A 11 12.99 -5.73 -10.70
CA THR A 11 11.70 -5.06 -10.83
C THR A 11 10.59 -5.87 -10.15
N GLU A 12 10.64 -7.19 -10.32
CA GLU A 12 9.65 -8.08 -9.72
C GLU A 12 9.78 -8.08 -8.20
N ASP A 13 11.01 -8.15 -7.72
CA ASP A 13 11.27 -8.16 -6.29
C ASP A 13 10.92 -6.82 -5.65
N LEU A 14 11.18 -5.74 -6.38
CA LEU A 14 10.89 -4.40 -5.89
C LEU A 14 9.38 -4.15 -5.85
N LYS A 15 8.69 -4.50 -6.93
CA LYS A 15 7.25 -4.32 -7.01
C LYS A 15 6.54 -5.20 -5.99
N GLU A 16 6.96 -6.46 -5.90
CA GLU A 16 6.35 -7.41 -4.97
C GLU A 16 6.54 -6.93 -3.53
N CYS A 17 7.71 -6.38 -3.25
CA CYS A 17 8.02 -5.89 -1.91
C CYS A 17 7.12 -4.71 -1.53
N LEU A 18 7.06 -3.72 -2.42
CA LEU A 18 6.23 -2.54 -2.19
C LEU A 18 4.77 -2.93 -2.00
N LYS A 19 4.32 -3.92 -2.78
CA LYS A 19 2.94 -4.37 -2.70
C LYS A 19 2.63 -4.95 -1.32
N LYS A 20 3.55 -5.76 -0.81
CA LYS A 20 3.38 -6.37 0.51
C LYS A 20 3.41 -5.32 1.61
N GLN A 21 4.24 -4.30 1.43
CA GLN A 21 4.36 -3.23 2.41
C GLN A 21 3.06 -2.44 2.51
N LEU A 22 2.52 -2.03 1.37
CA LEU A 22 1.28 -1.27 1.33
C LEU A 22 0.13 -2.07 1.94
N GLU A 23 0.04 -3.34 1.56
CA GLU A 23 -1.01 -4.22 2.06
C GLU A 23 -0.91 -4.38 3.58
N PHE A 24 0.31 -4.60 4.06
CA PHE A 24 0.55 -4.77 5.50
C PHE A 24 0.35 -3.45 6.24
N CYS A 25 0.73 -2.35 5.59
CA CYS A 25 0.59 -1.03 6.18
C CYS A 25 -0.87 -0.65 6.34
N PHE A 26 -1.68 -1.02 5.36
CA PHE A 26 -3.12 -0.71 5.38
C PHE A 26 -3.88 -1.78 6.17
N SER A 27 -3.16 -2.77 6.67
CA SER A 27 -3.77 -3.85 7.44
C SER A 27 -4.50 -3.30 8.67
N ARG A 28 -5.49 -4.05 9.13
CA ARG A 28 -6.27 -3.63 10.30
C ARG A 28 -5.37 -3.53 11.54
N GLU A 29 -4.48 -4.51 11.70
CA GLU A 29 -3.57 -4.52 12.84
C GLU A 29 -2.53 -3.42 12.72
N ASN A 30 -2.00 -3.24 11.52
CA ASN A 30 -0.99 -2.22 11.27
C ASN A 30 -1.58 -0.83 11.40
N LEU A 31 -2.81 -0.67 10.93
CA LEU A 31 -3.49 0.62 11.00
C LEU A 31 -3.73 1.04 12.45
N SER A 32 -4.17 0.09 13.27
CA SER A 32 -4.44 0.35 14.68
C SER A 32 -3.13 0.51 15.45
N LYS A 33 -2.08 -0.15 14.99
CA LYS A 33 -0.78 -0.08 15.64
C LYS A 33 0.00 1.15 15.17
N ASP A 34 -0.28 1.58 13.94
CA ASP A 34 0.38 2.75 13.38
C ASP A 34 -0.33 4.04 13.78
N LEU A 35 -0.12 4.47 15.02
CA LEU A 35 -0.75 5.68 15.53
C LEU A 35 -0.46 6.86 14.60
N TYR A 36 0.69 6.84 13.95
CA TYR A 36 1.07 7.91 13.04
C TYR A 36 0.16 7.95 11.82
N LEU A 37 -0.08 6.78 11.23
CA LEU A 37 -0.95 6.67 10.06
C LEU A 37 -2.37 7.12 10.39
N ILE A 38 -2.84 6.75 11.57
CA ILE A 38 -4.19 7.12 12.00
C ILE A 38 -4.30 8.63 12.21
N SER A 39 -3.23 9.24 12.72
CA SER A 39 -3.21 10.67 12.97
C SER A 39 -3.23 11.45 11.65
N GLN A 40 -2.60 10.88 10.63
CA GLN A 40 -2.54 11.52 9.32
C GLN A 40 -3.81 11.26 8.53
N MET A 41 -4.52 10.19 8.88
CA MET A 41 -5.77 9.83 8.20
C MET A 41 -6.72 11.03 8.16
N ASP A 42 -7.79 10.89 7.38
CA ASP A 42 -8.77 11.95 7.25
C ASP A 42 -10.11 11.52 7.82
N SER A 43 -11.10 12.40 7.74
CA SER A 43 -12.44 12.11 8.26
C SER A 43 -13.01 10.86 7.60
N ASP A 44 -12.86 10.77 6.29
CA ASP A 44 -13.36 9.61 5.54
C ASP A 44 -12.35 8.47 5.56
N GLN A 45 -11.44 8.50 6.53
CA GLN A 45 -10.41 7.48 6.67
C GLN A 45 -9.50 7.46 5.46
N PHE A 46 -9.36 8.62 4.81
CA PHE A 46 -8.51 8.75 3.64
C PHE A 46 -7.08 9.12 4.03
N ILE A 47 -6.12 8.46 3.39
CA ILE A 47 -4.71 8.72 3.68
C ILE A 47 -4.03 9.41 2.50
N PRO A 48 -3.19 10.42 2.82
CA PRO A 48 -2.45 11.19 1.81
C PRO A 48 -1.37 10.36 1.12
N ILE A 49 -1.35 10.40 -0.21
CA ILE A 49 -0.37 9.66 -0.98
C ILE A 49 1.04 10.09 -0.62
N TRP A 50 1.20 11.37 -0.28
CA TRP A 50 2.50 11.90 0.08
C TRP A 50 3.08 11.16 1.28
N THR A 51 2.22 10.83 2.24
CA THR A 51 2.65 10.12 3.44
C THR A 51 3.18 8.73 3.10
N VAL A 52 2.47 8.03 2.22
CA VAL A 52 2.87 6.69 1.81
C VAL A 52 4.19 6.72 1.05
N ALA A 53 4.32 7.66 0.12
CA ALA A 53 5.53 7.81 -0.67
C ALA A 53 6.67 8.38 0.16
N ASN A 54 6.32 8.98 1.29
CA ASN A 54 7.32 9.57 2.18
C ASN A 54 7.83 8.54 3.18
N MET A 55 7.18 7.39 3.22
CA MET A 55 7.57 6.32 4.13
C MET A 55 9.03 5.92 3.91
N GLU A 56 9.73 5.67 5.01
CA GLU A 56 11.14 5.28 4.93
C GLU A 56 11.31 3.98 4.16
N GLU A 57 10.54 2.97 4.55
CA GLU A 57 10.60 1.67 3.89
C GLU A 57 10.17 1.78 2.42
N ILE A 58 9.19 2.62 2.16
CA ILE A 58 8.68 2.82 0.81
C ILE A 58 9.70 3.58 -0.05
N LYS A 59 10.39 4.52 0.57
CA LYS A 59 11.39 5.31 -0.13
C LYS A 59 12.61 4.46 -0.49
N LYS A 60 13.05 3.65 0.45
CA LYS A 60 14.20 2.77 0.24
C LYS A 60 13.88 1.69 -0.78
N LEU A 61 12.62 1.26 -0.80
CA LEU A 61 12.18 0.22 -1.73
C LEU A 61 11.94 0.81 -3.12
N THR A 62 11.42 2.02 -3.17
CA THR A 62 11.14 2.69 -4.43
C THR A 62 10.88 4.18 -4.22
N THR A 63 11.33 4.99 -5.18
CA THR A 63 11.13 6.44 -5.10
C THR A 63 10.28 6.94 -6.25
N ASP A 64 9.49 6.05 -6.83
CA ASP A 64 8.61 6.40 -7.93
C ASP A 64 7.17 6.57 -7.47
N PRO A 65 6.60 7.76 -7.69
CA PRO A 65 5.23 8.07 -7.30
C PRO A 65 4.20 7.31 -8.13
N ASP A 66 4.48 7.16 -9.42
CA ASP A 66 3.59 6.45 -10.33
C ASP A 66 3.46 4.98 -9.93
N LEU A 67 4.58 4.38 -9.57
CA LEU A 67 4.60 2.97 -9.18
C LEU A 67 3.77 2.75 -7.92
N ILE A 68 3.92 3.65 -6.96
CA ILE A 68 3.17 3.56 -5.71
C ILE A 68 1.67 3.61 -5.95
N LEU A 69 1.23 4.57 -6.74
CA LEU A 69 -0.18 4.72 -7.07
C LEU A 69 -0.70 3.49 -7.79
N GLU A 70 0.12 2.93 -8.67
CA GLU A 70 -0.27 1.74 -9.43
C GLU A 70 -0.46 0.55 -8.50
N VAL A 71 0.47 0.36 -7.58
CA VAL A 71 0.41 -0.75 -6.63
C VAL A 71 -0.83 -0.66 -5.76
N LEU A 72 -1.12 0.55 -5.28
CA LEU A 72 -2.29 0.78 -4.42
C LEU A 72 -3.58 0.50 -5.20
N ARG A 73 -3.68 1.08 -6.39
CA ARG A 73 -4.87 0.89 -7.22
C ARG A 73 -4.95 -0.54 -7.72
N SER A 74 -3.83 -1.26 -7.66
CA SER A 74 -3.79 -2.64 -8.12
C SER A 74 -4.21 -3.60 -7.00
N SER A 75 -4.15 -3.13 -5.76
CA SER A 75 -4.51 -3.94 -4.61
C SER A 75 -5.95 -3.65 -4.18
N PRO A 76 -6.72 -4.73 -3.96
CA PRO A 76 -8.13 -4.62 -3.54
C PRO A 76 -8.27 -4.09 -2.12
N MET A 77 -7.30 -4.41 -1.27
CA MET A 77 -7.32 -3.96 0.12
C MET A 77 -7.32 -2.44 0.20
N VAL A 78 -6.84 -1.80 -0.86
CA VAL A 78 -6.78 -0.34 -0.91
C VAL A 78 -7.39 0.18 -2.20
N GLN A 79 -7.97 1.38 -2.13
CA GLN A 79 -8.59 2.01 -3.29
C GLN A 79 -8.19 3.47 -3.42
N VAL A 80 -7.72 3.86 -4.60
CA VAL A 80 -7.30 5.22 -4.85
C VAL A 80 -8.40 6.02 -5.52
N ASP A 81 -8.72 7.18 -4.95
CA ASP A 81 -9.77 8.05 -5.49
C ASP A 81 -9.58 8.24 -7.00
N GLU A 82 -10.69 8.37 -7.72
CA GLU A 82 -10.64 8.56 -9.16
C GLU A 82 -9.57 9.59 -9.54
N LYS A 83 -9.61 10.74 -8.89
CA LYS A 83 -8.64 11.80 -9.15
C LYS A 83 -7.22 11.32 -8.90
N GLY A 84 -7.03 10.60 -7.80
CA GLY A 84 -5.72 10.09 -7.46
C GLY A 84 -4.96 11.02 -6.51
N GLU A 85 -5.62 11.39 -5.41
CA GLU A 85 -4.99 12.27 -4.43
C GLU A 85 -4.98 11.62 -3.05
N LYS A 86 -5.86 10.66 -2.84
CA LYS A 86 -5.95 9.96 -1.56
C LYS A 86 -6.40 8.51 -1.78
N VAL A 87 -6.04 7.64 -0.83
CA VAL A 87 -6.41 6.24 -0.89
C VAL A 87 -6.94 5.73 0.44
N ARG A 88 -7.91 4.83 0.38
CA ARG A 88 -8.50 4.27 1.58
C ARG A 88 -8.56 2.74 1.50
N PRO A 89 -8.43 2.08 2.66
CA PRO A 89 -8.47 0.63 2.75
C PRO A 89 -9.87 0.06 2.48
N SER A 90 -10.02 -0.59 1.34
CA SER A 90 -11.30 -1.17 0.96
C SER A 90 -12.00 -1.80 2.16
N HIS A 91 -13.23 -1.38 2.42
CA HIS A 91 -14.00 -1.91 3.54
C HIS A 91 -14.93 -3.03 3.09
N LYS A 92 -14.63 -3.60 1.93
CA LYS A 92 -15.44 -4.69 1.38
C LYS A 92 -14.65 -6.00 1.37
N ARG A 93 -15.16 -7.00 2.06
CA ARG A 93 -14.51 -8.30 2.13
C ARG A 93 -13.89 -8.67 0.79
N CYS A 94 -12.57 -8.78 0.76
CA CYS A 94 -11.85 -9.12 -0.47
C CYS A 94 -10.52 -9.80 -0.15
N ILE A 95 -10.17 -10.81 -0.95
CA ILE A 95 -8.92 -11.54 -0.75
C ILE A 95 -8.21 -11.75 -2.07
N SER A 96 -6.89 -11.54 -2.07
CA SER A 96 -6.09 -11.72 -3.28
C SER A 96 -5.19 -12.94 -3.15
N GLY A 97 -4.58 -13.34 -4.26
CA GLY A 97 -3.69 -14.49 -4.26
C GLY A 97 -2.45 -14.28 -5.10
N PRO A 98 -1.36 -14.95 -4.73
CA PRO A 98 -0.08 -14.85 -5.46
C PRO A 98 -0.14 -15.50 -6.83
N SER A 99 -1.25 -16.18 -7.13
CA SER A 99 -1.43 -16.84 -8.41
C SER A 99 -1.44 -15.82 -9.54
N SER A 100 -0.64 -16.09 -10.57
CA SER A 100 -0.55 -15.20 -11.73
C SER A 100 -1.91 -15.07 -12.41
N GLY A 101 -1.93 -14.30 -13.49
CA GLY A 101 -3.17 -14.11 -14.23
C GLY A 101 -3.24 -12.75 -14.90
N GLY A 1 16.51 -21.88 6.27
CA GLY A 1 16.50 -21.03 5.10
C GLY A 1 15.16 -21.03 4.39
N SER A 2 15.19 -21.09 3.07
CA SER A 2 13.97 -21.10 2.27
C SER A 2 14.26 -21.53 0.84
N SER A 3 13.20 -21.86 0.10
CA SER A 3 13.33 -22.29 -1.28
C SER A 3 13.82 -21.16 -2.16
N GLY A 4 14.06 -21.46 -3.43
CA GLY A 4 14.54 -20.45 -4.36
C GLY A 4 14.24 -20.80 -5.81
N SER A 5 15.28 -20.99 -6.61
CA SER A 5 15.12 -21.33 -8.02
C SER A 5 14.10 -20.40 -8.68
N SER A 6 14.18 -19.11 -8.36
CA SER A 6 13.27 -18.13 -8.92
C SER A 6 13.94 -17.35 -10.05
N GLY A 7 15.11 -16.80 -9.76
CA GLY A 7 15.83 -16.03 -10.77
C GLY A 7 16.43 -14.76 -10.21
N ALA A 8 16.95 -13.92 -11.09
CA ALA A 8 17.56 -12.65 -10.68
C ALA A 8 16.62 -11.48 -10.95
N VAL A 9 15.32 -11.71 -10.76
CA VAL A 9 14.33 -10.67 -10.99
C VAL A 9 14.62 -9.42 -10.16
N SER A 10 14.19 -8.26 -10.65
CA SER A 10 14.40 -7.00 -9.96
C SER A 10 13.10 -6.23 -9.80
N THR A 11 12.52 -5.85 -10.94
CA THR A 11 11.26 -5.09 -10.94
C THR A 11 10.16 -5.88 -10.26
N GLU A 12 10.13 -7.19 -10.49
CA GLU A 12 9.12 -8.05 -9.89
C GLU A 12 9.28 -8.10 -8.38
N ASP A 13 10.52 -8.17 -7.92
CA ASP A 13 10.81 -8.22 -6.48
C ASP A 13 10.51 -6.88 -5.82
N LEU A 14 10.74 -5.80 -6.55
CA LEU A 14 10.50 -4.45 -6.04
C LEU A 14 9.00 -4.16 -5.97
N LYS A 15 8.28 -4.53 -7.02
CA LYS A 15 6.84 -4.31 -7.09
C LYS A 15 6.12 -5.10 -6.00
N GLU A 16 6.51 -6.37 -5.85
CA GLU A 16 5.90 -7.24 -4.84
C GLU A 16 6.19 -6.73 -3.44
N CYS A 17 7.43 -6.30 -3.21
CA CYS A 17 7.84 -5.80 -1.91
C CYS A 17 6.99 -4.60 -1.51
N LEU A 18 6.92 -3.60 -2.38
CA LEU A 18 6.14 -2.40 -2.11
C LEU A 18 4.67 -2.75 -1.90
N LYS A 19 4.15 -3.66 -2.70
CA LYS A 19 2.76 -4.09 -2.60
C LYS A 19 2.49 -4.73 -1.24
N LYS A 20 3.43 -5.54 -0.78
CA LYS A 20 3.29 -6.22 0.51
C LYS A 20 3.33 -5.22 1.65
N GLN A 21 4.18 -4.21 1.52
CA GLN A 21 4.32 -3.17 2.54
C GLN A 21 3.01 -2.42 2.74
N LEU A 22 2.43 -1.96 1.64
CA LEU A 22 1.17 -1.23 1.68
C LEU A 22 0.04 -2.11 2.19
N GLU A 23 0.00 -3.35 1.72
CA GLU A 23 -1.03 -4.29 2.13
C GLU A 23 -0.98 -4.54 3.63
N PHE A 24 0.23 -4.75 4.15
CA PHE A 24 0.42 -5.00 5.57
C PHE A 24 0.17 -3.73 6.38
N CYS A 25 0.61 -2.60 5.85
CA CYS A 25 0.43 -1.31 6.52
C CYS A 25 -1.05 -0.98 6.68
N PHE A 26 -1.83 -1.25 5.64
CA PHE A 26 -3.26 -0.98 5.67
C PHE A 26 -4.00 -2.04 6.47
N SER A 27 -3.25 -2.94 7.09
CA SER A 27 -3.83 -4.01 7.88
C SER A 27 -4.59 -3.44 9.09
N ARG A 28 -5.58 -4.19 9.56
CA ARG A 28 -6.37 -3.76 10.71
C ARG A 28 -5.51 -3.59 11.95
N GLU A 29 -4.60 -4.53 12.18
CA GLU A 29 -3.71 -4.48 13.33
C GLU A 29 -2.68 -3.37 13.16
N ASN A 30 -2.17 -3.23 11.94
CA ASN A 30 -1.17 -2.20 11.65
C ASN A 30 -1.77 -0.81 11.78
N LEU A 31 -2.99 -0.65 11.27
CA LEU A 31 -3.68 0.64 11.33
C LEU A 31 -3.96 1.05 12.77
N SER A 32 -4.37 0.08 13.58
CA SER A 32 -4.67 0.33 14.98
C SER A 32 -3.40 0.55 15.79
N LYS A 33 -2.35 -0.20 15.44
CA LYS A 33 -1.07 -0.08 16.12
C LYS A 33 -0.31 1.15 15.65
N ASP A 34 -0.62 1.61 14.44
CA ASP A 34 0.04 2.79 13.89
C ASP A 34 -0.76 4.05 14.18
N LEU A 35 -0.58 4.58 15.39
CA LEU A 35 -1.28 5.79 15.81
C LEU A 35 -0.99 6.94 14.85
N TYR A 36 0.26 7.02 14.39
CA TYR A 36 0.66 8.07 13.46
C TYR A 36 -0.15 8.02 12.17
N LEU A 37 -0.28 6.82 11.61
CA LEU A 37 -1.03 6.62 10.38
C LEU A 37 -2.48 7.09 10.54
N ILE A 38 -3.10 6.68 11.64
CA ILE A 38 -4.48 7.04 11.92
C ILE A 38 -4.62 8.56 12.09
N SER A 39 -3.61 9.17 12.69
CA SER A 39 -3.62 10.62 12.91
C SER A 39 -3.47 11.37 11.59
N GLN A 40 -2.83 10.73 10.62
CA GLN A 40 -2.61 11.34 9.32
C GLN A 40 -3.84 11.17 8.44
N MET A 41 -4.61 10.12 8.70
CA MET A 41 -5.81 9.84 7.92
C MET A 41 -6.78 11.02 7.98
N ASP A 42 -7.74 11.05 7.06
CA ASP A 42 -8.73 12.13 7.01
C ASP A 42 -10.06 11.67 7.58
N SER A 43 -11.00 12.60 7.69
CA SER A 43 -12.32 12.29 8.23
C SER A 43 -12.92 11.07 7.54
N ASP A 44 -12.60 10.91 6.26
CA ASP A 44 -13.10 9.79 5.47
C ASP A 44 -12.15 8.59 5.57
N GLN A 45 -11.36 8.55 6.62
CA GLN A 45 -10.41 7.46 6.83
C GLN A 45 -9.54 7.27 5.59
N PHE A 46 -9.01 8.38 5.06
CA PHE A 46 -8.16 8.34 3.88
C PHE A 46 -6.75 8.79 4.22
N ILE A 47 -5.76 8.08 3.69
CA ILE A 47 -4.37 8.41 3.92
C ILE A 47 -3.75 9.11 2.72
N PRO A 48 -3.00 10.18 2.99
CA PRO A 48 -2.34 10.97 1.94
C PRO A 48 -1.19 10.21 1.28
N ILE A 49 -1.10 10.29 -0.04
CA ILE A 49 -0.06 9.61 -0.79
C ILE A 49 1.32 10.16 -0.43
N TRP A 50 1.36 11.45 -0.09
CA TRP A 50 2.61 12.10 0.29
C TRP A 50 3.24 11.43 1.51
N THR A 51 2.40 11.09 2.48
CA THR A 51 2.88 10.44 3.69
C THR A 51 3.39 9.03 3.41
N VAL A 52 2.67 8.32 2.54
CA VAL A 52 3.04 6.96 2.18
C VAL A 52 4.29 6.94 1.31
N ALA A 53 4.41 7.95 0.44
CA ALA A 53 5.57 8.04 -0.44
C ALA A 53 6.78 8.59 0.30
N ASN A 54 6.54 9.29 1.40
CA ASN A 54 7.62 9.85 2.20
C ASN A 54 8.19 8.82 3.16
N MET A 55 7.51 7.68 3.27
CA MET A 55 7.97 6.61 4.15
C MET A 55 9.36 6.13 3.77
N GLU A 56 10.21 5.92 4.77
CA GLU A 56 11.57 5.46 4.53
C GLU A 56 11.58 4.13 3.78
N GLU A 57 10.81 3.17 4.28
CA GLU A 57 10.73 1.86 3.65
C GLU A 57 10.19 1.96 2.23
N ILE A 58 9.14 2.77 2.06
CA ILE A 58 8.52 2.95 0.75
C ILE A 58 9.47 3.66 -0.21
N LYS A 59 10.34 4.51 0.35
CA LYS A 59 11.31 5.25 -0.46
C LYS A 59 12.43 4.33 -0.94
N LYS A 60 12.91 3.47 -0.06
CA LYS A 60 13.97 2.54 -0.40
C LYS A 60 13.47 1.46 -1.35
N LEU A 61 12.18 1.17 -1.27
CA LEU A 61 11.58 0.16 -2.14
C LEU A 61 11.04 0.78 -3.42
N THR A 62 10.63 2.05 -3.33
CA THR A 62 10.09 2.76 -4.49
C THR A 62 10.39 4.26 -4.39
N THR A 63 10.91 4.82 -5.48
CA THR A 63 11.24 6.25 -5.51
C THR A 63 10.53 6.94 -6.67
N ASP A 64 9.39 6.41 -7.07
CA ASP A 64 8.61 6.97 -8.17
C ASP A 64 7.14 7.08 -7.80
N PRO A 65 6.52 8.21 -8.17
CA PRO A 65 5.09 8.46 -7.89
C PRO A 65 4.18 7.57 -8.71
N ASP A 66 4.51 7.41 -10.00
CA ASP A 66 3.71 6.59 -10.89
C ASP A 66 3.72 5.13 -10.44
N LEU A 67 4.89 4.64 -10.04
CA LEU A 67 5.02 3.27 -9.58
C LEU A 67 4.20 3.02 -8.33
N ILE A 68 4.22 3.98 -7.41
CA ILE A 68 3.47 3.86 -6.17
C ILE A 68 1.97 3.77 -6.44
N LEU A 69 1.47 4.62 -7.32
CA LEU A 69 0.06 4.62 -7.68
C LEU A 69 -0.34 3.29 -8.33
N GLU A 70 0.57 2.73 -9.12
CA GLU A 70 0.31 1.47 -9.79
C GLU A 70 0.10 0.35 -8.79
N VAL A 71 0.95 0.31 -7.76
CA VAL A 71 0.85 -0.71 -6.72
C VAL A 71 -0.48 -0.61 -5.98
N LEU A 72 -0.81 0.59 -5.52
CA LEU A 72 -2.04 0.83 -4.79
C LEU A 72 -3.26 0.49 -5.65
N ARG A 73 -3.22 0.93 -6.90
CA ARG A 73 -4.32 0.68 -7.83
C ARG A 73 -4.44 -0.82 -8.14
N SER A 74 -3.33 -1.53 -8.01
CA SER A 74 -3.31 -2.98 -8.28
C SER A 74 -3.71 -3.76 -7.04
N SER A 75 -3.50 -3.15 -5.87
CA SER A 75 -3.83 -3.80 -4.61
C SER A 75 -5.31 -3.64 -4.29
N PRO A 76 -6.03 -4.78 -4.23
CA PRO A 76 -7.47 -4.79 -3.94
C PRO A 76 -7.76 -4.41 -2.49
N MET A 77 -6.75 -4.52 -1.64
CA MET A 77 -6.91 -4.19 -0.23
C MET A 77 -6.87 -2.68 -0.02
N VAL A 78 -6.92 -1.92 -1.11
CA VAL A 78 -6.90 -0.47 -1.04
C VAL A 78 -7.78 0.14 -2.12
N GLN A 79 -8.17 1.40 -1.92
CA GLN A 79 -9.02 2.10 -2.87
C GLN A 79 -8.44 3.47 -3.21
N VAL A 80 -8.32 3.75 -4.51
CA VAL A 80 -7.78 5.03 -4.95
C VAL A 80 -8.87 5.89 -5.60
N ASP A 81 -8.92 7.16 -5.22
CA ASP A 81 -9.90 8.08 -5.75
C ASP A 81 -9.65 8.35 -7.23
N GLU A 82 -10.72 8.50 -8.00
CA GLU A 82 -10.62 8.76 -9.43
C GLU A 82 -9.45 9.70 -9.73
N LYS A 83 -9.33 10.75 -8.93
CA LYS A 83 -8.26 11.73 -9.11
C LYS A 83 -6.91 11.11 -8.78
N GLY A 84 -6.86 10.37 -7.67
CA GLY A 84 -5.61 9.73 -7.27
C GLY A 84 -4.80 10.61 -6.35
N GLU A 85 -5.41 11.06 -5.26
CA GLU A 85 -4.72 11.92 -4.30
C GLU A 85 -4.70 11.27 -2.92
N LYS A 86 -5.70 10.43 -2.65
CA LYS A 86 -5.80 9.75 -1.37
C LYS A 86 -6.24 8.30 -1.55
N VAL A 87 -5.83 7.43 -0.62
CA VAL A 87 -6.18 6.02 -0.69
C VAL A 87 -6.60 5.51 0.68
N ARG A 88 -7.67 4.71 0.70
CA ARG A 88 -8.17 4.14 1.95
C ARG A 88 -8.30 2.62 1.85
N PRO A 89 -8.15 1.93 2.98
CA PRO A 89 -8.26 0.47 3.04
C PRO A 89 -9.68 -0.02 2.83
N SER A 90 -9.91 -0.66 1.69
CA SER A 90 -11.24 -1.18 1.36
C SER A 90 -11.50 -2.49 2.10
N HIS A 91 -12.16 -2.39 3.26
CA HIS A 91 -12.48 -3.56 4.06
C HIS A 91 -13.77 -4.22 3.58
N LYS A 92 -13.92 -4.31 2.26
CA LYS A 92 -15.11 -4.91 1.65
C LYS A 92 -14.73 -6.16 0.87
N ARG A 93 -13.63 -6.08 0.12
CA ARG A 93 -13.17 -7.21 -0.68
C ARG A 93 -14.34 -7.91 -1.36
N CYS A 94 -15.29 -7.11 -1.85
CA CYS A 94 -16.47 -7.66 -2.53
C CYS A 94 -16.62 -7.05 -3.92
N ILE A 95 -16.53 -7.91 -4.94
CA ILE A 95 -16.65 -7.46 -6.33
C ILE A 95 -18.08 -7.05 -6.64
N SER A 96 -18.40 -5.78 -6.39
CA SER A 96 -19.74 -5.26 -6.64
C SER A 96 -19.68 -3.82 -7.13
N GLY A 97 -20.73 -3.39 -7.84
CA GLY A 97 -20.77 -2.05 -8.36
C GLY A 97 -20.73 -2.00 -9.88
N PRO A 98 -21.87 -2.31 -10.51
CA PRO A 98 -21.98 -2.33 -11.97
C PRO A 98 -21.92 -0.92 -12.57
N SER A 99 -20.72 -0.51 -12.95
CA SER A 99 -20.52 0.82 -13.53
C SER A 99 -20.22 0.72 -15.02
N SER A 100 -21.23 1.01 -15.84
CA SER A 100 -21.08 0.95 -17.29
C SER A 100 -21.04 2.35 -17.90
N GLY A 101 -19.87 2.97 -17.88
CA GLY A 101 -19.72 4.30 -18.43
C GLY A 101 -20.36 4.44 -19.80
N GLY A 1 7.82 -16.84 5.43
CA GLY A 1 8.47 -15.63 5.90
C GLY A 1 9.70 -15.27 5.11
N SER A 2 10.85 -15.75 5.55
CA SER A 2 12.11 -15.48 4.88
C SER A 2 12.06 -15.94 3.42
N SER A 3 12.40 -15.03 2.51
CA SER A 3 12.39 -15.35 1.08
C SER A 3 13.68 -16.03 0.67
N GLY A 4 14.81 -15.37 0.93
CA GLY A 4 16.09 -15.93 0.58
C GLY A 4 16.84 -15.10 -0.44
N SER A 5 18.13 -14.89 -0.21
CA SER A 5 18.95 -14.09 -1.12
C SER A 5 19.33 -14.89 -2.36
N SER A 6 18.95 -14.38 -3.52
CA SER A 6 19.25 -15.05 -4.78
C SER A 6 20.56 -14.56 -5.38
N GLY A 7 20.71 -13.23 -5.43
CA GLY A 7 21.92 -12.64 -5.98
C GLY A 7 21.66 -11.34 -6.70
N ALA A 8 20.60 -11.32 -7.50
CA ALA A 8 20.24 -10.12 -8.25
C ALA A 8 18.76 -9.81 -8.13
N VAL A 9 18.45 -8.60 -7.65
CA VAL A 9 17.06 -8.18 -7.48
C VAL A 9 16.46 -7.70 -8.79
N SER A 10 15.20 -8.06 -9.04
CA SER A 10 14.52 -7.67 -10.26
C SER A 10 13.27 -6.86 -9.95
N THR A 11 12.64 -6.31 -10.99
CA THR A 11 11.43 -5.51 -10.82
C THR A 11 10.33 -6.32 -10.14
N GLU A 12 10.28 -7.62 -10.45
CA GLU A 12 9.27 -8.50 -9.87
C GLU A 12 9.39 -8.54 -8.35
N ASP A 13 10.63 -8.57 -7.86
CA ASP A 13 10.89 -8.61 -6.43
C ASP A 13 10.57 -7.27 -5.78
N LEU A 14 11.06 -6.20 -6.39
CA LEU A 14 10.83 -4.85 -5.86
C LEU A 14 9.34 -4.53 -5.83
N LYS A 15 8.63 -4.89 -6.90
CA LYS A 15 7.20 -4.64 -6.99
C LYS A 15 6.45 -5.43 -5.93
N GLU A 16 6.80 -6.70 -5.79
CA GLU A 16 6.16 -7.58 -4.81
C GLU A 16 6.39 -7.05 -3.39
N CYS A 17 7.62 -6.67 -3.09
CA CYS A 17 7.97 -6.15 -1.77
C CYS A 17 7.12 -4.94 -1.43
N LEU A 18 7.03 -4.00 -2.36
CA LEU A 18 6.24 -2.77 -2.14
C LEU A 18 4.78 -3.11 -1.89
N LYS A 19 4.28 -4.13 -2.58
CA LYS A 19 2.89 -4.56 -2.41
C LYS A 19 2.62 -5.01 -0.98
N LYS A 20 3.53 -5.83 -0.45
CA LYS A 20 3.38 -6.34 0.91
C LYS A 20 3.44 -5.20 1.92
N GLN A 21 4.28 -4.20 1.65
CA GLN A 21 4.41 -3.06 2.54
C GLN A 21 3.10 -2.26 2.62
N LEU A 22 2.53 -1.95 1.46
CA LEU A 22 1.28 -1.21 1.40
C LEU A 22 0.14 -2.01 2.01
N GLU A 23 0.07 -3.30 1.67
CA GLU A 23 -0.98 -4.17 2.18
C GLU A 23 -0.86 -4.33 3.69
N PHE A 24 0.36 -4.57 4.16
CA PHE A 24 0.60 -4.72 5.59
C PHE A 24 0.47 -3.40 6.33
N CYS A 25 0.89 -2.32 5.67
CA CYS A 25 0.81 -0.99 6.27
C CYS A 25 -0.64 -0.54 6.42
N PHE A 26 -1.50 -1.00 5.51
CA PHE A 26 -2.91 -0.65 5.54
C PHE A 26 -3.73 -1.72 6.26
N SER A 27 -3.03 -2.72 6.79
CA SER A 27 -3.68 -3.81 7.50
C SER A 27 -4.45 -3.29 8.71
N ARG A 28 -5.49 -4.01 9.11
CA ARG A 28 -6.31 -3.63 10.26
C ARG A 28 -5.46 -3.56 11.52
N GLU A 29 -4.61 -4.57 11.72
CA GLU A 29 -3.76 -4.63 12.89
C GLU A 29 -2.69 -3.54 12.84
N ASN A 30 -2.09 -3.36 11.66
CA ASN A 30 -1.04 -2.36 11.48
C ASN A 30 -1.60 -0.95 11.67
N LEU A 31 -2.83 -0.74 11.18
CA LEU A 31 -3.48 0.55 11.31
C LEU A 31 -3.72 0.90 12.78
N SER A 32 -4.24 -0.06 13.53
CA SER A 32 -4.52 0.14 14.94
C SER A 32 -3.24 0.30 15.74
N LYS A 33 -2.16 -0.28 15.23
CA LYS A 33 -0.86 -0.20 15.90
C LYS A 33 -0.12 1.07 15.49
N ASP A 34 -0.33 1.52 14.26
CA ASP A 34 0.31 2.73 13.76
C ASP A 34 -0.47 3.98 14.17
N LEU A 35 -0.30 4.40 15.41
CA LEU A 35 -0.99 5.58 15.92
C LEU A 35 -0.75 6.79 15.01
N TYR A 36 0.46 6.89 14.49
CA TYR A 36 0.81 7.99 13.60
C TYR A 36 -0.05 7.98 12.35
N LEU A 37 -0.18 6.81 11.73
CA LEU A 37 -0.98 6.66 10.52
C LEU A 37 -2.43 7.06 10.78
N ILE A 38 -2.95 6.67 11.94
CA ILE A 38 -4.32 6.98 12.30
C ILE A 38 -4.53 8.48 12.46
N SER A 39 -3.55 9.15 13.05
CA SER A 39 -3.61 10.59 13.26
C SER A 39 -3.52 11.33 11.92
N GLN A 40 -2.85 10.73 10.96
CA GLN A 40 -2.69 11.33 9.64
C GLN A 40 -3.92 11.08 8.77
N MET A 41 -4.63 9.99 9.06
CA MET A 41 -5.83 9.64 8.31
C MET A 41 -6.72 10.86 8.11
N ASP A 42 -7.72 10.73 7.24
CA ASP A 42 -8.65 11.82 6.97
C ASP A 42 -9.98 11.58 7.67
N SER A 43 -10.95 12.46 7.41
CA SER A 43 -12.27 12.34 8.03
C SER A 43 -12.98 11.08 7.55
N ASP A 44 -13.00 10.86 6.24
CA ASP A 44 -13.65 9.69 5.67
C ASP A 44 -12.70 8.50 5.65
N GLN A 45 -11.71 8.52 6.55
CA GLN A 45 -10.74 7.44 6.63
C GLN A 45 -9.90 7.36 5.36
N PHE A 46 -9.29 8.47 4.98
CA PHE A 46 -8.47 8.52 3.78
C PHE A 46 -7.04 8.97 4.11
N ILE A 47 -6.06 8.31 3.49
CA ILE A 47 -4.66 8.63 3.73
C ILE A 47 -4.04 9.28 2.49
N PRO A 48 -3.26 10.35 2.72
CA PRO A 48 -2.58 11.07 1.63
C PRO A 48 -1.46 10.26 1.00
N ILE A 49 -1.35 10.37 -0.32
CA ILE A 49 -0.32 9.64 -1.06
C ILE A 49 1.08 10.12 -0.67
N TRP A 50 1.18 11.38 -0.29
CA TRP A 50 2.46 11.96 0.12
C TRP A 50 3.03 11.23 1.32
N THR A 51 2.17 10.96 2.31
CA THR A 51 2.60 10.27 3.51
C THR A 51 3.08 8.86 3.20
N VAL A 52 2.44 8.23 2.22
CA VAL A 52 2.80 6.87 1.82
C VAL A 52 4.11 6.86 1.04
N ALA A 53 4.24 7.79 0.11
CA ALA A 53 5.44 7.89 -0.71
C ALA A 53 6.62 8.44 0.09
N ASN A 54 6.29 9.11 1.19
CA ASN A 54 7.32 9.70 2.05
C ASN A 54 7.88 8.65 3.02
N MET A 55 7.19 7.53 3.13
CA MET A 55 7.61 6.44 4.01
C MET A 55 9.05 6.04 3.70
N GLU A 56 9.85 5.89 4.76
CA GLU A 56 11.25 5.50 4.61
C GLU A 56 11.37 4.16 3.87
N GLU A 57 10.62 3.17 4.33
CA GLU A 57 10.63 1.85 3.72
C GLU A 57 10.16 1.92 2.26
N ILE A 58 9.09 2.67 2.03
CA ILE A 58 8.55 2.82 0.68
C ILE A 58 9.51 3.59 -0.22
N LYS A 59 10.28 4.49 0.37
CA LYS A 59 11.25 5.29 -0.37
C LYS A 59 12.43 4.43 -0.81
N LYS A 60 12.94 3.61 0.11
CA LYS A 60 14.07 2.74 -0.19
C LYS A 60 13.67 1.64 -1.17
N LEU A 61 12.40 1.27 -1.16
CA LEU A 61 11.89 0.23 -2.04
C LEU A 61 11.52 0.83 -3.40
N THR A 62 10.98 2.04 -3.38
CA THR A 62 10.57 2.72 -4.62
C THR A 62 10.47 4.22 -4.41
N THR A 63 11.01 4.98 -5.35
CA THR A 63 10.98 6.44 -5.27
C THR A 63 10.23 7.04 -6.45
N ASP A 64 9.24 6.32 -6.95
CA ASP A 64 8.44 6.78 -8.08
C ASP A 64 6.97 6.92 -7.69
N PRO A 65 6.37 8.07 -8.03
CA PRO A 65 4.97 8.36 -7.74
C PRO A 65 4.02 7.51 -8.56
N ASP A 66 4.29 7.40 -9.85
CA ASP A 66 3.45 6.62 -10.76
C ASP A 66 3.49 5.14 -10.37
N LEU A 67 4.67 4.66 -9.99
CA LEU A 67 4.85 3.26 -9.61
C LEU A 67 4.08 2.96 -8.33
N ILE A 68 4.24 3.81 -7.33
CA ILE A 68 3.57 3.62 -6.05
C ILE A 68 2.06 3.68 -6.22
N LEU A 69 1.57 4.71 -6.89
CA LEU A 69 0.14 4.89 -7.11
C LEU A 69 -0.44 3.68 -7.84
N GLU A 70 0.34 3.13 -8.78
CA GLU A 70 -0.09 1.97 -9.55
C GLU A 70 -0.32 0.77 -8.64
N VAL A 71 0.63 0.55 -7.72
CA VAL A 71 0.54 -0.57 -6.78
C VAL A 71 -0.70 -0.45 -5.90
N LEU A 72 -0.95 0.75 -5.40
CA LEU A 72 -2.11 0.99 -4.55
C LEU A 72 -3.41 0.80 -5.31
N ARG A 73 -3.44 1.27 -6.57
CA ARG A 73 -4.62 1.15 -7.40
C ARG A 73 -4.85 -0.31 -7.80
N SER A 74 -3.77 -1.06 -7.95
CA SER A 74 -3.85 -2.47 -8.33
C SER A 74 -4.18 -3.34 -7.12
N SER A 75 -3.79 -2.88 -5.93
CA SER A 75 -4.04 -3.61 -4.70
C SER A 75 -5.48 -3.40 -4.22
N PRO A 76 -6.17 -4.51 -3.94
CA PRO A 76 -7.56 -4.47 -3.47
C PRO A 76 -7.68 -3.91 -2.05
N MET A 77 -6.89 -4.46 -1.15
CA MET A 77 -6.90 -4.01 0.25
C MET A 77 -7.04 -2.50 0.33
N VAL A 78 -6.59 -1.82 -0.72
CA VAL A 78 -6.66 -0.35 -0.76
C VAL A 78 -7.28 0.13 -2.07
N GLN A 79 -7.76 1.36 -2.06
CA GLN A 79 -8.38 1.94 -3.26
C GLN A 79 -8.03 3.43 -3.39
N VAL A 80 -7.53 3.82 -4.55
CA VAL A 80 -7.17 5.20 -4.80
C VAL A 80 -8.28 5.94 -5.54
N ASP A 81 -8.62 7.13 -5.06
CA ASP A 81 -9.65 7.94 -5.68
C ASP A 81 -9.36 8.17 -7.16
N GLU A 82 -10.40 8.09 -7.99
CA GLU A 82 -10.26 8.29 -9.42
C GLU A 82 -9.20 9.35 -9.72
N LYS A 83 -9.30 10.48 -9.05
CA LYS A 83 -8.35 11.57 -9.23
C LYS A 83 -6.93 11.12 -8.90
N GLY A 84 -6.78 10.45 -7.78
CA GLY A 84 -5.46 9.98 -7.36
C GLY A 84 -4.78 10.92 -6.39
N GLU A 85 -5.54 11.39 -5.40
CA GLU A 85 -5.00 12.30 -4.39
C GLU A 85 -4.98 11.65 -3.02
N LYS A 86 -5.89 10.72 -2.80
CA LYS A 86 -5.98 10.01 -1.52
C LYS A 86 -6.39 8.56 -1.73
N VAL A 87 -5.93 7.68 -0.84
CA VAL A 87 -6.26 6.26 -0.92
C VAL A 87 -6.80 5.74 0.41
N ARG A 88 -7.87 4.97 0.35
CA ARG A 88 -8.47 4.40 1.55
C ARG A 88 -8.56 2.89 1.45
N PRO A 89 -8.40 2.21 2.60
CA PRO A 89 -8.46 0.75 2.67
C PRO A 89 -9.85 0.20 2.42
N SER A 90 -10.05 -0.41 1.27
CA SER A 90 -11.34 -0.98 0.90
C SER A 90 -11.80 -1.99 1.95
N HIS A 91 -12.70 -1.56 2.82
CA HIS A 91 -13.22 -2.44 3.87
C HIS A 91 -13.88 -3.67 3.27
N LYS A 92 -14.64 -3.46 2.20
CA LYS A 92 -15.33 -4.57 1.52
C LYS A 92 -14.38 -5.31 0.58
N ARG A 93 -14.10 -6.56 0.92
CA ARG A 93 -13.20 -7.38 0.10
C ARG A 93 -13.98 -8.12 -0.98
N CYS A 94 -14.16 -7.47 -2.13
CA CYS A 94 -14.88 -8.07 -3.24
C CYS A 94 -13.92 -8.66 -4.27
N ILE A 95 -13.55 -9.92 -4.07
CA ILE A 95 -12.64 -10.60 -4.98
C ILE A 95 -13.40 -11.34 -6.07
N SER A 96 -12.96 -11.15 -7.32
CA SER A 96 -13.60 -11.80 -8.45
C SER A 96 -12.80 -13.02 -8.90
N GLY A 97 -13.19 -14.19 -8.41
CA GLY A 97 -12.51 -15.41 -8.76
C GLY A 97 -11.01 -15.33 -8.53
N PRO A 98 -10.28 -16.37 -8.97
CA PRO A 98 -8.83 -16.44 -8.81
C PRO A 98 -8.10 -15.43 -9.69
N SER A 99 -7.44 -14.46 -9.07
CA SER A 99 -6.71 -13.43 -9.79
C SER A 99 -5.69 -14.05 -10.74
N SER A 100 -5.66 -13.56 -11.97
CA SER A 100 -4.73 -14.07 -12.98
C SER A 100 -4.55 -15.58 -12.83
N GLY A 101 -5.66 -16.29 -12.66
CA GLY A 101 -5.61 -17.73 -12.51
C GLY A 101 -5.81 -18.47 -13.82
N GLY A 1 3.49 -19.15 -2.89
CA GLY A 1 4.90 -18.86 -2.71
C GLY A 1 5.62 -18.63 -4.03
N SER A 2 6.94 -18.68 -3.99
CA SER A 2 7.76 -18.49 -5.18
C SER A 2 8.54 -19.75 -5.52
N SER A 3 9.32 -20.23 -4.57
CA SER A 3 10.13 -21.43 -4.77
C SER A 3 10.92 -21.35 -6.07
N GLY A 4 11.43 -20.17 -6.37
CA GLY A 4 12.20 -19.97 -7.58
C GLY A 4 13.69 -19.96 -7.33
N SER A 5 14.21 -18.83 -6.88
CA SER A 5 15.63 -18.69 -6.61
C SER A 5 16.46 -18.89 -7.88
N SER A 6 15.92 -18.43 -9.00
CA SER A 6 16.60 -18.57 -10.29
C SER A 6 17.02 -17.20 -10.83
N GLY A 7 18.04 -17.19 -11.68
CA GLY A 7 18.51 -15.95 -12.26
C GLY A 7 18.58 -14.82 -11.24
N ALA A 8 17.96 -13.69 -11.57
CA ALA A 8 17.95 -12.54 -10.68
C ALA A 8 16.90 -11.52 -11.12
N VAL A 9 15.96 -11.22 -10.23
CA VAL A 9 14.90 -10.27 -10.53
C VAL A 9 14.93 -9.10 -9.54
N SER A 10 14.98 -7.89 -10.08
CA SER A 10 15.01 -6.68 -9.25
C SER A 10 13.63 -6.03 -9.19
N THR A 11 13.02 -5.85 -10.36
CA THR A 11 11.71 -5.22 -10.45
C THR A 11 10.64 -6.10 -9.79
N GLU A 12 10.75 -7.40 -10.01
CA GLU A 12 9.79 -8.35 -9.44
C GLU A 12 9.88 -8.37 -7.92
N ASP A 13 11.10 -8.36 -7.40
CA ASP A 13 11.32 -8.36 -5.96
C ASP A 13 10.93 -7.03 -5.34
N LEU A 14 11.33 -5.94 -5.98
CA LEU A 14 11.01 -4.60 -5.49
C LEU A 14 9.52 -4.36 -5.51
N LYS A 15 8.86 -4.77 -6.58
CA LYS A 15 7.41 -4.60 -6.72
C LYS A 15 6.67 -5.41 -5.67
N GLU A 16 7.10 -6.66 -5.47
CA GLU A 16 6.47 -7.53 -4.49
C GLU A 16 6.61 -6.96 -3.09
N CYS A 17 7.78 -6.42 -2.79
CA CYS A 17 8.04 -5.84 -1.47
C CYS A 17 7.13 -4.66 -1.20
N LEU A 18 7.00 -3.76 -2.18
CA LEU A 18 6.16 -2.59 -2.05
C LEU A 18 4.70 -2.99 -1.82
N LYS A 19 4.25 -4.01 -2.54
CA LYS A 19 2.89 -4.51 -2.41
C LYS A 19 2.63 -5.03 -1.00
N LYS A 20 3.60 -5.74 -0.45
CA LYS A 20 3.48 -6.30 0.89
C LYS A 20 3.44 -5.19 1.94
N GLN A 21 4.20 -4.12 1.70
CA GLN A 21 4.26 -3.00 2.62
C GLN A 21 2.92 -2.24 2.63
N LEU A 22 2.41 -1.97 1.43
CA LEU A 22 1.14 -1.25 1.30
C LEU A 22 -0.01 -2.07 1.89
N GLU A 23 -0.05 -3.35 1.55
CA GLU A 23 -1.10 -4.24 2.05
C GLU A 23 -1.00 -4.42 3.56
N PHE A 24 0.22 -4.66 4.04
CA PHE A 24 0.46 -4.85 5.46
C PHE A 24 0.24 -3.55 6.23
N CYS A 25 0.65 -2.43 5.63
CA CYS A 25 0.51 -1.12 6.26
C CYS A 25 -0.96 -0.75 6.39
N PHE A 26 -1.77 -1.16 5.41
CA PHE A 26 -3.20 -0.86 5.42
C PHE A 26 -3.97 -1.97 6.11
N SER A 27 -3.25 -2.93 6.68
CA SER A 27 -3.88 -4.05 7.37
C SER A 27 -4.62 -3.59 8.61
N ARG A 28 -5.63 -4.36 9.02
CA ARG A 28 -6.41 -4.02 10.20
C ARG A 28 -5.54 -3.96 11.45
N GLU A 29 -4.68 -4.96 11.61
CA GLU A 29 -3.79 -5.02 12.76
C GLU A 29 -2.72 -3.94 12.68
N ASN A 30 -2.15 -3.77 11.49
CA ASN A 30 -1.11 -2.76 11.28
C ASN A 30 -1.66 -1.36 11.52
N LEU A 31 -2.87 -1.11 11.01
CA LEU A 31 -3.50 0.20 11.18
C LEU A 31 -3.73 0.50 12.65
N SER A 32 -4.26 -0.47 13.39
CA SER A 32 -4.53 -0.29 14.81
C SER A 32 -3.23 -0.14 15.59
N LYS A 33 -2.16 -0.74 15.08
CA LYS A 33 -0.85 -0.67 15.73
C LYS A 33 -0.06 0.53 15.23
N ASP A 34 -0.57 1.17 14.19
CA ASP A 34 0.11 2.34 13.61
C ASP A 34 -0.61 3.62 14.02
N LEU A 35 -0.42 4.04 15.27
CA LEU A 35 -1.05 5.24 15.78
C LEU A 35 -0.74 6.44 14.88
N TYR A 36 0.49 6.51 14.40
CA TYR A 36 0.91 7.61 13.53
C TYR A 36 0.04 7.66 12.27
N LEU A 37 -0.18 6.49 11.67
CA LEU A 37 -0.99 6.40 10.45
C LEU A 37 -2.39 6.94 10.70
N ILE A 38 -3.02 6.49 11.79
CA ILE A 38 -4.37 6.93 12.13
C ILE A 38 -4.38 8.40 12.54
N SER A 39 -3.26 8.85 13.11
CA SER A 39 -3.14 10.24 13.54
C SER A 39 -3.20 11.20 12.35
N GLN A 40 -2.53 10.81 11.27
CA GLN A 40 -2.50 11.64 10.07
C GLN A 40 -3.75 11.42 9.23
N MET A 41 -4.35 10.24 9.37
CA MET A 41 -5.56 9.89 8.62
C MET A 41 -6.54 11.05 8.61
N ASP A 42 -7.35 11.13 7.57
CA ASP A 42 -8.34 12.20 7.44
C ASP A 42 -9.65 11.79 8.10
N SER A 43 -10.62 12.71 8.11
CA SER A 43 -11.91 12.46 8.71
C SER A 43 -12.64 11.32 8.00
N ASP A 44 -12.36 11.18 6.70
CA ASP A 44 -12.98 10.13 5.90
C ASP A 44 -12.08 8.89 5.85
N GLN A 45 -11.13 8.81 6.76
CA GLN A 45 -10.22 7.68 6.82
C GLN A 45 -9.37 7.60 5.56
N PHE A 46 -9.12 8.76 4.94
CA PHE A 46 -8.33 8.82 3.72
C PHE A 46 -6.91 9.31 4.01
N ILE A 47 -5.93 8.69 3.37
CA ILE A 47 -4.53 9.06 3.55
C ILE A 47 -3.92 9.60 2.27
N PRO A 48 -3.16 10.70 2.39
CA PRO A 48 -2.51 11.34 1.24
C PRO A 48 -1.37 10.49 0.67
N ILE A 49 -1.23 10.51 -0.65
CA ILE A 49 -0.19 9.74 -1.31
C ILE A 49 1.20 10.27 -0.94
N TRP A 50 1.27 11.55 -0.64
CA TRP A 50 2.53 12.18 -0.27
C TRP A 50 3.09 11.56 1.01
N THR A 51 2.24 11.39 2.01
CA THR A 51 2.64 10.80 3.28
C THR A 51 3.16 9.38 3.09
N VAL A 52 2.52 8.63 2.21
CA VAL A 52 2.92 7.26 1.93
C VAL A 52 4.19 7.21 1.09
N ALA A 53 4.28 8.10 0.12
CA ALA A 53 5.44 8.16 -0.76
C ALA A 53 6.65 8.75 -0.03
N ASN A 54 6.39 9.40 1.11
CA ASN A 54 7.45 10.00 1.89
C ASN A 54 8.01 9.01 2.92
N MET A 55 7.27 7.92 3.13
CA MET A 55 7.68 6.89 4.07
C MET A 55 9.09 6.41 3.77
N GLU A 56 9.91 6.27 4.81
CA GLU A 56 11.29 5.83 4.66
C GLU A 56 11.34 4.46 3.96
N GLU A 57 10.53 3.52 4.45
CA GLU A 57 10.49 2.19 3.89
C GLU A 57 10.03 2.22 2.43
N ILE A 58 8.99 3.01 2.17
CA ILE A 58 8.45 3.14 0.82
C ILE A 58 9.43 3.87 -0.09
N LYS A 59 10.18 4.78 0.48
CA LYS A 59 11.16 5.55 -0.28
C LYS A 59 12.39 4.71 -0.60
N LYS A 60 12.83 3.93 0.38
CA LYS A 60 14.00 3.06 0.21
C LYS A 60 13.69 1.92 -0.74
N LEU A 61 12.42 1.54 -0.82
CA LEU A 61 11.98 0.45 -1.68
C LEU A 61 11.74 0.96 -3.10
N THR A 62 11.20 2.17 -3.21
CA THR A 62 10.91 2.77 -4.51
C THR A 62 10.63 4.26 -4.37
N THR A 63 11.06 5.03 -5.35
CA THR A 63 10.86 6.48 -5.35
C THR A 63 10.04 6.92 -6.55
N ASP A 64 9.24 6.00 -7.10
CA ASP A 64 8.40 6.30 -8.24
C ASP A 64 6.94 6.47 -7.82
N PRO A 65 6.38 7.66 -8.11
CA PRO A 65 4.99 7.98 -7.76
C PRO A 65 3.99 7.20 -8.61
N ASP A 66 4.30 7.04 -9.89
CA ASP A 66 3.43 6.31 -10.81
C ASP A 66 3.30 4.85 -10.38
N LEU A 67 4.42 4.25 -10.00
CA LEU A 67 4.42 2.85 -9.56
C LEU A 67 3.58 2.67 -8.31
N ILE A 68 3.69 3.61 -7.38
CA ILE A 68 2.93 3.54 -6.14
C ILE A 68 1.44 3.55 -6.41
N LEU A 69 0.98 4.49 -7.23
CA LEU A 69 -0.43 4.59 -7.58
C LEU A 69 -0.92 3.32 -8.24
N GLU A 70 -0.08 2.73 -9.08
CA GLU A 70 -0.43 1.50 -9.79
C GLU A 70 -0.61 0.35 -8.81
N VAL A 71 0.30 0.25 -7.84
CA VAL A 71 0.24 -0.80 -6.84
C VAL A 71 -0.98 -0.65 -5.93
N LEU A 72 -1.21 0.58 -5.49
CA LEU A 72 -2.34 0.88 -4.62
C LEU A 72 -3.66 0.58 -5.32
N ARG A 73 -3.80 1.10 -6.54
CA ARG A 73 -5.02 0.90 -7.32
C ARG A 73 -5.12 -0.55 -7.80
N SER A 74 -3.99 -1.26 -7.79
CA SER A 74 -3.96 -2.65 -8.22
C SER A 74 -4.34 -3.58 -7.07
N SER A 75 -4.10 -3.14 -5.85
CA SER A 75 -4.42 -3.93 -4.67
C SER A 75 -5.84 -3.65 -4.18
N PRO A 76 -6.60 -4.71 -3.90
CA PRO A 76 -7.97 -4.60 -3.42
C PRO A 76 -8.06 -4.04 -2.00
N MET A 77 -7.04 -4.34 -1.20
CA MET A 77 -6.99 -3.88 0.19
C MET A 77 -7.05 -2.35 0.24
N VAL A 78 -6.61 -1.70 -0.84
CA VAL A 78 -6.61 -0.25 -0.90
C VAL A 78 -7.25 0.23 -2.20
N GLN A 79 -7.86 1.41 -2.16
CA GLN A 79 -8.51 1.98 -3.33
C GLN A 79 -8.11 3.44 -3.52
N VAL A 80 -7.68 3.78 -4.73
CA VAL A 80 -7.26 5.15 -5.04
C VAL A 80 -8.38 5.91 -5.73
N ASP A 81 -8.66 7.11 -5.24
CA ASP A 81 -9.70 7.96 -5.81
C ASP A 81 -9.45 8.20 -7.29
N GLU A 82 -10.53 8.24 -8.07
CA GLU A 82 -10.42 8.48 -9.51
C GLU A 82 -9.31 9.47 -9.82
N LYS A 83 -9.35 10.62 -9.15
CA LYS A 83 -8.34 11.66 -9.35
C LYS A 83 -6.94 11.12 -9.06
N GLY A 84 -6.79 10.47 -7.91
CA GLY A 84 -5.51 9.92 -7.53
C GLY A 84 -4.73 10.84 -6.61
N GLU A 85 -5.42 11.38 -5.61
CA GLU A 85 -4.79 12.29 -4.66
C GLU A 85 -4.83 11.70 -3.25
N LYS A 86 -5.66 10.69 -3.05
CA LYS A 86 -5.80 10.04 -1.75
C LYS A 86 -6.22 8.59 -1.91
N VAL A 87 -5.79 7.75 -0.99
CA VAL A 87 -6.12 6.33 -1.02
C VAL A 87 -6.74 5.87 0.30
N ARG A 88 -7.66 4.92 0.21
CA ARG A 88 -8.33 4.40 1.40
C ARG A 88 -8.42 2.87 1.35
N PRO A 89 -8.28 2.24 2.53
CA PRO A 89 -8.33 0.78 2.65
C PRO A 89 -9.74 0.24 2.40
N SER A 90 -9.91 -0.49 1.30
CA SER A 90 -11.19 -1.07 0.94
C SER A 90 -11.63 -2.10 1.98
N HIS A 91 -12.60 -1.72 2.80
CA HIS A 91 -13.12 -2.61 3.84
C HIS A 91 -14.26 -3.47 3.30
N LYS A 92 -14.19 -3.80 2.03
CA LYS A 92 -15.21 -4.62 1.39
C LYS A 92 -14.68 -6.02 1.08
N ARG A 93 -14.73 -6.90 2.06
CA ARG A 93 -14.25 -8.26 1.89
C ARG A 93 -14.83 -8.88 0.62
N CYS A 94 -13.98 -9.07 -0.39
CA CYS A 94 -14.40 -9.64 -1.66
C CYS A 94 -13.21 -10.17 -2.44
N ILE A 95 -13.35 -11.39 -2.96
CA ILE A 95 -12.27 -12.01 -3.73
C ILE A 95 -12.83 -13.04 -4.71
N SER A 96 -12.32 -13.03 -5.94
CA SER A 96 -12.76 -13.96 -6.96
C SER A 96 -11.90 -15.23 -6.96
N GLY A 97 -10.71 -15.13 -6.37
CA GLY A 97 -9.82 -16.27 -6.30
C GLY A 97 -8.97 -16.41 -7.54
N PRO A 98 -7.86 -15.65 -7.57
CA PRO A 98 -6.92 -15.68 -8.70
C PRO A 98 -6.16 -16.99 -8.80
N SER A 99 -6.38 -17.72 -9.88
CA SER A 99 -5.72 -19.01 -10.09
C SER A 99 -5.65 -19.80 -8.80
N SER A 100 -6.74 -19.78 -8.03
CA SER A 100 -6.81 -20.50 -6.77
C SER A 100 -7.07 -21.98 -6.99
N GLY A 101 -6.23 -22.82 -6.40
CA GLY A 101 -6.39 -24.26 -6.56
C GLY A 101 -6.09 -24.73 -7.97
N GLY A 1 23.82 -22.64 11.79
CA GLY A 1 22.92 -22.75 10.65
C GLY A 1 23.14 -21.64 9.63
N SER A 2 23.11 -22.01 8.36
CA SER A 2 23.31 -21.04 7.28
C SER A 2 22.05 -20.22 7.05
N SER A 3 22.10 -18.94 7.46
CA SER A 3 20.96 -18.06 7.30
C SER A 3 20.79 -17.66 5.84
N GLY A 4 21.90 -17.30 5.19
CA GLY A 4 21.84 -16.90 3.79
C GLY A 4 22.23 -15.46 3.59
N SER A 5 21.91 -14.92 2.43
CA SER A 5 22.23 -13.52 2.11
C SER A 5 21.44 -13.05 0.88
N SER A 6 20.79 -11.90 1.03
CA SER A 6 20.00 -11.33 -0.07
C SER A 6 20.89 -10.94 -1.23
N GLY A 7 20.31 -10.92 -2.43
CA GLY A 7 21.06 -10.56 -3.62
C GLY A 7 20.35 -10.95 -4.90
N ALA A 8 20.94 -10.60 -6.04
CA ALA A 8 20.36 -10.92 -7.34
C ALA A 8 18.88 -10.54 -7.38
N VAL A 9 18.56 -9.36 -6.85
CA VAL A 9 17.19 -8.88 -6.84
C VAL A 9 16.75 -8.41 -8.21
N SER A 10 15.44 -8.26 -8.39
CA SER A 10 14.89 -7.82 -9.67
C SER A 10 13.66 -6.94 -9.46
N THR A 11 13.09 -6.45 -10.55
CA THR A 11 11.91 -5.59 -10.49
C THR A 11 10.73 -6.33 -9.88
N GLU A 12 10.68 -7.64 -10.08
CA GLU A 12 9.61 -8.46 -9.56
C GLU A 12 9.62 -8.46 -8.03
N ASP A 13 10.82 -8.54 -7.46
CA ASP A 13 10.97 -8.55 -6.01
C ASP A 13 10.63 -7.19 -5.42
N LEU A 14 11.16 -6.13 -6.04
CA LEU A 14 10.91 -4.78 -5.56
C LEU A 14 9.42 -4.45 -5.62
N LYS A 15 8.78 -4.80 -6.73
CA LYS A 15 7.35 -4.55 -6.90
C LYS A 15 6.53 -5.31 -5.88
N GLU A 16 6.87 -6.59 -5.69
CA GLU A 16 6.17 -7.44 -4.74
C GLU A 16 6.33 -6.90 -3.32
N CYS A 17 7.54 -6.49 -2.98
CA CYS A 17 7.82 -5.95 -1.64
C CYS A 17 6.97 -4.73 -1.35
N LEU A 18 6.89 -3.82 -2.32
CA LEU A 18 6.10 -2.60 -2.17
C LEU A 18 4.63 -2.93 -1.93
N LYS A 19 4.12 -3.92 -2.66
CA LYS A 19 2.74 -4.34 -2.52
C LYS A 19 2.46 -4.87 -1.13
N LYS A 20 3.41 -5.63 -0.58
CA LYS A 20 3.27 -6.20 0.75
C LYS A 20 3.27 -5.10 1.81
N GLN A 21 4.14 -4.11 1.62
CA GLN A 21 4.24 -2.99 2.57
C GLN A 21 2.96 -2.16 2.56
N LEU A 22 2.42 -1.90 1.38
CA LEU A 22 1.19 -1.12 1.25
C LEU A 22 0.01 -1.85 1.88
N GLU A 23 -0.10 -3.14 1.60
CA GLU A 23 -1.18 -3.95 2.14
C GLU A 23 -1.06 -4.08 3.65
N PHE A 24 0.15 -4.38 4.12
CA PHE A 24 0.41 -4.54 5.54
C PHE A 24 0.21 -3.21 6.28
N CYS A 25 0.81 -2.15 5.76
CA CYS A 25 0.69 -0.83 6.37
C CYS A 25 -0.77 -0.38 6.42
N PHE A 26 -1.55 -0.83 5.46
CA PHE A 26 -2.97 -0.47 5.39
C PHE A 26 -3.82 -1.52 6.08
N SER A 27 -3.17 -2.51 6.68
CA SER A 27 -3.87 -3.58 7.38
C SER A 27 -4.60 -3.04 8.61
N ARG A 28 -5.64 -3.75 9.04
CA ARG A 28 -6.40 -3.34 10.21
C ARG A 28 -5.53 -3.29 11.45
N GLU A 29 -4.71 -4.32 11.63
CA GLU A 29 -3.81 -4.39 12.78
C GLU A 29 -2.73 -3.33 12.69
N ASN A 30 -2.21 -3.11 11.49
CA ASN A 30 -1.16 -2.13 11.26
C ASN A 30 -1.70 -0.71 11.46
N LEU A 31 -2.92 -0.48 11.01
CA LEU A 31 -3.55 0.83 11.13
C LEU A 31 -3.77 1.19 12.60
N SER A 32 -4.27 0.23 13.36
CA SER A 32 -4.53 0.43 14.78
C SER A 32 -3.22 0.56 15.56
N LYS A 33 -2.23 -0.23 15.17
CA LYS A 33 -0.93 -0.21 15.83
C LYS A 33 -0.12 1.01 15.40
N ASP A 34 -0.35 1.46 14.17
CA ASP A 34 0.35 2.62 13.64
C ASP A 34 -0.37 3.92 14.02
N LEU A 35 -0.17 4.36 15.27
CA LEU A 35 -0.80 5.58 15.76
C LEU A 35 -0.51 6.75 14.83
N TYR A 36 0.70 6.77 14.28
CA TYR A 36 1.11 7.84 13.37
C TYR A 36 0.23 7.87 12.13
N LEU A 37 0.01 6.69 11.54
CA LEU A 37 -0.81 6.57 10.34
C LEU A 37 -2.24 7.06 10.62
N ILE A 38 -2.76 6.72 11.79
CA ILE A 38 -4.10 7.12 12.17
C ILE A 38 -4.23 8.65 12.26
N SER A 39 -3.21 9.27 12.84
CA SER A 39 -3.19 10.72 13.00
C SER A 39 -3.10 11.41 11.63
N GLN A 40 -2.44 10.76 10.69
CA GLN A 40 -2.28 11.30 9.35
C GLN A 40 -3.50 10.99 8.48
N MET A 41 -4.21 9.93 8.84
CA MET A 41 -5.40 9.52 8.10
C MET A 41 -6.48 10.60 8.15
N ASP A 42 -7.52 10.43 7.35
CA ASP A 42 -8.62 11.39 7.31
C ASP A 42 -9.84 10.86 8.04
N SER A 43 -10.93 11.61 7.99
CA SER A 43 -12.17 11.22 8.65
C SER A 43 -12.76 9.97 8.00
N ASP A 44 -12.74 9.96 6.67
CA ASP A 44 -13.28 8.82 5.92
C ASP A 44 -12.22 7.74 5.74
N GLN A 45 -11.23 7.74 6.63
CA GLN A 45 -10.16 6.75 6.57
C GLN A 45 -9.34 6.91 5.29
N PHE A 46 -8.97 8.15 4.98
CA PHE A 46 -8.19 8.43 3.78
C PHE A 46 -6.77 8.84 4.14
N ILE A 47 -5.80 8.35 3.36
CA ILE A 47 -4.40 8.66 3.61
C ILE A 47 -3.79 9.38 2.40
N PRO A 48 -2.98 10.41 2.69
CA PRO A 48 -2.32 11.20 1.64
C PRO A 48 -1.22 10.42 0.93
N ILE A 49 -1.15 10.57 -0.39
CA ILE A 49 -0.15 9.87 -1.18
C ILE A 49 1.26 10.36 -0.84
N TRP A 50 1.36 11.62 -0.42
CA TRP A 50 2.65 12.20 -0.06
C TRP A 50 3.25 11.48 1.13
N THR A 51 2.41 11.11 2.08
CA THR A 51 2.86 10.42 3.29
C THR A 51 3.39 9.03 2.95
N VAL A 52 2.65 8.30 2.11
CA VAL A 52 3.05 6.96 1.71
C VAL A 52 4.36 6.99 0.93
N ALA A 53 4.46 7.93 -0.01
CA ALA A 53 5.65 8.05 -0.84
C ALA A 53 6.83 8.61 -0.02
N ASN A 54 6.50 9.27 1.08
CA ASN A 54 7.52 9.85 1.95
C ASN A 54 8.05 8.81 2.94
N MET A 55 7.26 7.77 3.17
CA MET A 55 7.66 6.71 4.08
C MET A 55 9.08 6.25 3.82
N GLU A 56 9.86 6.12 4.90
CA GLU A 56 11.25 5.70 4.78
C GLU A 56 11.35 4.36 4.05
N GLU A 57 10.55 3.39 4.49
CA GLU A 57 10.55 2.07 3.88
C GLU A 57 10.12 2.14 2.42
N ILE A 58 9.04 2.87 2.16
CA ILE A 58 8.53 3.02 0.80
C ILE A 58 9.57 3.65 -0.12
N LYS A 59 10.28 4.65 0.40
CA LYS A 59 11.31 5.34 -0.37
C LYS A 59 12.49 4.41 -0.66
N LYS A 60 12.84 3.60 0.33
CA LYS A 60 13.95 2.65 0.18
C LYS A 60 13.63 1.60 -0.87
N LEU A 61 12.35 1.27 -1.00
CA LEU A 61 11.90 0.27 -1.98
C LEU A 61 11.69 0.91 -3.35
N THR A 62 11.17 2.14 -3.35
CA THR A 62 10.91 2.86 -4.59
C THR A 62 10.65 4.34 -4.32
N THR A 63 11.12 5.19 -5.23
CA THR A 63 10.92 6.63 -5.08
C THR A 63 10.02 7.18 -6.18
N ASP A 64 9.15 6.32 -6.71
CA ASP A 64 8.23 6.72 -7.77
C ASP A 64 6.80 6.78 -7.25
N PRO A 65 6.18 7.97 -7.34
CA PRO A 65 4.81 8.17 -6.88
C PRO A 65 3.79 7.47 -7.77
N ASP A 66 4.03 7.46 -9.08
CA ASP A 66 3.14 6.81 -10.02
C ASP A 66 3.08 5.31 -9.77
N LEU A 67 4.23 4.70 -9.51
CA LEU A 67 4.31 3.27 -9.26
C LEU A 67 3.52 2.90 -8.00
N ILE A 68 3.66 3.72 -6.95
CA ILE A 68 2.96 3.48 -5.70
C ILE A 68 1.46 3.50 -5.90
N LEU A 69 0.97 4.49 -6.63
CA LEU A 69 -0.45 4.63 -6.90
C LEU A 69 -0.97 3.43 -7.70
N GLU A 70 -0.14 2.94 -8.61
CA GLU A 70 -0.52 1.80 -9.44
C GLU A 70 -0.65 0.54 -8.60
N VAL A 71 0.26 0.37 -7.65
CA VAL A 71 0.24 -0.80 -6.77
C VAL A 71 -0.98 -0.78 -5.85
N LEU A 72 -1.23 0.37 -5.25
CA LEU A 72 -2.37 0.52 -4.34
C LEU A 72 -3.69 0.37 -5.09
N ARG A 73 -3.80 1.05 -6.24
CA ARG A 73 -5.01 0.99 -7.04
C ARG A 73 -5.17 -0.39 -7.66
N SER A 74 -4.05 -1.06 -7.90
CA SER A 74 -4.08 -2.40 -8.50
C SER A 74 -4.50 -3.45 -7.48
N SER A 75 -4.30 -3.13 -6.20
CA SER A 75 -4.67 -4.05 -5.12
C SER A 75 -6.08 -3.76 -4.61
N PRO A 76 -6.84 -4.84 -4.38
CA PRO A 76 -8.22 -4.73 -3.89
C PRO A 76 -8.29 -4.24 -2.44
N MET A 77 -7.27 -4.59 -1.67
CA MET A 77 -7.20 -4.19 -0.26
C MET A 77 -7.35 -2.69 -0.12
N VAL A 78 -6.81 -1.95 -1.09
CA VAL A 78 -6.87 -0.50 -1.08
C VAL A 78 -7.39 0.05 -2.40
N GLN A 79 -7.81 1.31 -2.40
CA GLN A 79 -8.32 1.95 -3.61
C GLN A 79 -7.85 3.39 -3.71
N VAL A 80 -7.37 3.77 -4.89
CA VAL A 80 -6.89 5.12 -5.12
C VAL A 80 -7.93 5.97 -5.85
N ASP A 81 -8.37 7.04 -5.22
CA ASP A 81 -9.36 7.93 -5.80
C ASP A 81 -9.14 8.08 -7.29
N GLU A 82 -10.22 8.21 -8.05
CA GLU A 82 -10.14 8.36 -9.49
C GLU A 82 -9.22 9.52 -9.87
N LYS A 83 -8.99 10.42 -8.92
CA LYS A 83 -8.12 11.57 -9.15
C LYS A 83 -6.67 11.23 -8.83
N GLY A 84 -6.47 10.40 -7.81
CA GLY A 84 -5.13 10.01 -7.42
C GLY A 84 -4.51 10.97 -6.43
N GLU A 85 -5.29 11.35 -5.41
CA GLU A 85 -4.81 12.28 -4.39
C GLU A 85 -4.83 11.61 -3.01
N LYS A 86 -5.77 10.70 -2.81
CA LYS A 86 -5.90 10.00 -1.53
C LYS A 86 -6.36 8.56 -1.75
N VAL A 87 -5.86 7.66 -0.92
CA VAL A 87 -6.23 6.24 -1.01
C VAL A 87 -6.77 5.73 0.31
N ARG A 88 -7.83 4.93 0.24
CA ARG A 88 -8.45 4.37 1.43
C ARG A 88 -8.55 2.84 1.32
N PRO A 89 -8.38 2.16 2.46
CA PRO A 89 -8.45 0.70 2.53
C PRO A 89 -9.87 0.18 2.31
N SER A 90 -10.04 -0.68 1.30
CA SER A 90 -11.34 -1.25 1.00
C SER A 90 -11.73 -2.32 2.01
N HIS A 91 -12.36 -1.88 3.10
CA HIS A 91 -12.79 -2.80 4.15
C HIS A 91 -14.19 -3.33 3.88
N LYS A 92 -14.45 -3.67 2.62
CA LYS A 92 -15.76 -4.19 2.22
C LYS A 92 -16.06 -5.51 2.93
N ARG A 93 -17.23 -5.59 3.56
CA ARG A 93 -17.64 -6.79 4.28
C ARG A 93 -17.84 -7.95 3.31
N CYS A 94 -17.26 -9.10 3.66
CA CYS A 94 -17.38 -10.29 2.81
C CYS A 94 -18.82 -10.80 2.78
N ILE A 95 -19.07 -11.80 1.95
CA ILE A 95 -20.41 -12.37 1.83
C ILE A 95 -20.39 -13.66 1.01
N SER A 96 -21.43 -14.46 1.15
CA SER A 96 -21.53 -15.72 0.42
C SER A 96 -22.85 -15.82 -0.34
N GLY A 97 -22.80 -16.37 -1.54
CA GLY A 97 -23.99 -16.51 -2.35
C GLY A 97 -23.68 -16.76 -3.82
N PRO A 98 -23.35 -18.01 -4.15
CA PRO A 98 -23.03 -18.41 -5.52
C PRO A 98 -24.24 -18.38 -6.44
N SER A 99 -25.36 -18.88 -5.94
CA SER A 99 -26.60 -18.92 -6.72
C SER A 99 -26.77 -17.63 -7.53
N SER A 100 -26.79 -17.76 -8.85
CA SER A 100 -26.95 -16.62 -9.73
C SER A 100 -28.32 -15.97 -9.55
N GLY A 101 -28.48 -14.77 -10.10
CA GLY A 101 -29.74 -14.06 -9.98
C GLY A 101 -30.16 -13.86 -8.54
#